data_7KFE
#
_entry.id   7KFE
#
loop_
_entity.id
_entity.type
_entity.pdbx_description
1 polymer 'Antibody BDBV-329 heavy chain'
2 polymer 'Antibody BDBV-329 light chain'
3 polymer 'Spike glycoprotein 1'
4 polymer 'Envelope glycoprotein 2'
5 branched alpha-D-mannopyranose-(1-3)-[alpha-D-mannopyranose-(1-6)]beta-D-mannopyranose-(1-4)-2-acetamido-2-deoxy-beta-D-glucopyranose-(1-4)-2-acetamido-2-deoxy-beta-D-glucopyranose
6 branched 2-acetamido-2-deoxy-beta-D-glucopyranose-(1-4)-2-acetamido-2-deoxy-beta-D-glucopyranose
7 non-polymer 2-acetamido-2-deoxy-beta-D-glucopyranose
#
loop_
_entity_poly.entity_id
_entity_poly.type
_entity_poly.pdbx_seq_one_letter_code
_entity_poly.pdbx_strand_id
1 'polypeptide(L)'
;QVQLVQSGAEVKKPGSSVKVSCKASGGTFDTYAISWVRQAPGQGLEWMGGIIPVLGIVDYAQKFQGRVTITAAKFTNIAY
MELSSLRSEDAAVYYCARGLRSLSPRGQEGPTPAPGWRRAQYHYYYMDVWGTGTLVTVSSASTKGPSVFPLAPSSKSTSG
GTAALGCLVKDYFPEPVTVSWNSGALTSGVHTFPAVLQSSGLYSLSSVVTVPSSSLGTQTYICNVNHKPSNTKVDKRVEP
KSCD
;
H,G
2 'polypeptide(L)'
;EIVMTQSPGTLSLSPGERATLSCRASQSVSSNYLAWYQQKPGQAPRLLIYGASSRATGIPDRFSGSGSGPDFTLTISRLE
PEDFAVYYCQQYGSSPGTFGGGTKVEIKRTVAAPSVFIFPPSDEQLKSGTASVVCLLNNFYPREAKVQWKVDNALQSGNS
QESVTEQDSKDSTYSLSSTLTLSKADYEKHKVYACEVTHQGLRSPVTKSFNRGEC
;
J,I
3 'polypeptide(L)'
;MVTSGILQLPRERFRKTSFFVWVIILFHKVFPIPLGVVHNNTLQVSDIDKLVCRDKLSSTSQLKSVGLNLEGNGVATDVP
TATKRWGFRAGVPPKVVNYEAGEWAENCYNLDIKKADGSECLPEAPEGVRGFPRCRYVHKVSGTGPCPEGYAFHKEGAFF
LYDRLASTIIYRSTTFSEGVVAFLILPETKKDFFQSPPLHEPANMTTDPSSYYHTVTLNYVADNFGTNMTNFLFQVDHLT
YVQLEPRFTPQFLVQLNETIYTNGRRSNTTGTLIWKVNPTVDTGVGEWAFWENKKNFTKTLSSEELSVIFVPIDISESTE
PGPLTNTTRGAANLLTGSRRTRR
;
A,B,C
4 'polypeptide(L)'
;EITLRTQAKCNPNLHYWTTQDEGAAIGLAWIPYFGPAAEGIYTEGIMHNQNGLICGLRQLANETTQALQLFLRATTELRT
FSILNRKAIDFLLQRWGGTCHILGPDCCIEPHDWTKNITDKIDQIIHDFIDKPLPDQTDVEVDDDDKAGWSHPQFEKGGG
SGGGSGGGSWSHPQFEK
;
D,E,F
#
# COMPACT_ATOMS: atom_id res chain seq x y z
N GLN A 1 31.29 -7.04 -22.77
CA GLN A 1 32.63 -6.63 -22.42
C GLN A 1 32.60 -5.25 -21.75
N VAL A 2 33.19 -5.15 -20.55
CA VAL A 2 33.33 -3.94 -19.76
C VAL A 2 34.73 -3.40 -19.88
N GLN A 3 34.86 -2.10 -20.12
CA GLN A 3 36.19 -1.52 -20.17
C GLN A 3 36.25 -0.30 -19.31
N LEU A 4 36.98 -0.40 -18.22
CA LEU A 4 37.02 0.67 -17.24
C LEU A 4 37.68 1.91 -17.79
N VAL A 5 37.09 3.06 -17.48
CA VAL A 5 37.65 4.31 -17.94
C VAL A 5 38.01 5.26 -16.84
N GLN A 6 39.27 5.62 -16.83
CA GLN A 6 39.77 6.53 -15.85
C GLN A 6 39.72 7.91 -16.46
N SER A 7 39.64 8.91 -15.60
CA SER A 7 39.72 10.29 -16.00
C SER A 7 41.09 10.60 -16.59
N GLY A 8 41.22 11.75 -17.26
CA GLY A 8 42.49 12.09 -17.91
C GLY A 8 43.47 12.76 -16.96
N ALA A 9 44.60 13.20 -17.51
CA ALA A 9 45.67 13.83 -16.74
C ALA A 9 45.26 15.20 -16.19
N GLU A 10 45.85 15.53 -15.04
CA GLU A 10 45.62 16.80 -14.37
C GLU A 10 46.85 17.29 -13.62
N VAL A 11 46.93 18.60 -13.37
CA VAL A 11 48.05 19.14 -12.61
C VAL A 11 47.54 19.72 -11.31
N LYS A 12 48.13 19.24 -10.23
CA LYS A 12 47.74 19.60 -8.88
C LYS A 12 48.89 20.15 -8.05
N LYS A 13 48.53 20.95 -7.06
CA LYS A 13 49.51 21.55 -6.17
C LYS A 13 49.68 20.69 -4.92
N PRO A 14 50.84 20.71 -4.28
CA PRO A 14 51.09 19.96 -3.09
C PRO A 14 50.18 20.50 -1.99
N GLY A 15 49.69 19.59 -1.17
CA GLY A 15 48.81 19.90 -0.07
C GLY A 15 47.35 19.74 -0.45
N SER A 16 47.07 19.60 -1.75
CA SER A 16 45.71 19.44 -2.24
C SER A 16 45.17 18.04 -2.02
N SER A 17 43.88 17.88 -2.29
CA SER A 17 43.23 16.58 -2.18
C SER A 17 42.60 16.26 -3.52
N VAL A 18 43.09 15.20 -4.15
CA VAL A 18 42.66 14.85 -5.48
C VAL A 18 41.71 13.68 -5.49
N LYS A 19 40.48 13.89 -5.95
CA LYS A 19 39.57 12.79 -5.98
C LYS A 19 39.56 12.21 -7.38
N VAL A 20 40.17 11.05 -7.48
CA VAL A 20 40.42 10.36 -8.72
C VAL A 20 39.25 9.49 -9.07
N SER A 21 38.63 9.73 -10.22
CA SER A 21 37.46 8.94 -10.57
C SER A 21 37.67 8.00 -11.78
N CYS A 22 36.98 6.82 -11.71
CA CYS A 22 36.92 5.77 -12.72
C CYS A 22 35.49 5.31 -12.93
N LYS A 23 35.10 5.20 -14.19
CA LYS A 23 33.80 4.74 -14.60
C LYS A 23 33.83 3.25 -15.00
N ALA A 24 32.84 2.50 -14.55
CA ALA A 24 32.76 1.07 -14.85
C ALA A 24 32.67 0.81 -16.35
N SER A 25 31.95 1.68 -17.06
CA SER A 25 31.87 1.65 -18.51
C SER A 25 31.54 0.35 -19.25
N GLY A 26 30.43 -0.31 -18.89
CA GLY A 26 30.05 -1.54 -19.61
C GLY A 26 29.78 -2.56 -18.57
N GLY A 27 29.59 -2.01 -17.40
CA GLY A 27 29.32 -2.69 -16.18
C GLY A 27 29.12 -1.60 -15.18
N THR A 28 29.03 -2.01 -13.94
CA THR A 28 28.84 -1.23 -12.72
C THR A 28 29.89 -1.70 -11.71
N PHE A 29 30.01 -1.03 -10.57
CA PHE A 29 30.98 -1.49 -9.58
C PHE A 29 30.35 -2.17 -8.36
N ASP A 30 29.04 -2.20 -8.32
CA ASP A 30 28.19 -2.61 -7.21
C ASP A 30 28.83 -3.34 -6.01
N THR A 31 29.20 -4.60 -6.17
CA THR A 31 29.69 -5.40 -5.05
C THR A 31 31.08 -5.95 -5.34
N TYR A 32 31.73 -5.33 -6.32
CA TYR A 32 32.97 -5.81 -6.87
C TYR A 32 34.16 -5.11 -6.25
N ALA A 33 35.29 -5.80 -6.11
CA ALA A 33 36.47 -5.14 -5.55
C ALA A 33 37.26 -4.44 -6.63
N ILE A 34 37.27 -3.12 -6.55
CA ILE A 34 38.00 -2.34 -7.54
C ILE A 34 39.26 -1.85 -6.91
N SER A 35 40.36 -2.41 -7.36
CA SER A 35 41.68 -2.16 -6.82
C SER A 35 42.29 -1.01 -7.56
N TRP A 36 43.22 -0.34 -6.92
CA TRP A 36 43.87 0.76 -7.58
C TRP A 36 45.35 0.74 -7.44
N VAL A 37 46.05 1.30 -8.41
CA VAL A 37 47.48 1.43 -8.28
C VAL A 37 47.96 2.83 -8.61
N ARG A 38 49.16 3.13 -8.14
CA ARG A 38 49.86 4.37 -8.44
C ARG A 38 51.18 4.12 -9.16
N GLN A 39 51.23 4.34 -10.48
CA GLN A 39 52.47 4.08 -11.21
C GLN A 39 53.33 5.33 -11.30
N ALA A 40 54.02 5.61 -10.21
CA ALA A 40 54.90 6.77 -10.14
C ALA A 40 56.02 6.55 -11.14
N PRO A 41 56.57 7.58 -11.79
CA PRO A 41 57.64 7.42 -12.75
C PRO A 41 58.80 6.68 -12.13
N GLY A 42 59.32 5.69 -12.87
CA GLY A 42 60.47 4.90 -12.45
C GLY A 42 60.09 3.75 -11.52
N GLN A 43 58.81 3.65 -11.19
CA GLN A 43 58.32 2.66 -10.27
C GLN A 43 57.46 1.59 -10.91
N GLY A 44 57.04 0.63 -10.11
CA GLY A 44 56.13 -0.41 -10.52
C GLY A 44 54.76 0.04 -10.10
N LEU A 45 53.88 -0.88 -9.77
CA LEU A 45 52.53 -0.48 -9.43
C LEU A 45 52.37 -0.45 -7.92
N GLU A 46 52.19 0.73 -7.33
CA GLU A 46 52.03 0.77 -5.88
C GLU A 46 50.56 0.49 -5.58
N TRP A 47 50.28 -0.51 -4.77
CA TRP A 47 48.88 -0.89 -4.51
C TRP A 47 48.11 -0.03 -3.50
N MET A 48 46.85 0.27 -3.83
CA MET A 48 45.89 0.96 -2.98
C MET A 48 44.63 0.11 -2.76
N GLY A 49 43.96 0.36 -1.63
CA GLY A 49 42.82 -0.43 -1.18
C GLY A 49 41.65 -0.55 -2.15
N GLY A 50 41.03 -1.74 -2.14
CA GLY A 50 39.90 -2.02 -3.01
C GLY A 50 38.63 -1.34 -2.53
N ILE A 51 37.84 -0.88 -3.48
CA ILE A 51 36.58 -0.21 -3.22
C ILE A 51 35.39 -1.08 -3.54
N ILE A 52 34.47 -1.17 -2.60
CA ILE A 52 33.20 -1.82 -2.83
C ILE A 52 32.22 -0.67 -2.68
N PRO A 53 31.39 -0.32 -3.66
CA PRO A 53 30.31 0.65 -3.53
C PRO A 53 29.31 0.20 -2.48
N VAL A 54 28.75 -0.99 -2.67
CA VAL A 54 27.82 -1.53 -1.72
C VAL A 54 28.66 -2.30 -0.75
N LEU A 55 29.26 -1.55 0.12
CA LEU A 55 30.25 -2.08 1.03
C LEU A 55 29.75 -2.57 2.34
N GLY A 56 30.55 -3.46 2.88
CA GLY A 56 30.55 -3.95 4.22
C GLY A 56 31.74 -3.17 4.67
N ILE A 57 32.91 -3.64 4.25
CA ILE A 57 34.12 -2.88 4.47
C ILE A 57 34.84 -2.73 3.14
N VAL A 58 35.82 -1.83 3.09
CA VAL A 58 36.69 -1.64 1.94
C VAL A 58 38.12 -1.79 2.44
N ASP A 59 39.11 -1.99 1.56
CA ASP A 59 40.44 -2.13 2.13
C ASP A 59 41.21 -0.85 2.09
N TYR A 60 42.42 -0.87 2.62
CA TYR A 60 43.35 0.24 2.60
C TYR A 60 44.78 -0.25 2.42
N ALA A 61 45.65 0.57 1.86
CA ALA A 61 47.06 0.21 1.76
C ALA A 61 47.82 0.89 2.91
N GLN A 62 48.86 0.25 3.43
CA GLN A 62 49.57 0.81 4.60
C GLN A 62 50.24 2.15 4.33
N LYS A 63 50.77 2.28 3.13
CA LYS A 63 51.50 3.48 2.73
C LYS A 63 50.59 4.67 2.53
N PHE A 64 49.29 4.42 2.51
CA PHE A 64 48.31 5.43 2.28
C PHE A 64 47.41 5.61 3.51
N GLN A 65 47.84 5.15 4.68
CA GLN A 65 46.98 5.35 5.82
C GLN A 65 46.97 6.82 6.12
N GLY A 66 45.78 7.38 6.27
CA GLY A 66 45.65 8.80 6.57
C GLY A 66 45.79 9.64 5.29
N ARG A 67 45.97 8.98 4.16
CA ARG A 67 46.16 9.67 2.90
C ARG A 67 45.06 9.35 1.90
N VAL A 68 44.61 8.10 1.84
CA VAL A 68 43.64 7.81 0.79
C VAL A 68 42.31 7.24 1.25
N THR A 69 41.24 7.92 0.83
CA THR A 69 39.87 7.46 1.08
C THR A 69 39.52 6.48 -0.02
N ILE A 70 39.00 5.34 0.37
CA ILE A 70 38.58 4.31 -0.56
C ILE A 70 37.04 4.32 -0.60
N THR A 71 36.42 4.81 -1.69
CA THR A 71 34.96 4.97 -1.64
C THR A 71 34.18 5.00 -2.95
N ALA A 72 32.92 4.57 -2.90
CA ALA A 72 31.98 4.68 -4.02
C ALA A 72 30.55 4.64 -3.47
N ALA A 73 29.59 5.27 -4.17
CA ALA A 73 28.18 5.24 -3.79
C ALA A 73 27.52 3.89 -4.01
N LYS A 74 26.56 3.53 -3.18
CA LYS A 74 25.92 2.24 -3.37
C LYS A 74 25.31 2.11 -4.75
N PHE A 75 25.56 0.97 -5.37
CA PHE A 75 25.06 0.57 -6.69
C PHE A 75 25.46 1.50 -7.84
N THR A 76 26.58 2.20 -7.69
CA THR A 76 27.06 3.09 -8.72
C THR A 76 27.99 2.46 -9.72
N ASN A 77 28.36 3.26 -10.69
CA ASN A 77 29.31 2.89 -11.70
C ASN A 77 30.51 3.82 -11.68
N ILE A 78 30.63 4.67 -10.65
CA ILE A 78 31.82 5.53 -10.53
C ILE A 78 32.52 5.20 -9.21
N ALA A 79 33.83 4.97 -9.25
CA ALA A 79 34.59 4.67 -8.03
C ALA A 79 35.65 5.74 -7.81
N TYR A 80 35.93 6.06 -6.53
CA TYR A 80 36.89 7.10 -6.27
C TYR A 80 37.99 6.86 -5.25
N MET A 81 39.15 7.48 -5.54
CA MET A 81 40.26 7.53 -4.58
C MET A 81 40.49 8.96 -4.15
N GLU A 82 40.40 9.25 -2.86
CA GLU A 82 40.63 10.65 -2.45
C GLU A 82 42.03 10.77 -1.92
N LEU A 83 42.93 11.37 -2.69
CA LEU A 83 44.35 11.42 -2.33
C LEU A 83 44.66 12.73 -1.60
N SER A 84 44.64 12.72 -0.28
CA SER A 84 44.81 13.94 0.51
C SER A 84 46.28 14.23 0.70
N SER A 85 46.60 15.46 1.14
CA SER A 85 47.97 15.84 1.47
C SER A 85 48.92 15.48 0.35
N LEU A 86 48.57 15.86 -0.86
CA LEU A 86 49.31 15.49 -2.04
C LEU A 86 50.75 16.00 -2.00
N ARG A 87 51.69 15.15 -2.39
CA ARG A 87 53.12 15.45 -2.40
C ARG A 87 53.73 15.06 -3.75
N SER A 88 54.93 15.51 -4.07
CA SER A 88 55.52 15.19 -5.38
C SER A 88 55.68 13.68 -5.64
N GLU A 89 55.71 12.90 -4.57
CA GLU A 89 55.83 11.44 -4.60
C GLU A 89 54.59 10.80 -5.21
N ASP A 90 53.51 11.59 -5.29
CA ASP A 90 52.23 11.17 -5.80
C ASP A 90 52.08 11.53 -7.27
N ALA A 91 53.15 12.02 -7.89
CA ALA A 91 53.03 12.29 -9.29
C ALA A 91 53.14 10.93 -9.93
N ALA A 92 52.05 10.50 -10.53
CA ALA A 92 51.94 9.13 -10.99
C ALA A 92 50.80 8.90 -11.92
N VAL A 93 50.84 7.78 -12.64
CA VAL A 93 49.66 7.47 -13.41
C VAL A 93 48.83 6.50 -12.61
N TYR A 94 47.61 6.89 -12.30
CA TYR A 94 46.78 6.05 -11.47
C TYR A 94 45.87 5.23 -12.34
N TYR A 95 45.65 3.99 -11.92
CA TYR A 95 44.76 3.09 -12.65
C TYR A 95 43.78 2.40 -11.70
N CYS A 96 42.58 2.09 -12.20
CA CYS A 96 41.52 1.30 -11.56
C CYS A 96 41.48 -0.10 -12.19
N ALA A 97 41.16 -1.13 -11.39
CA ALA A 97 41.02 -2.47 -11.97
C ALA A 97 40.08 -3.39 -11.21
N ARG A 98 39.47 -4.30 -11.97
CA ARG A 98 38.58 -5.30 -11.42
C ARG A 98 39.31 -6.58 -11.13
N GLY A 99 39.22 -7.02 -9.87
CA GLY A 99 39.86 -8.25 -9.41
C GLY A 99 39.10 -8.70 -8.17
N LEU A 100 38.43 -9.84 -8.31
CA LEU A 100 37.45 -10.36 -7.36
C LEU A 100 36.16 -9.57 -7.53
N ARG A 101 35.38 -9.91 -8.56
CA ARG A 101 34.15 -9.17 -8.81
C ARG A 101 33.00 -9.78 -8.03
N SER A 102 33.19 -9.86 -6.73
CA SER A 102 32.26 -10.33 -5.73
C SER A 102 32.98 -10.40 -4.41
N LEU A 103 32.94 -9.35 -3.58
CA LEU A 103 33.62 -9.52 -2.31
C LEU A 103 32.87 -10.58 -1.51
N SER A 104 33.60 -11.58 -1.04
CA SER A 104 33.04 -12.71 -0.33
C SER A 104 34.20 -13.26 0.50
N PRO A 105 34.06 -14.34 1.32
CA PRO A 105 35.08 -14.92 2.20
C PRO A 105 36.42 -15.22 1.56
N ARG A 106 36.47 -15.53 0.26
CA ARG A 106 37.77 -15.79 -0.36
C ARG A 106 38.59 -14.48 -0.40
N GLY A 107 37.85 -13.40 -0.26
CA GLY A 107 38.24 -12.03 -0.25
C GLY A 107 38.34 -11.52 1.18
N GLN A 108 38.40 -12.40 2.17
CA GLN A 108 38.52 -11.96 3.55
C GLN A 108 39.73 -12.63 4.21
N GLU A 109 40.90 -12.00 4.07
CA GLU A 109 42.17 -12.55 4.57
C GLU A 109 42.89 -11.52 5.44
N GLY A 110 43.74 -11.98 6.34
CA GLY A 110 44.48 -11.04 7.16
C GLY A 110 45.28 -11.75 8.24
N PRO A 111 45.86 -10.99 9.19
CA PRO A 111 46.67 -11.46 10.29
C PRO A 111 45.83 -12.38 11.14
N THR A 112 46.47 -13.32 11.81
CA THR A 112 45.79 -14.27 12.65
C THR A 112 45.32 -13.63 13.96
N PRO A 113 44.37 -14.25 14.68
CA PRO A 113 43.88 -13.86 15.98
C PRO A 113 44.93 -13.83 17.06
N ALA A 114 44.74 -12.91 17.97
CA ALA A 114 45.50 -12.70 19.18
C ALA A 114 44.43 -12.48 20.22
N PRO A 115 43.97 -13.50 20.96
CA PRO A 115 42.81 -13.40 21.82
C PRO A 115 42.93 -12.17 22.68
N GLY A 116 41.84 -11.42 22.71
CA GLY A 116 41.71 -10.14 23.39
C GLY A 116 41.82 -8.99 22.36
N TRP A 117 42.32 -9.31 21.16
CA TRP A 117 42.50 -8.38 20.06
C TRP A 117 41.88 -8.95 18.80
N ARG A 118 41.46 -8.07 17.90
CA ARG A 118 40.82 -8.53 16.67
C ARG A 118 41.45 -7.97 15.42
N ARG A 119 41.32 -8.72 14.31
CA ARG A 119 41.89 -8.27 13.04
C ARG A 119 40.80 -8.17 11.97
N ALA A 120 40.90 -7.16 11.11
CA ALA A 120 39.98 -7.06 9.97
C ALA A 120 40.56 -7.86 8.85
N GLN A 121 39.71 -8.44 8.02
CA GLN A 121 40.20 -9.21 6.90
C GLN A 121 39.56 -8.79 5.57
N TYR A 122 40.41 -8.69 4.52
CA TYR A 122 40.00 -8.28 3.16
C TYR A 122 41.02 -8.80 2.16
N HIS A 123 40.58 -9.25 1.00
CA HIS A 123 41.46 -9.70 -0.05
C HIS A 123 40.83 -9.55 -1.41
N TYR A 124 41.66 -9.34 -2.39
CA TYR A 124 41.25 -9.16 -3.75
C TYR A 124 41.96 -10.16 -4.64
N TYR A 125 41.37 -10.43 -5.77
CA TYR A 125 41.90 -11.39 -6.72
C TYR A 125 42.40 -10.81 -7.98
N TYR A 126 42.85 -11.70 -8.84
CA TYR A 126 43.50 -11.37 -10.06
C TYR A 126 42.77 -10.31 -10.80
N MET A 127 43.51 -9.27 -11.16
CA MET A 127 42.89 -8.19 -11.87
C MET A 127 42.89 -8.41 -13.35
N ASP A 128 41.68 -8.68 -13.84
CA ASP A 128 41.46 -9.01 -15.24
C ASP A 128 41.15 -7.79 -16.06
N VAL A 129 40.49 -6.82 -15.45
CA VAL A 129 40.13 -5.66 -16.23
C VAL A 129 40.80 -4.45 -15.69
N TRP A 130 41.62 -3.83 -16.50
CA TRP A 130 42.31 -2.64 -16.09
C TRP A 130 41.80 -1.52 -16.92
N GLY A 131 41.62 -0.38 -16.31
CA GLY A 131 41.17 0.77 -17.03
C GLY A 131 42.30 1.59 -17.53
N THR A 132 41.93 2.71 -18.10
CA THR A 132 42.89 3.65 -18.63
C THR A 132 43.51 4.33 -17.42
N GLY A 133 44.58 5.10 -17.59
CA GLY A 133 45.11 5.75 -16.40
C GLY A 133 45.05 7.26 -16.45
N THR A 134 45.28 7.87 -15.29
CA THR A 134 45.31 9.33 -15.14
C THR A 134 46.63 9.83 -14.63
N LEU A 135 47.27 10.71 -15.36
CA LEU A 135 48.50 11.22 -14.81
C LEU A 135 48.23 12.40 -13.95
N VAL A 136 48.60 12.27 -12.70
CA VAL A 136 48.44 13.36 -11.80
C VAL A 136 49.83 13.91 -11.66
N THR A 137 49.98 15.15 -12.05
CA THR A 137 51.25 15.84 -11.98
C THR A 137 51.21 16.60 -10.71
N VAL A 138 52.24 16.48 -9.89
CA VAL A 138 52.19 17.19 -8.64
C VAL A 138 53.35 18.15 -8.57
N SER A 139 53.01 19.40 -8.34
CA SER A 139 53.98 20.48 -8.27
C SER A 139 54.79 20.41 -6.97
N SER A 140 55.97 21.05 -6.97
CA SER A 140 56.89 21.20 -5.83
C SER A 140 57.95 22.23 -6.25
N GLU B 1 53.66 -4.37 4.51
CA GLU B 1 53.48 -4.79 3.12
C GLU B 1 54.47 -5.94 2.82
N ILE B 2 54.44 -6.47 1.57
CA ILE B 2 55.26 -7.60 1.11
C ILE B 2 56.24 -7.16 0.02
N VAL B 3 57.49 -7.54 0.19
CA VAL B 3 58.55 -7.24 -0.77
C VAL B 3 58.62 -8.25 -1.91
N MET B 4 58.72 -7.73 -3.13
CA MET B 4 58.88 -8.53 -4.33
C MET B 4 59.88 -7.86 -5.27
N THR B 5 60.73 -8.66 -5.90
CA THR B 5 61.70 -8.16 -6.85
C THR B 5 61.55 -8.90 -8.16
N GLN B 6 62.16 -8.37 -9.22
CA GLN B 6 62.11 -9.02 -10.52
C GLN B 6 63.48 -9.02 -11.17
N SER B 7 63.72 -9.97 -12.07
CA SER B 7 65.01 -10.05 -12.75
C SER B 7 64.89 -10.67 -14.16
N PRO B 8 65.90 -10.47 -15.03
CA PRO B 8 67.15 -9.68 -14.94
C PRO B 8 66.90 -8.18 -14.82
N GLY B 9 65.71 -7.79 -15.20
CA GLY B 9 65.21 -6.43 -15.19
C GLY B 9 65.24 -5.80 -16.57
N THR B 10 66.09 -6.33 -17.45
CA THR B 10 66.18 -5.90 -18.86
C THR B 10 66.46 -7.09 -19.77
N LEU B 11 65.72 -7.22 -20.86
CA LEU B 11 65.98 -8.26 -21.85
C LEU B 11 66.00 -7.69 -23.26
N SER B 12 67.19 -7.61 -23.86
CA SER B 12 67.29 -7.09 -25.22
C SER B 12 67.16 -8.28 -26.15
N LEU B 13 66.01 -8.39 -26.79
CA LEU B 13 65.64 -9.56 -27.58
C LEU B 13 65.30 -9.25 -29.02
N SER B 14 65.48 -10.26 -29.87
CA SER B 14 65.08 -10.10 -31.25
C SER B 14 63.62 -10.57 -31.35
N PRO B 15 62.77 -9.98 -32.18
CA PRO B 15 61.44 -10.48 -32.40
C PRO B 15 61.57 -11.91 -32.88
N GLY B 16 60.71 -12.77 -32.35
CA GLY B 16 60.67 -14.19 -32.66
C GLY B 16 61.48 -15.02 -31.65
N GLU B 17 62.28 -14.35 -30.83
CA GLU B 17 63.13 -14.99 -29.84
C GLU B 17 62.34 -15.50 -28.64
N ARG B 18 62.77 -16.64 -28.10
CA ARG B 18 62.18 -17.19 -26.88
C ARG B 18 62.98 -16.69 -25.69
N ALA B 19 62.28 -16.23 -24.65
CA ALA B 19 62.98 -15.76 -23.46
C ALA B 19 62.23 -16.03 -22.18
N THR B 20 62.98 -16.10 -21.07
CA THR B 20 62.36 -16.33 -19.77
C THR B 20 62.56 -15.17 -18.81
N LEU B 21 61.46 -14.76 -18.20
CA LEU B 21 61.42 -13.70 -17.21
C LEU B 21 61.32 -14.32 -15.81
N SER B 22 61.92 -13.69 -14.79
CA SER B 22 61.81 -14.21 -13.43
C SER B 22 61.28 -13.19 -12.41
N CYS B 23 60.51 -13.67 -11.38
CA CYS B 23 60.01 -12.91 -10.24
C CYS B 23 60.30 -13.64 -8.94
N ARG B 24 60.64 -12.87 -7.92
CA ARG B 24 60.93 -13.44 -6.62
C ARG B 24 60.23 -12.72 -5.48
N ALA B 25 59.50 -13.48 -4.69
CA ALA B 25 58.82 -12.92 -3.54
C ALA B 25 59.69 -13.11 -2.31
N SER B 26 59.56 -12.23 -1.32
CA SER B 26 60.28 -12.39 -0.06
C SER B 26 59.70 -13.53 0.77
N GLN B 27 58.51 -13.96 0.39
CA GLN B 27 57.78 -15.01 1.06
C GLN B 27 57.12 -15.94 0.06
N SER B 28 56.90 -17.17 0.48
CA SER B 28 56.21 -18.13 -0.36
C SER B 28 54.81 -17.64 -0.61
N VAL B 29 54.31 -17.92 -1.81
CA VAL B 29 53.00 -17.50 -2.23
C VAL B 29 52.00 -18.63 -2.03
N SER B 30 50.96 -18.41 -1.22
CA SER B 30 50.02 -19.48 -0.98
C SER B 30 49.35 -19.83 -2.27
N SER B 31 49.17 -21.14 -2.46
CA SER B 31 48.52 -21.76 -3.61
C SER B 31 49.16 -21.35 -4.92
N ASN B 32 50.40 -20.89 -4.85
CA ASN B 32 51.18 -20.46 -5.99
C ASN B 32 50.42 -19.39 -6.76
N TYR B 33 49.70 -18.53 -6.05
CA TYR B 33 48.96 -17.48 -6.69
C TYR B 33 49.75 -16.27 -7.08
N LEU B 34 50.63 -16.47 -8.03
CA LEU B 34 51.37 -15.34 -8.54
C LEU B 34 50.79 -15.01 -9.89
N ALA B 35 50.63 -13.73 -10.16
CA ALA B 35 50.20 -13.25 -11.43
C ALA B 35 51.32 -12.66 -12.23
N TRP B 36 51.21 -12.78 -13.54
CA TRP B 36 52.07 -12.06 -14.46
C TRP B 36 51.17 -11.20 -15.31
N TYR B 37 51.61 -10.01 -15.61
CA TYR B 37 50.87 -9.13 -16.48
C TYR B 37 51.84 -8.25 -17.25
N GLN B 38 51.40 -7.66 -18.36
CA GLN B 38 52.33 -6.81 -19.09
C GLN B 38 51.70 -5.55 -19.61
N GLN B 39 52.52 -4.52 -19.74
CA GLN B 39 52.09 -3.27 -20.37
C GLN B 39 53.19 -2.64 -21.19
N LYS B 40 52.84 -1.99 -22.28
CA LYS B 40 53.83 -1.18 -22.94
C LYS B 40 53.56 0.22 -22.41
N PRO B 41 54.48 1.16 -22.46
CA PRO B 41 54.24 2.51 -22.01
C PRO B 41 53.02 3.05 -22.73
N GLY B 42 52.14 3.70 -21.97
CA GLY B 42 50.92 4.27 -22.52
C GLY B 42 49.73 3.31 -22.46
N GLN B 43 49.98 2.05 -22.10
CA GLN B 43 48.92 1.06 -22.04
C GLN B 43 48.54 0.67 -20.62
N ALA B 44 47.29 0.27 -20.43
CA ALA B 44 46.90 -0.32 -19.17
C ALA B 44 47.49 -1.72 -19.19
N PRO B 45 47.87 -2.31 -18.07
CA PRO B 45 48.38 -3.66 -17.98
C PRO B 45 47.32 -4.72 -18.23
N ARG B 46 47.76 -5.85 -18.76
CA ARG B 46 46.87 -6.99 -18.98
C ARG B 46 47.39 -8.26 -18.36
N LEU B 47 46.52 -8.93 -17.62
CA LEU B 47 46.86 -10.18 -16.96
C LEU B 47 47.15 -11.26 -17.97
N LEU B 48 48.28 -11.90 -17.82
CA LEU B 48 48.73 -12.95 -18.69
C LEU B 48 48.57 -14.30 -18.05
N ILE B 49 49.05 -14.37 -16.81
CA ILE B 49 49.13 -15.60 -16.05
C ILE B 49 48.57 -15.40 -14.68
N TYR B 50 47.87 -16.39 -14.17
CA TYR B 50 47.39 -16.33 -12.80
C TYR B 50 47.66 -17.70 -12.20
N GLY B 51 47.81 -17.82 -10.90
CA GLY B 51 47.98 -19.16 -10.39
C GLY B 51 49.35 -19.75 -10.77
N ALA B 52 50.38 -18.90 -10.91
CA ALA B 52 51.76 -19.26 -11.29
C ALA B 52 51.91 -19.62 -12.75
N SER B 53 51.13 -20.59 -13.24
CA SER B 53 51.29 -21.01 -14.62
C SER B 53 50.09 -20.87 -15.54
N SER B 54 48.88 -20.84 -14.99
CA SER B 54 47.66 -20.84 -15.80
C SER B 54 47.50 -19.60 -16.66
N ARG B 55 47.05 -19.79 -17.89
CA ARG B 55 46.85 -18.65 -18.76
C ARG B 55 45.55 -17.94 -18.46
N ALA B 56 45.62 -16.63 -18.46
CA ALA B 56 44.49 -15.74 -18.25
C ALA B 56 43.62 -15.69 -19.50
N THR B 57 42.39 -15.24 -19.36
CA THR B 57 41.47 -15.22 -20.47
C THR B 57 41.95 -14.40 -21.66
N GLY B 58 41.89 -15.02 -22.83
CA GLY B 58 42.25 -14.40 -24.09
C GLY B 58 43.76 -14.37 -24.34
N ILE B 59 44.52 -15.09 -23.54
CA ILE B 59 45.97 -15.13 -23.66
C ILE B 59 46.47 -16.28 -24.54
N PRO B 60 47.32 -15.99 -25.54
CA PRO B 60 47.87 -16.93 -26.49
C PRO B 60 48.85 -17.88 -25.81
N ASP B 61 49.10 -19.00 -26.48
CA ASP B 61 49.94 -20.10 -26.01
C ASP B 61 51.40 -19.74 -25.81
N ARG B 62 51.81 -18.63 -26.41
CA ARG B 62 53.16 -18.15 -26.32
C ARG B 62 53.51 -17.83 -24.88
N PHE B 63 52.50 -17.58 -24.03
CA PHE B 63 52.77 -17.25 -22.64
C PHE B 63 52.51 -18.44 -21.74
N SER B 64 53.53 -18.90 -21.05
CA SER B 64 53.37 -20.05 -20.16
C SER B 64 54.14 -19.85 -18.86
N GLY B 65 53.49 -19.91 -17.71
CA GLY B 65 54.27 -19.65 -16.50
C GLY B 65 54.65 -20.93 -15.77
N SER B 66 55.39 -20.76 -14.68
CA SER B 66 55.81 -21.86 -13.82
C SER B 66 56.29 -21.35 -12.48
N GLY B 67 56.68 -22.28 -11.61
CA GLY B 67 57.21 -21.91 -10.31
C GLY B 67 56.45 -22.43 -9.12
N SER B 68 57.04 -22.21 -7.95
CA SER B 68 56.51 -22.64 -6.68
C SER B 68 57.12 -21.82 -5.54
N GLY B 69 56.54 -21.91 -4.34
CA GLY B 69 57.11 -21.20 -3.22
C GLY B 69 57.14 -19.72 -3.58
N PRO B 70 58.25 -19.00 -3.39
CA PRO B 70 58.46 -17.60 -3.76
C PRO B 70 59.04 -17.42 -5.18
N ASP B 71 59.36 -18.53 -5.86
CA ASP B 71 60.15 -18.50 -7.10
C ASP B 71 59.39 -18.81 -8.37
N PHE B 72 59.13 -17.77 -9.19
CA PHE B 72 58.32 -17.99 -10.38
C PHE B 72 58.89 -17.43 -11.66
N THR B 73 58.49 -18.05 -12.77
CA THR B 73 58.92 -17.61 -14.09
C THR B 73 57.80 -17.54 -15.12
N LEU B 74 58.09 -16.80 -16.19
CA LEU B 74 57.25 -16.71 -17.38
C LEU B 74 58.06 -16.89 -18.63
N THR B 75 57.64 -17.84 -19.45
CA THR B 75 58.31 -18.10 -20.70
C THR B 75 57.49 -17.51 -21.81
N ILE B 76 58.15 -16.72 -22.66
CA ILE B 76 57.47 -16.14 -23.80
C ILE B 76 58.09 -16.65 -25.10
N SER B 77 57.30 -17.40 -25.87
CA SER B 77 57.77 -17.94 -27.13
C SER B 77 57.46 -16.99 -28.28
N ARG B 78 58.28 -17.01 -29.33
CA ARG B 78 57.98 -16.21 -30.50
C ARG B 78 57.65 -14.78 -30.14
N LEU B 79 58.50 -14.11 -29.38
CA LEU B 79 58.15 -12.78 -28.92
C LEU B 79 57.76 -11.85 -30.06
N GLU B 80 56.58 -11.22 -29.97
CA GLU B 80 56.13 -10.30 -31.03
C GLU B 80 56.41 -8.86 -30.63
N PRO B 81 56.44 -7.88 -31.54
CA PRO B 81 56.61 -6.46 -31.24
C PRO B 81 55.66 -5.98 -30.13
N GLU B 82 54.46 -6.55 -30.09
CA GLU B 82 53.44 -6.20 -29.09
C GLU B 82 53.80 -6.69 -27.68
N ASP B 83 54.74 -7.60 -27.59
CA ASP B 83 55.15 -8.20 -26.34
C ASP B 83 56.43 -7.58 -25.79
N PHE B 84 56.95 -6.54 -26.42
CA PHE B 84 58.14 -5.89 -25.85
C PHE B 84 57.65 -4.84 -24.87
N ALA B 85 57.10 -5.40 -23.81
CA ALA B 85 56.39 -4.79 -22.72
C ALA B 85 57.17 -4.89 -21.44
N VAL B 86 56.77 -4.12 -20.45
CA VAL B 86 57.38 -4.31 -19.16
C VAL B 86 56.48 -5.27 -18.44
N TYR B 87 57.07 -6.34 -17.97
CA TYR B 87 56.35 -7.38 -17.32
C TYR B 87 56.43 -7.22 -15.86
N TYR B 88 55.32 -7.40 -15.22
CA TYR B 88 55.26 -7.27 -13.79
C TYR B 88 54.60 -8.48 -13.17
N CYS B 89 54.97 -8.74 -11.90
CA CYS B 89 54.36 -9.78 -11.07
C CYS B 89 53.60 -9.21 -9.89
N GLN B 90 52.57 -9.95 -9.52
CA GLN B 90 51.80 -9.62 -8.34
C GLN B 90 51.39 -10.84 -7.51
N GLN B 91 51.53 -10.72 -6.20
CA GLN B 91 51.20 -11.80 -5.30
C GLN B 91 49.79 -11.69 -4.78
N TYR B 92 48.99 -12.72 -5.07
CA TYR B 92 47.60 -12.84 -4.63
C TYR B 92 47.46 -13.97 -3.63
N GLY B 93 48.59 -14.51 -3.25
CA GLY B 93 48.72 -15.64 -2.34
C GLY B 93 48.99 -15.20 -0.91
N SER B 94 48.76 -13.93 -0.63
CA SER B 94 48.98 -13.35 0.69
C SER B 94 48.20 -12.07 0.73
N SER B 95 48.25 -11.37 1.85
CA SER B 95 47.51 -10.12 1.91
C SER B 95 48.21 -9.06 2.77
N PRO B 96 48.18 -7.78 2.33
CA PRO B 96 47.70 -7.21 1.08
C PRO B 96 48.56 -7.79 -0.01
N GLY B 97 48.05 -7.90 -1.21
CA GLY B 97 48.89 -8.47 -2.25
C GLY B 97 49.95 -7.45 -2.59
N THR B 98 50.96 -7.87 -3.33
CA THR B 98 52.02 -6.92 -3.66
C THR B 98 52.53 -7.02 -5.05
N PHE B 99 53.21 -5.99 -5.49
CA PHE B 99 53.77 -5.93 -6.83
C PHE B 99 55.28 -5.86 -6.89
N GLY B 100 55.84 -6.42 -7.96
CA GLY B 100 57.28 -6.32 -8.19
C GLY B 100 57.60 -5.01 -8.91
N GLY B 101 58.88 -4.76 -9.17
CA GLY B 101 59.28 -3.51 -9.84
C GLY B 101 59.26 -3.52 -11.36
N GLY B 102 59.00 -4.69 -11.94
CA GLY B 102 58.97 -4.84 -13.39
C GLY B 102 60.27 -5.31 -14.05
N THR B 103 60.11 -6.02 -15.16
CA THR B 103 61.20 -6.49 -16.02
C THR B 103 60.94 -5.98 -17.44
N LYS B 104 61.88 -5.23 -17.98
CA LYS B 104 61.69 -4.64 -19.28
C LYS B 104 62.15 -5.46 -20.46
N VAL B 105 61.25 -5.70 -21.40
CA VAL B 105 61.62 -6.39 -22.60
C VAL B 105 61.73 -5.33 -23.70
N GLU B 106 62.86 -5.31 -24.41
CA GLU B 106 63.11 -4.29 -25.43
C GLU B 106 63.70 -4.89 -26.70
N ILE B 107 63.54 -4.18 -27.82
CA ILE B 107 64.05 -4.68 -29.09
C ILE B 107 65.55 -4.43 -29.28
N LYS B 108 66.29 -5.51 -29.62
CA LYS B 108 67.73 -5.58 -29.90
C LYS B 108 68.12 -4.85 -31.22
N GLN C 1 15.82 29.81 3.11
CA GLN C 1 15.63 31.18 2.66
C GLN C 1 15.19 31.19 1.19
N VAL C 2 14.06 31.88 0.92
CA VAL C 2 13.49 32.07 -0.41
C VAL C 2 13.87 33.44 -0.93
N GLN C 3 14.38 33.50 -2.15
CA GLN C 3 14.77 34.81 -2.68
C GLN C 3 13.89 35.19 -3.83
N LEU C 4 13.03 36.15 -3.64
CA LEU C 4 12.17 36.50 -4.75
C LEU C 4 12.99 37.24 -5.80
N VAL C 5 12.86 36.85 -7.07
CA VAL C 5 13.62 37.48 -8.14
C VAL C 5 12.79 37.98 -9.32
N GLN C 6 13.02 39.21 -9.70
CA GLN C 6 12.37 39.80 -10.87
C GLN C 6 13.18 39.49 -12.10
N SER C 7 12.52 39.55 -13.23
CA SER C 7 13.22 39.42 -14.50
C SER C 7 14.08 40.67 -14.69
N GLY C 8 14.93 40.70 -15.70
CA GLY C 8 15.81 41.86 -15.86
C GLY C 8 15.10 43.05 -16.49
N ALA C 9 15.86 44.09 -16.76
CA ALA C 9 15.32 45.31 -17.35
C ALA C 9 15.00 45.12 -18.82
N GLU C 10 14.03 45.89 -19.31
CA GLU C 10 13.64 45.87 -20.73
C GLU C 10 13.06 47.21 -21.17
N VAL C 11 13.10 47.50 -22.47
CA VAL C 11 12.52 48.73 -23.00
C VAL C 11 11.24 48.44 -23.79
N LYS C 12 10.17 49.10 -23.38
CA LYS C 12 8.86 48.91 -23.95
C LYS C 12 8.28 50.17 -24.59
N LYS C 13 7.44 49.95 -25.60
CA LYS C 13 6.74 51.00 -26.31
C LYS C 13 5.46 51.42 -25.61
N PRO C 14 5.00 52.65 -25.77
CA PRO C 14 3.77 53.11 -25.18
C PRO C 14 2.63 52.34 -25.78
N GLY C 15 1.67 51.99 -24.96
CA GLY C 15 0.48 51.29 -25.39
C GLY C 15 0.65 49.77 -25.31
N SER C 16 1.87 49.30 -25.06
CA SER C 16 2.14 47.88 -24.99
C SER C 16 1.65 47.26 -23.70
N SER C 17 1.65 45.92 -23.70
CA SER C 17 1.28 45.15 -22.52
C SER C 17 2.52 44.44 -21.98
N VAL C 18 2.92 44.83 -20.78
CA VAL C 18 4.14 44.28 -20.17
C VAL C 18 3.83 43.19 -19.18
N LYS C 19 4.42 42.03 -19.39
CA LYS C 19 4.20 40.96 -18.46
C LYS C 19 5.38 41.00 -17.49
N VAL C 20 5.13 41.50 -16.29
CA VAL C 20 6.15 41.71 -15.29
C VAL C 20 6.21 40.44 -14.46
N SER C 21 7.37 39.80 -14.39
CA SER C 21 7.44 38.54 -13.69
C SER C 21 8.37 38.52 -12.47
N CYS C 22 8.01 37.65 -11.50
CA CYS C 22 8.73 37.33 -10.27
C CYS C 22 8.77 35.81 -10.07
N LYS C 23 9.96 35.30 -9.81
CA LYS C 23 10.17 33.89 -9.54
C LYS C 23 10.42 33.69 -8.05
N ALA C 24 9.74 32.73 -7.45
CA ALA C 24 9.87 32.52 -6.01
C ALA C 24 11.30 32.16 -5.61
N SER C 25 11.96 31.36 -6.44
CA SER C 25 13.36 30.96 -6.25
C SER C 25 13.80 30.50 -4.85
N GLY C 26 13.16 29.47 -4.29
CA GLY C 26 13.61 28.95 -2.99
C GLY C 26 12.38 28.77 -2.16
N GLY C 27 11.31 28.74 -2.90
CA GLY C 27 9.97 28.58 -2.43
C GLY C 27 9.15 28.64 -3.68
N THR C 28 7.84 28.68 -3.49
CA THR C 28 6.76 28.73 -4.46
C THR C 28 5.82 29.85 -4.03
N PHE C 29 4.84 30.21 -4.86
CA PHE C 29 3.90 31.26 -4.47
C PHE C 29 2.52 30.75 -4.05
N ASP C 30 2.32 29.46 -4.16
CA ASP C 30 1.08 28.74 -3.98
C ASP C 30 -0.11 29.47 -3.32
N THR C 31 -0.04 29.73 -2.02
CA THR C 31 -1.18 30.28 -1.30
C THR C 31 -0.92 31.62 -0.64
N TYR C 32 0.14 32.30 -1.04
CA TYR C 32 0.56 33.55 -0.40
C TYR C 32 0.21 34.72 -1.30
N ALA C 33 0.00 35.91 -0.71
CA ALA C 33 -0.29 37.08 -1.52
C ALA C 33 0.97 37.80 -1.92
N ILE C 34 1.24 37.82 -3.22
CA ILE C 34 2.44 38.46 -3.72
C ILE C 34 2.04 39.83 -4.21
N SER C 35 2.45 40.83 -3.45
CA SER C 35 2.12 42.22 -3.64
C SER C 35 3.15 42.86 -4.50
N TRP C 36 2.77 43.89 -5.25
CA TRP C 36 3.74 44.50 -6.15
C TRP C 36 3.82 45.98 -6.02
N VAL C 37 4.99 46.52 -6.32
CA VAL C 37 5.13 47.96 -6.35
C VAL C 37 5.80 48.47 -7.61
N ARG C 38 5.53 49.74 -7.89
CA ARG C 38 6.10 50.48 -8.99
C ARG C 38 6.96 51.64 -8.53
N GLN C 39 8.28 51.47 -8.51
CA GLN C 39 9.14 52.55 -8.05
C GLN C 39 9.55 53.43 -9.20
N ALA C 40 8.63 54.26 -9.64
CA ALA C 40 8.87 55.17 -10.74
C ALA C 40 9.97 56.12 -10.28
N PRO C 41 10.84 56.63 -11.15
CA PRO C 41 11.91 57.52 -10.75
C PRO C 41 11.38 58.70 -9.97
N GLY C 42 12.01 58.97 -8.83
CA GLY C 42 11.64 60.10 -7.98
C GLY C 42 10.45 59.82 -7.07
N GLN C 43 9.90 58.62 -7.16
CA GLN C 43 8.72 58.26 -6.39
C GLN C 43 8.96 57.26 -5.28
N GLY C 44 7.88 56.98 -4.56
CA GLY C 44 7.88 55.99 -3.50
C GLY C 44 7.40 54.72 -4.15
N LEU C 45 6.77 53.85 -3.40
CA LEU C 45 6.37 52.57 -3.95
C LEU C 45 4.88 52.57 -4.25
N GLU C 46 4.48 52.61 -5.51
CA GLU C 46 3.03 52.63 -5.76
C GLU C 46 2.53 51.20 -5.75
N TRP C 47 1.52 50.89 -4.93
CA TRP C 47 1.03 49.51 -4.77
C TRP C 47 0.04 48.95 -5.81
N MET C 48 0.27 47.67 -6.16
CA MET C 48 -0.54 46.82 -7.04
C MET C 48 -1.01 45.58 -6.28
N GLY C 49 -2.18 45.06 -6.67
CA GLY C 49 -2.87 43.98 -5.98
C GLY C 49 -2.09 42.69 -5.82
N GLY C 50 -2.38 41.97 -4.71
CA GLY C 50 -1.68 40.73 -4.43
C GLY C 50 -2.15 39.59 -5.31
N ILE C 51 -1.20 38.73 -5.70
CA ILE C 51 -1.44 37.55 -6.51
C ILE C 51 -1.36 36.31 -5.68
N ILE C 52 -2.38 35.49 -5.76
CA ILE C 52 -2.41 34.24 -5.06
C ILE C 52 -2.65 33.17 -6.11
N PRO C 53 -1.67 32.37 -6.51
CA PRO C 53 -1.84 31.34 -7.52
C PRO C 53 -3.06 30.50 -7.23
N VAL C 54 -3.12 29.97 -6.01
CA VAL C 54 -4.25 29.18 -5.60
C VAL C 54 -5.21 30.14 -4.96
N LEU C 55 -5.90 30.86 -5.81
CA LEU C 55 -6.77 31.93 -5.39
C LEU C 55 -8.18 31.57 -5.10
N GLY C 56 -8.71 32.46 -4.28
CA GLY C 56 -10.09 32.66 -3.97
C GLY C 56 -10.25 34.00 -4.66
N ILE C 57 -9.81 35.02 -3.95
CA ILE C 57 -9.73 36.38 -4.43
C ILE C 57 -8.29 36.84 -4.53
N VAL C 58 -8.00 37.62 -5.55
CA VAL C 58 -6.70 38.26 -5.69
C VAL C 58 -7.10 39.70 -5.76
N ASP C 59 -6.21 40.63 -5.46
CA ASP C 59 -6.73 41.99 -5.51
C ASP C 59 -6.29 42.72 -6.73
N TYR C 60 -6.76 43.93 -6.84
CA TYR C 60 -6.36 44.85 -7.88
C TYR C 60 -6.26 46.22 -7.21
N ALA C 61 -5.21 46.99 -7.50
CA ALA C 61 -5.13 48.31 -6.84
C ALA C 61 -6.07 49.27 -7.54
N GLN C 62 -6.58 50.27 -6.81
CA GLN C 62 -7.56 51.17 -7.45
C GLN C 62 -6.97 51.98 -8.59
N LYS C 63 -5.71 52.36 -8.47
CA LYS C 63 -5.07 53.21 -9.46
C LYS C 63 -4.72 52.47 -10.73
N PHE C 64 -4.84 51.15 -10.68
CA PHE C 64 -4.51 50.30 -11.76
C PHE C 64 -5.74 49.53 -12.25
N GLN C 65 -6.94 50.03 -11.93
CA GLN C 65 -8.08 49.28 -12.44
C GLN C 65 -8.10 49.43 -13.94
N GLY C 66 -8.20 48.31 -14.62
CA GLY C 66 -8.25 48.31 -16.08
C GLY C 66 -6.84 48.40 -16.69
N ARG C 67 -5.83 48.48 -15.83
CA ARG C 67 -4.46 48.61 -16.28
C ARG C 67 -3.62 47.42 -15.87
N VAL C 68 -3.80 46.93 -14.64
CA VAL C 68 -2.96 45.82 -14.23
C VAL C 68 -3.71 44.56 -13.82
N THR C 69 -3.39 43.47 -14.52
CA THR C 69 -3.94 42.16 -14.20
C THR C 69 -3.04 41.55 -13.16
N ILE C 70 -3.61 41.01 -12.13
CA ILE C 70 -2.91 40.33 -11.06
C ILE C 70 -3.14 38.82 -11.23
N THR C 71 -2.09 38.05 -11.61
CA THR C 71 -2.32 36.62 -11.92
C THR C 71 -1.13 35.64 -11.80
N ALA C 72 -1.45 34.36 -11.52
CA ALA C 72 -0.47 33.26 -11.51
C ALA C 72 -1.19 31.92 -11.69
N ALA C 73 -0.50 30.92 -12.22
CA ALA C 73 -1.04 29.55 -12.34
C ALA C 73 -1.09 28.86 -11.00
N LYS C 74 -2.08 28.03 -10.76
CA LYS C 74 -2.14 27.36 -9.46
C LYS C 74 -0.91 26.50 -9.21
N PHE C 75 -0.40 26.64 -7.98
CA PHE C 75 0.75 25.93 -7.45
C PHE C 75 2.07 26.20 -8.17
N THR C 76 2.17 27.36 -8.82
CA THR C 76 3.40 27.75 -9.50
C THR C 76 4.38 28.51 -8.64
N ASN C 77 5.53 28.79 -9.24
CA ASN C 77 6.57 29.58 -8.62
C ASN C 77 6.83 30.83 -9.42
N ILE C 78 5.99 31.13 -10.43
CA ILE C 78 6.13 32.37 -11.17
C ILE C 78 4.86 33.20 -11.01
N ALA C 79 5.00 34.46 -10.62
CA ALA C 79 3.85 35.34 -10.46
C ALA C 79 3.95 36.45 -11.48
N TYR C 80 2.81 36.91 -12.02
CA TYR C 80 2.87 37.96 -13.01
C TYR C 80 1.90 39.13 -12.86
N MET C 81 2.34 40.27 -13.34
CA MET C 81 1.43 41.38 -13.50
C MET C 81 1.36 41.70 -14.98
N GLU C 82 0.17 42.03 -15.46
CA GLU C 82 0.05 42.42 -16.87
C GLU C 82 -0.27 43.88 -16.95
N LEU C 83 0.67 44.69 -17.39
CA LEU C 83 0.48 46.15 -17.41
C LEU C 83 0.13 46.63 -18.81
N SER C 84 -1.16 46.88 -19.03
CA SER C 84 -1.67 47.27 -20.33
C SER C 84 -1.61 48.77 -20.49
N SER C 85 -1.78 49.24 -21.72
CA SER C 85 -1.82 50.68 -21.97
C SER C 85 -0.64 51.36 -21.31
N LEU C 86 0.55 50.80 -21.50
CA LEU C 86 1.75 51.29 -20.85
C LEU C 86 2.08 52.73 -21.21
N ARG C 87 2.46 53.53 -20.22
CA ARG C 87 2.81 54.94 -20.44
C ARG C 87 4.20 55.28 -19.92
N SER C 88 4.79 56.40 -20.34
CA SER C 88 6.14 56.73 -19.86
C SER C 88 6.21 56.93 -18.35
N GLU C 89 5.07 57.27 -17.74
CA GLU C 89 4.95 57.44 -16.29
C GLU C 89 5.10 56.11 -15.55
N ASP C 90 4.99 55.00 -16.29
CA ASP C 90 5.10 53.65 -15.75
C ASP C 90 6.52 53.16 -15.82
N ALA C 91 7.43 53.99 -16.32
CA ALA C 91 8.79 53.54 -16.30
C ALA C 91 9.12 53.47 -14.83
N ALA C 92 9.56 52.32 -14.39
CA ALA C 92 9.77 52.13 -12.97
C ALA C 92 10.52 50.89 -12.66
N VAL C 93 11.04 50.82 -11.45
CA VAL C 93 11.59 49.55 -11.08
C VAL C 93 10.50 48.79 -10.35
N TYR C 94 10.16 47.62 -10.84
CA TYR C 94 9.08 46.89 -10.22
C TYR C 94 9.63 45.86 -9.29
N TYR C 95 8.93 45.68 -8.19
CA TYR C 95 9.30 44.69 -7.18
C TYR C 95 8.07 43.87 -6.79
N CYS C 96 8.31 42.63 -6.31
CA CYS C 96 7.35 41.69 -5.75
C CYS C 96 7.68 41.48 -4.27
N ALA C 97 6.66 41.20 -3.48
CA ALA C 97 6.89 40.84 -2.08
C ALA C 97 5.80 39.95 -1.52
N ARG C 98 6.14 39.18 -0.52
CA ARG C 98 5.14 38.34 0.15
C ARG C 98 4.54 39.16 1.29
N GLY C 99 3.30 39.64 1.03
CA GLY C 99 2.46 40.55 1.82
C GLY C 99 1.28 39.81 2.41
N LEU C 100 1.54 39.07 3.48
CA LEU C 100 0.63 38.05 4.04
C LEU C 100 0.94 36.71 3.44
N ARG C 101 1.74 35.93 4.15
CA ARG C 101 2.12 34.61 3.67
C ARG C 101 1.12 33.53 4.05
N SER C 102 -0.14 33.76 3.66
CA SER C 102 -1.29 32.87 3.78
C SER C 102 -2.58 33.63 3.53
N LEU C 103 -3.12 33.60 2.30
CA LEU C 103 -4.37 34.34 2.12
C LEU C 103 -5.61 33.55 2.47
N SER C 104 -5.79 33.43 3.77
CA SER C 104 -6.95 32.80 4.35
C SER C 104 -7.99 33.90 4.25
N PRO C 105 -9.30 33.65 4.45
CA PRO C 105 -10.34 34.67 4.49
C PRO C 105 -10.14 35.67 5.63
N ARG C 106 -9.18 35.41 6.52
CA ARG C 106 -8.90 36.37 7.56
C ARG C 106 -8.47 37.65 6.85
N GLY C 107 -7.71 37.52 5.76
CA GLY C 107 -7.20 38.65 4.99
C GLY C 107 -8.23 39.12 3.97
N GLN C 108 -9.44 39.34 4.44
CA GLN C 108 -10.55 39.79 3.62
C GLN C 108 -11.41 40.85 4.31
N GLU C 109 -11.03 42.12 4.18
CA GLU C 109 -11.73 43.25 4.80
C GLU C 109 -12.14 44.28 3.76
N GLY C 110 -13.13 45.09 4.06
CA GLY C 110 -13.52 46.13 3.12
C GLY C 110 -14.74 46.89 3.62
N PRO C 111 -15.23 47.88 2.85
CA PRO C 111 -16.40 48.69 3.13
C PRO C 111 -17.58 47.78 3.28
N THR C 112 -18.57 48.15 4.07
CA THR C 112 -19.67 47.26 4.25
C THR C 112 -20.65 47.27 3.08
N PRO C 113 -21.44 46.19 2.90
CA PRO C 113 -22.57 46.03 2.01
C PRO C 113 -23.73 46.94 2.34
N ALA C 114 -24.53 47.21 1.34
CA ALA C 114 -25.76 47.97 1.44
C ALA C 114 -26.89 46.97 1.27
N PRO C 115 -28.08 47.19 1.77
CA PRO C 115 -29.18 46.30 1.46
C PRO C 115 -29.29 46.33 -0.06
N GLY C 116 -29.38 45.16 -0.68
CA GLY C 116 -29.52 45.07 -2.14
C GLY C 116 -28.20 45.17 -2.93
N TRP C 117 -27.08 45.39 -2.25
CA TRP C 117 -25.80 45.54 -2.94
C TRP C 117 -24.61 45.15 -2.10
N ARG C 118 -23.66 44.44 -2.69
CA ARG C 118 -22.54 44.05 -1.85
C ARG C 118 -21.19 44.57 -2.28
N ARG C 119 -20.37 44.90 -1.30
CA ARG C 119 -18.98 45.27 -1.48
C ARG C 119 -18.09 44.06 -1.24
N ALA C 120 -17.12 43.81 -2.13
CA ALA C 120 -16.17 42.72 -1.95
C ALA C 120 -15.05 43.02 -0.95
N GLN C 121 -14.51 41.96 -0.33
CA GLN C 121 -13.42 42.16 0.65
C GLN C 121 -12.06 41.54 0.33
N TYR C 122 -10.99 42.28 0.66
CA TYR C 122 -9.59 41.83 0.50
C TYR C 122 -8.68 42.59 1.47
N HIS C 123 -7.74 41.92 2.13
CA HIS C 123 -6.78 42.60 2.99
C HIS C 123 -5.40 41.88 2.99
N TYR C 124 -4.35 42.62 2.65
CA TYR C 124 -2.99 42.07 2.59
C TYR C 124 -2.23 42.51 3.81
N TYR C 125 -1.20 41.77 4.15
CA TYR C 125 -0.41 42.04 5.33
C TYR C 125 1.04 42.28 5.03
N TYR C 126 1.87 42.26 6.08
CA TYR C 126 3.24 42.70 5.93
C TYR C 126 4.03 42.03 4.85
N MET C 127 4.68 42.90 4.07
CA MET C 127 5.55 42.53 2.99
C MET C 127 6.87 42.20 3.64
N ASP C 128 6.95 40.96 4.12
CA ASP C 128 8.09 40.51 4.89
C ASP C 128 9.18 40.07 3.98
N VAL C 129 8.81 39.54 2.82
CA VAL C 129 9.85 39.07 1.91
C VAL C 129 9.80 39.89 0.66
N TRP C 130 10.90 40.55 0.32
CA TRP C 130 10.96 41.37 -0.88
C TRP C 130 11.98 40.83 -1.86
N GLY C 131 11.68 40.98 -3.14
CA GLY C 131 12.61 40.54 -4.17
C GLY C 131 13.46 41.62 -4.77
N THR C 132 14.13 41.23 -5.85
CA THR C 132 15.02 42.09 -6.62
C THR C 132 14.14 42.95 -7.49
N GLY C 133 14.68 43.97 -8.15
CA GLY C 133 13.84 44.78 -9.00
C GLY C 133 14.09 44.60 -10.50
N THR C 134 13.09 44.95 -11.31
CA THR C 134 13.18 44.96 -12.79
C THR C 134 12.93 46.35 -13.31
N LEU C 135 13.79 46.84 -14.16
CA LEU C 135 13.48 48.17 -14.67
C LEU C 135 12.79 48.11 -15.99
N VAL C 136 11.59 48.66 -16.00
CA VAL C 136 10.85 48.70 -17.21
C VAL C 136 10.97 50.13 -17.68
N THR C 137 11.57 50.30 -18.83
CA THR C 137 11.80 51.60 -19.42
C THR C 137 10.70 51.82 -20.41
N VAL C 138 10.02 52.94 -20.34
CA VAL C 138 8.93 53.11 -21.26
C VAL C 138 9.07 54.37 -22.06
N SER C 139 9.03 54.19 -23.38
CA SER C 139 9.15 55.30 -24.32
C SER C 139 7.80 56.02 -24.49
N SER C 140 7.82 57.21 -25.12
CA SER C 140 6.66 58.05 -25.47
C SER C 140 7.17 59.17 -26.39
N GLU D 1 -7.82 53.65 -1.98
CA GLU D 1 -6.46 53.61 -1.47
C GLU D 1 -6.42 54.61 -0.28
N ILE D 2 -5.25 54.75 0.38
CA ILE D 2 -5.04 55.64 1.56
C ILE D 2 -3.89 56.62 1.33
N VAL D 3 -4.08 57.86 1.74
CA VAL D 3 -3.04 58.87 1.64
C VAL D 3 -2.07 58.82 2.82
N MET D 4 -0.77 58.83 2.51
CA MET D 4 0.28 58.84 3.52
C MET D 4 1.41 59.78 3.12
N THR D 5 1.95 60.50 4.09
CA THR D 5 3.07 61.39 3.87
C THR D 5 4.18 61.07 4.86
N GLN D 6 5.38 61.59 4.60
CA GLN D 6 6.50 61.34 5.50
C GLN D 6 7.26 62.64 5.76
N SER D 7 7.95 62.72 6.90
CA SER D 7 8.71 63.92 7.23
C SER D 7 9.93 63.61 8.13
N PRO D 8 10.92 64.54 8.21
CA PRO D 8 11.12 65.85 7.54
C PRO D 8 11.31 65.73 6.04
N GLY D 9 11.66 64.53 5.62
CA GLY D 9 11.91 64.15 4.24
C GLY D 9 13.40 64.05 3.96
N THR D 10 14.22 64.75 4.77
CA THR D 10 15.68 64.69 4.68
C THR D 10 16.29 64.75 6.09
N LEU D 11 17.23 63.86 6.37
CA LEU D 11 17.94 63.89 7.64
C LEU D 11 19.44 63.85 7.43
N SER D 12 20.11 64.96 7.72
CA SER D 12 21.56 65.04 7.54
C SER D 12 22.19 64.64 8.86
N LEU D 13 22.74 63.43 8.91
CA LEU D 13 23.23 62.84 10.16
C LEU D 13 24.65 62.33 10.10
N SER D 14 25.33 62.33 11.23
CA SER D 14 26.66 61.74 11.29
C SER D 14 26.50 60.27 11.64
N PRO D 15 27.32 59.36 11.13
CA PRO D 15 27.29 57.98 11.56
C PRO D 15 27.54 58.00 13.05
N GLY D 16 26.77 57.20 13.76
CA GLY D 16 26.83 57.07 15.21
C GLY D 16 25.79 57.95 15.90
N GLU D 17 25.20 58.89 15.16
CA GLU D 17 24.20 59.81 15.67
C GLU D 17 22.84 59.15 15.80
N ARG D 18 22.09 59.54 16.83
CA ARG D 18 20.73 59.07 16.99
C ARG D 18 19.75 60.06 16.39
N ALA D 19 18.78 59.57 15.65
CA ALA D 19 17.78 60.47 15.05
C ALA D 19 16.42 59.82 14.87
N THR D 20 15.39 60.65 14.78
CA THR D 20 14.03 60.12 14.59
C THR D 20 13.35 60.55 13.29
N LEU D 21 12.80 59.54 12.63
CA LEU D 21 12.04 59.63 11.38
C LEU D 21 10.56 59.67 11.72
N SER D 22 9.76 60.42 10.96
CA SER D 22 8.31 60.43 11.20
C SER D 22 7.47 60.08 9.95
N CYS D 23 6.33 59.37 10.15
CA CYS D 23 5.34 59.03 9.13
C CYS D 23 3.94 59.37 9.61
N ARG D 24 3.13 59.88 8.70
CA ARG D 24 1.77 60.26 9.03
C ARG D 24 0.74 59.73 8.05
N ALA D 25 -0.26 59.05 8.59
CA ALA D 25 -1.34 58.53 7.77
C ALA D 25 -2.51 59.50 7.81
N SER D 26 -3.32 59.53 6.76
CA SER D 26 -4.53 60.35 6.74
C SER D 26 -5.59 59.80 7.69
N GLN D 27 -5.40 58.57 8.11
CA GLN D 27 -6.31 57.86 8.99
C GLN D 27 -5.55 57.07 10.05
N SER D 28 -6.21 56.84 11.17
CA SER D 28 -5.63 56.03 12.21
C SER D 28 -5.39 54.65 11.68
N VAL D 29 -4.30 54.04 12.13
CA VAL D 29 -3.95 52.73 11.70
C VAL D 29 -4.38 51.70 12.73
N SER D 30 -5.30 50.83 12.34
CA SER D 30 -5.79 49.86 13.29
C SER D 30 -4.65 48.99 13.73
N SER D 31 -4.65 48.68 15.02
CA SER D 31 -3.68 47.83 15.70
C SER D 31 -2.25 48.36 15.58
N ASN D 32 -2.13 49.63 15.18
CA ASN D 32 -0.88 50.31 14.99
C ASN D 32 -0.02 49.55 14.00
N TYR D 33 -0.66 48.97 13.01
CA TYR D 33 0.04 48.23 12.00
C TYR D 33 0.65 49.06 10.91
N LEU D 34 1.71 49.74 11.29
CA LEU D 34 2.47 50.50 10.34
C LEU D 34 3.82 49.81 10.21
N ALA D 35 4.30 49.69 8.99
CA ALA D 35 5.61 49.16 8.74
C ALA D 35 6.59 50.23 8.41
N TRP D 36 7.85 49.96 8.72
CA TRP D 36 8.97 50.77 8.27
C TRP D 36 9.87 49.85 7.51
N TYR D 37 10.43 50.33 6.43
CA TYR D 37 11.38 49.55 5.66
C TYR D 37 12.40 50.48 5.03
N GLN D 38 13.55 49.97 4.62
CA GLN D 38 14.52 50.88 4.01
C GLN D 38 15.23 50.31 2.82
N GLN D 39 15.65 51.20 1.91
CA GLN D 39 16.50 50.82 0.78
C GLN D 39 17.46 51.94 0.43
N LYS D 40 18.65 51.62 0.00
CA LYS D 40 19.48 52.68 -0.51
C LYS D 40 19.11 52.73 -1.98
N PRO D 41 19.38 53.81 -2.72
CA PRO D 41 19.10 53.87 -4.12
C PRO D 41 19.79 52.70 -4.79
N GLY D 42 19.08 52.04 -5.69
CA GLY D 42 19.62 50.89 -6.41
C GLY D 42 19.37 49.57 -5.69
N GLN D 43 18.81 49.61 -4.48
CA GLN D 43 18.57 48.40 -3.71
C GLN D 43 17.10 48.07 -3.53
N ALA D 44 16.82 46.79 -3.35
CA ALA D 44 15.50 46.35 -2.97
C ALA D 44 15.30 46.73 -1.51
N PRO D 45 14.08 47.05 -1.07
CA PRO D 45 13.71 47.34 0.31
C PRO D 45 13.72 46.15 1.24
N ARG D 46 13.99 46.42 2.52
CA ARG D 46 13.92 45.44 3.59
C ARG D 46 13.10 45.91 4.77
N LEU D 47 12.18 45.06 5.22
CA LEU D 47 11.30 45.40 6.34
C LEU D 47 12.09 45.49 7.62
N LEU D 48 11.91 46.61 8.32
CA LEU D 48 12.61 46.87 9.56
C LEU D 48 11.70 46.71 10.76
N ILE D 49 10.54 47.31 10.64
CA ILE D 49 9.56 47.40 11.70
C ILE D 49 8.20 47.02 11.21
N TYR D 50 7.45 46.32 12.02
CA TYR D 50 6.06 46.02 11.69
C TYR D 50 5.27 46.29 12.96
N GLY D 51 4.00 46.60 12.88
CA GLY D 51 3.29 46.78 14.14
C GLY D 51 3.70 48.06 14.89
N ALA D 52 4.11 49.12 14.16
CA ALA D 52 4.56 50.42 14.69
C ALA D 52 5.93 50.37 15.34
N SER D 53 6.12 49.46 16.30
CA SER D 53 7.40 49.40 16.99
C SER D 53 8.19 48.11 16.92
N SER D 54 7.52 46.97 16.68
CA SER D 54 8.19 45.67 16.71
C SER D 54 9.23 45.50 15.64
N ARG D 55 10.35 44.90 16.00
CA ARG D 55 11.41 44.67 15.03
C ARG D 55 11.13 43.46 14.16
N ALA D 56 11.37 43.61 12.88
CA ALA D 56 11.25 42.57 11.88
C ALA D 56 12.40 41.58 12.04
N THR D 57 12.26 40.40 11.49
CA THR D 57 13.27 39.39 11.63
C THR D 57 14.63 39.80 11.08
N GLY D 58 15.65 39.60 11.91
CA GLY D 58 17.03 39.89 11.54
C GLY D 58 17.40 41.36 11.68
N ILE D 59 16.54 42.15 12.31
CA ILE D 59 16.76 43.57 12.48
C ILE D 59 17.42 43.88 13.83
N PRO D 60 18.55 44.62 13.82
CA PRO D 60 19.33 44.99 14.99
C PRO D 60 18.58 45.96 15.89
N ASP D 61 19.04 46.03 17.14
CA ASP D 61 18.46 46.81 18.23
C ASP D 61 18.46 48.30 18.00
N ARG D 62 19.29 48.72 17.08
CA ARG D 62 19.42 50.12 16.72
C ARG D 62 18.10 50.65 16.17
N PHE D 63 17.24 49.76 15.64
CA PHE D 63 15.98 50.22 15.07
C PHE D 63 14.84 50.00 16.05
N SER D 64 14.22 51.08 16.51
CA SER D 64 13.12 50.95 17.46
C SER D 64 11.97 51.87 17.10
N GLY D 65 10.78 51.32 16.82
CA GLY D 65 9.72 52.24 16.41
C GLY D 65 8.78 52.61 17.57
N SER D 66 7.81 53.45 17.26
CA SER D 66 6.80 53.87 18.22
C SER D 66 5.62 54.52 17.52
N GLY D 67 4.63 54.95 18.30
CA GLY D 67 3.49 55.64 17.74
C GLY D 67 2.15 54.99 18.00
N SER D 68 1.11 55.72 17.62
CA SER D 68 -0.28 55.32 17.79
C SER D 68 -1.17 56.10 16.83
N GLY D 69 -2.42 55.67 16.67
CA GLY D 69 -3.32 56.42 15.81
C GLY D 69 -2.71 56.51 14.42
N PRO D 70 -2.66 57.67 13.77
CA PRO D 70 -2.03 57.92 12.48
C PRO D 70 -0.56 58.34 12.58
N ASP D 71 -0.06 58.50 13.81
CA ASP D 71 1.24 59.15 14.07
C ASP D 71 2.35 58.20 14.51
N PHE D 72 3.29 57.92 13.62
CA PHE D 72 4.32 56.95 13.95
C PHE D 72 5.74 57.41 13.70
N THR D 73 6.65 56.85 14.48
CA THR D 73 8.07 57.16 14.36
C THR D 73 9.00 55.97 14.37
N LEU D 74 10.21 56.21 13.87
CA LEU D 74 11.33 55.29 13.98
C LEU D 74 12.58 55.98 14.44
N THR D 75 13.11 55.52 15.56
CA THR D 75 14.31 56.11 16.09
C THR D 75 15.44 55.17 15.80
N ILE D 76 16.50 55.70 15.21
CA ILE D 76 17.63 54.86 14.92
C ILE D 76 18.85 55.28 15.73
N SER D 77 19.27 54.40 16.62
CA SER D 77 20.42 54.66 17.49
C SER D 77 21.69 54.30 16.76
N ARG D 78 22.77 55.02 17.00
CA ARG D 78 24.03 54.63 16.40
C ARG D 78 23.88 54.37 14.91
N LEU D 79 23.31 55.31 14.16
CA LEU D 79 23.06 55.04 12.75
C LEU D 79 24.37 54.67 12.02
N GLU D 80 24.39 53.55 11.28
CA GLU D 80 25.61 53.14 10.58
C GLU D 80 25.61 53.62 9.14
N PRO D 81 26.76 53.74 8.44
CA PRO D 81 26.83 54.13 7.03
C PRO D 81 25.89 53.31 6.15
N GLU D 82 25.71 52.03 6.50
CA GLU D 82 24.83 51.12 5.76
C GLU D 82 23.35 51.45 5.90
N ASP D 83 23.02 52.27 6.89
CA ASP D 83 21.65 52.63 7.18
C ASP D 83 21.27 53.98 6.62
N PHE D 84 22.15 54.61 5.86
CA PHE D 84 21.78 55.91 5.28
C PHE D 84 21.04 55.66 3.97
N ALA D 85 19.84 55.16 4.18
CA ALA D 85 18.87 54.65 3.24
C ALA D 85 17.65 55.54 3.19
N VAL D 86 16.82 55.34 2.20
CA VAL D 86 15.58 56.07 2.21
C VAL D 86 14.59 55.18 2.92
N TYR D 87 13.97 55.73 3.93
CA TYR D 87 13.06 55.00 4.77
C TYR D 87 11.68 55.26 4.33
N TYR D 88 10.93 54.22 4.22
CA TYR D 88 9.58 54.30 3.78
C TYR D 88 8.66 53.65 4.79
N CYS D 89 7.41 54.13 4.84
CA CYS D 89 6.35 53.57 5.67
C CYS D 89 5.21 53.00 4.85
N GLN D 90 4.60 51.97 5.43
CA GLN D 90 3.43 51.39 4.81
C GLN D 90 2.35 50.98 5.79
N GLN D 91 1.12 51.38 5.51
CA GLN D 91 0.04 51.04 6.40
C GLN D 91 -0.53 49.70 6.05
N TYR D 92 -0.57 48.82 7.05
CA TYR D 92 -1.12 47.47 6.93
C TYR D 92 -2.35 47.26 7.79
N GLY D 93 -2.65 48.22 8.65
CA GLY D 93 -3.81 48.15 9.53
C GLY D 93 -5.13 48.44 8.83
N SER D 94 -5.07 48.75 7.54
CA SER D 94 -6.28 49.06 6.80
C SER D 94 -6.23 48.47 5.42
N SER D 95 -7.23 48.77 4.60
CA SER D 95 -7.25 48.20 3.28
C SER D 95 -7.97 49.09 2.26
N PRO D 96 -7.35 49.35 1.10
CA PRO D 96 -6.02 48.97 0.64
C PRO D 96 -5.01 49.64 1.54
N GLY D 97 -3.89 49.00 1.77
CA GLY D 97 -2.88 49.61 2.60
C GLY D 97 -2.18 50.60 1.73
N THR D 98 -1.21 51.31 2.26
CA THR D 98 -0.59 52.34 1.43
C THR D 98 0.83 52.67 1.78
N PHE D 99 1.55 53.18 0.80
CA PHE D 99 2.94 53.59 0.99
C PHE D 99 3.10 55.10 1.01
N GLY D 100 4.06 55.57 1.81
CA GLY D 100 4.40 56.99 1.84
C GLY D 100 5.43 57.30 0.75
N GLY D 101 5.87 58.55 0.67
CA GLY D 101 6.84 58.92 -0.38
C GLY D 101 8.32 58.75 -0.01
N GLY D 102 8.59 58.37 1.23
CA GLY D 102 9.95 58.19 1.71
C GLY D 102 10.58 59.38 2.42
N THR D 103 11.49 59.07 3.34
CA THR D 103 12.30 60.03 4.07
C THR D 103 13.77 59.69 3.84
N LYS D 104 14.54 60.62 3.32
CA LYS D 104 15.92 60.32 3.01
C LYS D 104 16.91 60.57 4.12
N VAL D 105 17.65 59.54 4.47
CA VAL D 105 18.67 59.66 5.47
C VAL D 105 20.00 59.72 4.72
N GLU D 106 20.79 60.75 4.99
CA GLU D 106 22.05 60.94 4.27
C GLU D 106 23.16 61.35 5.19
N ILE D 107 24.40 61.08 4.78
CA ILE D 107 25.54 61.42 5.60
C ILE D 107 25.89 62.91 5.52
N LYS D 108 26.02 63.55 6.70
CA LYS D 108 26.35 64.97 6.95
C LYS D 108 27.82 65.31 6.58
N ILE E 33 -30.60 -17.37 -7.95
CA ILE E 33 -29.60 -18.35 -8.37
C ILE E 33 -30.12 -19.78 -8.03
N PRO E 34 -30.56 -20.63 -9.04
CA PRO E 34 -31.01 -22.02 -8.91
C PRO E 34 -29.81 -22.92 -8.64
N LEU E 35 -30.05 -24.07 -8.03
CA LEU E 35 -28.94 -25.00 -7.82
C LEU E 35 -29.23 -26.34 -8.50
N GLY E 36 -28.35 -26.80 -9.37
CA GLY E 36 -28.63 -28.08 -9.99
C GLY E 36 -28.35 -29.16 -8.97
N VAL E 37 -29.09 -30.24 -9.00
CA VAL E 37 -28.78 -31.32 -8.10
C VAL E 37 -28.71 -32.63 -8.88
N VAL E 38 -27.65 -33.39 -8.64
CA VAL E 38 -27.49 -34.67 -9.30
C VAL E 38 -27.98 -35.80 -8.40
N HIS E 39 -28.94 -36.55 -8.92
CA HIS E 39 -29.61 -37.63 -8.22
C HIS E 39 -29.46 -38.96 -8.95
N ASN E 40 -28.50 -39.78 -8.58
CA ASN E 40 -28.31 -41.05 -9.30
C ASN E 40 -28.23 -40.83 -10.82
N ASN E 41 -27.41 -39.86 -11.21
CA ASN E 41 -27.17 -39.47 -12.61
C ASN E 41 -28.37 -38.81 -13.32
N THR E 42 -29.38 -38.41 -12.57
CA THR E 42 -30.55 -37.68 -13.05
C THR E 42 -30.52 -36.25 -12.55
N LEU E 43 -30.89 -35.28 -13.38
CA LEU E 43 -30.93 -33.94 -12.86
C LEU E 43 -32.28 -33.47 -12.45
N GLN E 44 -32.26 -32.68 -11.41
CA GLN E 44 -33.39 -31.94 -10.93
C GLN E 44 -32.86 -30.56 -10.65
N VAL E 45 -33.70 -29.54 -10.73
CA VAL E 45 -33.19 -28.22 -10.38
C VAL E 45 -33.93 -27.73 -9.17
N SER E 46 -33.15 -27.37 -8.17
CA SER E 46 -33.68 -26.91 -6.91
C SER E 46 -33.83 -25.41 -6.88
N ASP E 47 -35.09 -24.99 -6.75
CA ASP E 47 -35.42 -23.59 -6.69
C ASP E 47 -35.15 -23.15 -5.25
N ILE E 48 -35.00 -21.88 -5.04
CA ILE E 48 -34.74 -21.36 -3.70
C ILE E 48 -35.87 -21.69 -2.74
N ASP E 49 -37.10 -21.60 -3.24
CA ASP E 49 -38.28 -21.86 -2.44
C ASP E 49 -38.74 -23.32 -2.55
N LYS E 50 -37.96 -24.19 -3.19
CA LYS E 50 -38.36 -25.58 -3.32
C LYS E 50 -37.69 -26.39 -2.22
N LEU E 51 -38.49 -27.00 -1.39
CA LEU E 51 -37.94 -27.77 -0.30
C LEU E 51 -37.90 -29.25 -0.55
N VAL E 52 -36.71 -29.82 -0.54
CA VAL E 52 -36.56 -31.25 -0.74
C VAL E 52 -35.91 -31.86 0.52
N CYS E 53 -36.68 -32.65 1.31
CA CYS E 53 -36.26 -33.24 2.59
C CYS E 53 -35.37 -34.46 2.35
N ARG E 54 -35.29 -34.80 1.10
CA ARG E 54 -34.51 -35.90 0.60
C ARG E 54 -33.08 -35.46 0.29
N ASP E 55 -32.85 -34.15 0.05
CA ASP E 55 -31.52 -33.70 -0.31
C ASP E 55 -30.63 -33.41 0.88
N LYS E 56 -29.61 -34.24 1.01
CA LYS E 56 -28.66 -34.15 2.11
C LYS E 56 -27.34 -33.58 1.62
N LEU E 57 -26.90 -32.55 2.31
CA LEU E 57 -25.66 -31.88 2.03
C LEU E 57 -24.80 -32.05 3.25
N SER E 58 -23.96 -33.07 3.26
CA SER E 58 -23.16 -33.40 4.43
C SER E 58 -21.94 -32.51 4.52
N SER E 59 -21.51 -31.99 3.39
CA SER E 59 -20.33 -31.15 3.34
C SER E 59 -20.35 -30.16 2.20
N THR E 60 -19.64 -29.04 2.36
CA THR E 60 -19.52 -28.06 1.30
C THR E 60 -18.69 -28.60 0.15
N SER E 61 -18.03 -29.74 0.38
CA SER E 61 -17.24 -30.42 -0.64
C SER E 61 -18.13 -30.98 -1.74
N GLN E 62 -19.44 -31.07 -1.49
CA GLN E 62 -20.42 -31.54 -2.45
C GLN E 62 -20.89 -30.42 -3.34
N LEU E 63 -20.48 -29.20 -3.05
CA LEU E 63 -20.95 -28.09 -3.83
C LEU E 63 -19.91 -27.72 -4.85
N LYS E 64 -20.37 -27.44 -6.05
CA LYS E 64 -19.45 -27.00 -7.09
C LYS E 64 -19.96 -25.80 -7.86
N SER E 65 -19.00 -25.01 -8.31
CA SER E 65 -19.16 -23.92 -9.25
C SER E 65 -18.49 -24.41 -10.51
N VAL E 66 -19.26 -24.55 -11.57
CA VAL E 66 -18.70 -25.16 -12.76
C VAL E 66 -18.77 -24.26 -13.98
N GLY E 67 -17.63 -24.11 -14.63
CA GLY E 67 -17.51 -23.33 -15.85
C GLY E 67 -17.73 -24.22 -17.07
N LEU E 68 -18.78 -23.93 -17.82
CA LEU E 68 -19.15 -24.75 -18.96
C LEU E 68 -18.85 -23.94 -20.19
N ASN E 69 -18.45 -24.57 -21.28
CA ASN E 69 -18.07 -23.78 -22.44
C ASN E 69 -19.24 -23.61 -23.41
N LEU E 70 -19.20 -22.56 -24.21
CA LEU E 70 -20.23 -22.34 -25.24
C LEU E 70 -19.82 -23.10 -26.48
N GLU E 71 -19.77 -24.41 -26.37
CA GLU E 71 -19.31 -25.24 -27.47
C GLU E 71 -20.21 -26.44 -27.72
N GLY E 72 -20.61 -27.09 -26.64
CA GLY E 72 -21.35 -28.33 -26.75
C GLY E 72 -22.82 -28.03 -26.96
N ASN E 73 -23.13 -26.75 -27.00
CA ASN E 73 -24.47 -26.26 -27.20
C ASN E 73 -24.73 -26.05 -28.69
N GLY E 74 -23.74 -26.37 -29.53
CA GLY E 74 -23.89 -26.26 -30.98
C GLY E 74 -23.72 -24.86 -31.58
N VAL E 75 -23.05 -23.94 -30.92
CA VAL E 75 -22.92 -22.61 -31.51
C VAL E 75 -21.63 -22.44 -32.29
N ALA E 76 -21.56 -21.42 -33.14
CA ALA E 76 -20.32 -21.16 -33.85
C ALA E 76 -19.24 -20.69 -32.89
N THR E 77 -18.03 -21.18 -33.11
CA THR E 77 -16.85 -20.84 -32.32
C THR E 77 -15.76 -20.21 -33.20
N ASP E 78 -16.16 -19.71 -34.34
CA ASP E 78 -15.19 -19.18 -35.30
C ASP E 78 -14.76 -17.75 -34.98
N VAL E 79 -13.88 -17.22 -35.83
CA VAL E 79 -13.28 -15.92 -35.59
C VAL E 79 -14.24 -14.74 -35.66
N PRO E 80 -14.98 -14.50 -36.76
CA PRO E 80 -15.92 -13.42 -36.81
C PRO E 80 -17.06 -13.59 -35.83
N THR E 81 -17.39 -14.83 -35.42
CA THR E 81 -18.46 -14.96 -34.46
C THR E 81 -17.99 -14.50 -33.13
N ALA E 82 -16.79 -14.91 -32.74
CA ALA E 82 -16.29 -14.53 -31.45
C ALA E 82 -16.21 -13.02 -31.38
N THR E 83 -15.83 -12.40 -32.49
CA THR E 83 -15.76 -10.95 -32.48
C THR E 83 -17.15 -10.35 -32.35
N LYS E 84 -18.14 -10.88 -33.07
CA LYS E 84 -19.50 -10.35 -32.97
C LYS E 84 -20.04 -10.51 -31.55
N ARG E 85 -19.61 -11.54 -30.83
CA ARG E 85 -20.02 -11.79 -29.46
C ARG E 85 -19.43 -10.77 -28.52
N TRP E 86 -18.45 -10.00 -28.94
CA TRP E 86 -17.78 -9.07 -28.08
C TRP E 86 -18.15 -7.62 -28.43
N GLY E 87 -18.18 -6.75 -27.43
CA GLY E 87 -18.43 -5.32 -27.69
C GLY E 87 -18.00 -4.49 -26.54
N PHE E 88 -18.24 -3.18 -26.58
CA PHE E 88 -17.79 -2.33 -25.48
C PHE E 88 -18.85 -1.47 -24.82
N ARG E 89 -18.77 -1.37 -23.49
CA ARG E 89 -19.58 -0.41 -22.74
C ARG E 89 -18.95 0.03 -21.43
N ALA E 90 -18.99 1.34 -21.20
CA ALA E 90 -18.51 1.98 -19.99
C ALA E 90 -19.63 2.19 -18.99
N GLY E 91 -19.26 2.33 -17.71
CA GLY E 91 -20.27 2.60 -16.68
C GLY E 91 -20.76 1.33 -16.01
N VAL E 92 -20.10 0.23 -16.30
CA VAL E 92 -20.45 -1.05 -15.74
C VAL E 92 -19.37 -1.47 -14.76
N PRO E 93 -19.65 -1.67 -13.48
CA PRO E 93 -18.65 -2.14 -12.56
C PRO E 93 -18.23 -3.53 -13.05
N PRO E 94 -16.97 -3.93 -12.90
CA PRO E 94 -16.45 -5.24 -13.25
C PRO E 94 -16.95 -6.27 -12.29
N LYS E 95 -17.16 -7.51 -12.74
CA LYS E 95 -17.54 -8.59 -11.83
C LYS E 95 -16.83 -9.91 -12.11
N VAL E 96 -16.45 -10.59 -11.01
CA VAL E 96 -15.81 -11.91 -11.07
C VAL E 96 -16.41 -12.92 -10.05
N VAL E 97 -16.57 -14.18 -10.49
CA VAL E 97 -16.94 -15.27 -9.60
C VAL E 97 -15.92 -16.36 -9.81
N ASN E 98 -15.61 -17.16 -8.83
CA ASN E 98 -14.69 -18.22 -9.17
C ASN E 98 -15.43 -19.46 -9.61
N TYR E 99 -14.64 -20.44 -10.02
CA TYR E 99 -15.20 -21.74 -10.30
C TYR E 99 -14.16 -22.78 -9.95
N GLU E 100 -14.60 -24.02 -9.72
CA GLU E 100 -13.74 -25.12 -9.31
C GLU E 100 -13.48 -26.16 -10.37
N ALA E 101 -14.42 -26.29 -11.28
CA ALA E 101 -14.32 -27.33 -12.28
C ALA E 101 -14.89 -26.80 -13.54
N GLY E 102 -14.55 -27.40 -14.65
CA GLY E 102 -15.13 -26.96 -15.88
C GLY E 102 -14.87 -27.90 -17.02
N GLU E 103 -15.40 -27.50 -18.15
CA GLU E 103 -15.30 -28.28 -19.36
C GLU E 103 -14.00 -27.98 -20.09
N TRP E 104 -13.51 -28.95 -20.85
CA TRP E 104 -12.36 -28.75 -21.72
C TRP E 104 -12.82 -27.81 -22.81
N ALA E 105 -11.97 -26.85 -23.20
CA ALA E 105 -12.37 -25.96 -24.27
C ALA E 105 -11.64 -26.28 -25.56
N GLU E 106 -12.38 -26.46 -26.63
CA GLU E 106 -11.71 -26.65 -27.90
C GLU E 106 -11.24 -25.30 -28.40
N ASN E 107 -12.04 -24.26 -28.19
CA ASN E 107 -11.75 -22.93 -28.71
C ASN E 107 -11.71 -21.83 -27.64
N CYS E 108 -10.49 -21.43 -27.23
CA CYS E 108 -10.23 -20.34 -26.29
C CYS E 108 -9.76 -19.14 -27.10
N TYR E 109 -9.88 -17.95 -26.55
CA TYR E 109 -9.45 -16.76 -27.25
C TYR E 109 -8.48 -16.04 -26.36
N ASN E 110 -7.57 -15.29 -26.93
CA ASN E 110 -6.60 -14.55 -26.13
C ASN E 110 -6.37 -13.18 -26.72
N LEU E 111 -6.80 -12.14 -26.04
CA LEU E 111 -6.72 -10.87 -26.71
C LEU E 111 -5.70 -9.93 -26.12
N ASP E 112 -4.94 -9.28 -26.98
CA ASP E 112 -3.97 -8.28 -26.60
C ASP E 112 -4.14 -7.16 -27.59
N ILE E 113 -5.16 -6.38 -27.31
CA ILE E 113 -5.66 -5.35 -28.18
C ILE E 113 -5.26 -3.98 -27.75
N LYS E 114 -4.78 -3.24 -28.74
CA LYS E 114 -4.35 -1.88 -28.64
C LYS E 114 -5.31 -0.94 -29.34
N LYS E 115 -5.20 0.31 -29.01
CA LYS E 115 -6.01 1.35 -29.55
C LYS E 115 -5.41 1.80 -30.85
N ALA E 116 -6.19 2.52 -31.62
CA ALA E 116 -5.72 3.07 -32.87
C ALA E 116 -4.48 3.93 -32.67
N ASP E 117 -4.34 4.61 -31.52
CA ASP E 117 -3.19 5.46 -31.27
C ASP E 117 -1.96 4.70 -30.71
N GLY E 118 -2.05 3.37 -30.61
CA GLY E 118 -0.97 2.51 -30.14
C GLY E 118 -0.96 2.17 -28.64
N SER E 119 -1.82 2.82 -27.84
CA SER E 119 -1.87 2.54 -26.41
C SER E 119 -2.70 1.31 -26.11
N GLU E 120 -2.61 0.79 -24.91
CA GLU E 120 -3.41 -0.40 -24.59
C GLU E 120 -4.92 -0.11 -24.58
N CYS E 121 -5.76 -1.04 -25.15
CA CYS E 121 -7.22 -0.96 -25.15
C CYS E 121 -7.77 -1.76 -23.97
N LEU E 122 -7.38 -3.01 -23.90
CA LEU E 122 -7.90 -3.90 -22.87
C LEU E 122 -7.27 -3.61 -21.52
N PRO E 123 -7.99 -3.89 -20.43
CA PRO E 123 -7.53 -3.77 -19.06
C PRO E 123 -6.51 -4.85 -18.77
N GLU E 124 -5.67 -4.59 -17.80
CA GLU E 124 -4.70 -5.60 -17.40
C GLU E 124 -5.41 -6.63 -16.57
N ALA E 125 -5.00 -7.87 -16.66
CA ALA E 125 -5.61 -8.86 -15.81
C ALA E 125 -5.24 -8.51 -14.39
N PRO E 126 -6.17 -8.60 -13.42
CA PRO E 126 -5.94 -8.34 -12.02
C PRO E 126 -5.14 -9.44 -11.38
N GLU E 127 -4.59 -9.14 -10.22
CA GLU E 127 -3.84 -10.13 -9.49
C GLU E 127 -4.68 -11.36 -9.27
N GLY E 128 -4.07 -12.52 -9.55
CA GLY E 128 -4.69 -13.82 -9.41
C GLY E 128 -5.20 -14.37 -10.73
N VAL E 129 -5.28 -13.54 -11.75
CA VAL E 129 -5.77 -14.02 -13.02
C VAL E 129 -4.70 -14.55 -13.94
N ARG E 130 -4.96 -15.76 -14.41
CA ARG E 130 -4.17 -16.51 -15.36
C ARG E 130 -5.21 -17.00 -16.35
N GLY E 131 -4.82 -17.37 -17.57
CA GLY E 131 -5.83 -17.81 -18.53
C GLY E 131 -6.28 -19.24 -18.31
N PHE E 132 -7.28 -19.65 -19.07
CA PHE E 132 -7.89 -20.95 -18.96
C PHE E 132 -6.80 -22.00 -19.21
N PRO E 133 -6.61 -22.99 -18.32
CA PRO E 133 -5.58 -24.01 -18.36
C PRO E 133 -5.76 -25.13 -19.36
N ARG E 134 -6.98 -25.28 -19.87
CA ARG E 134 -7.30 -26.42 -20.69
C ARG E 134 -8.01 -26.09 -22.01
N CYS E 135 -7.19 -25.74 -23.03
CA CYS E 135 -7.64 -25.29 -24.36
C CYS E 135 -6.98 -26.17 -25.42
N ARG E 136 -7.72 -26.51 -26.49
CA ARG E 136 -7.09 -27.24 -27.59
C ARG E 136 -6.47 -26.23 -28.57
N TYR E 137 -7.22 -25.17 -28.85
CA TYR E 137 -6.75 -24.09 -29.69
C TYR E 137 -6.92 -22.77 -28.97
N VAL E 138 -5.97 -21.88 -29.14
CA VAL E 138 -6.11 -20.54 -28.62
C VAL E 138 -6.06 -19.54 -29.74
N HIS E 139 -7.15 -18.82 -29.88
CA HIS E 139 -7.34 -17.84 -30.89
C HIS E 139 -6.82 -16.52 -30.39
N LYS E 140 -5.52 -16.45 -30.30
CA LYS E 140 -4.86 -15.26 -29.86
C LYS E 140 -4.93 -14.20 -30.95
N VAL E 141 -5.39 -13.02 -30.59
CA VAL E 141 -5.54 -11.90 -31.51
C VAL E 141 -4.98 -10.60 -30.95
N SER E 142 -4.32 -9.85 -31.80
CA SER E 142 -3.81 -8.54 -31.48
C SER E 142 -4.33 -7.59 -32.53
N GLY E 143 -3.71 -6.45 -32.69
CA GLY E 143 -4.20 -5.47 -33.67
C GLY E 143 -4.79 -4.28 -32.98
N THR E 144 -5.32 -3.35 -33.78
CA THR E 144 -5.85 -2.09 -33.28
C THR E 144 -7.20 -1.69 -33.80
N GLY E 145 -7.75 -0.72 -33.09
CA GLY E 145 -9.00 -0.08 -33.45
C GLY E 145 -9.30 1.12 -32.55
N PRO E 146 -10.44 1.78 -32.74
CA PRO E 146 -10.85 2.99 -32.02
C PRO E 146 -11.07 2.84 -30.50
N CYS E 147 -11.29 1.58 -30.01
CA CYS E 147 -11.50 1.18 -28.61
C CYS E 147 -12.53 2.08 -27.89
N PRO E 148 -13.82 1.86 -28.12
CA PRO E 148 -14.86 2.66 -27.53
C PRO E 148 -14.64 2.60 -26.05
N GLU E 149 -14.89 3.70 -25.35
CA GLU E 149 -14.66 3.67 -23.92
C GLU E 149 -15.52 2.59 -23.34
N GLY E 150 -14.92 1.76 -22.51
CA GLY E 150 -15.67 0.70 -21.89
C GLY E 150 -14.87 -0.55 -21.82
N TYR E 151 -15.49 -1.60 -21.35
CA TYR E 151 -14.77 -2.84 -21.23
C TYR E 151 -15.21 -3.65 -22.38
N ALA E 152 -14.33 -4.47 -22.91
CA ALA E 152 -14.82 -5.39 -23.91
C ALA E 152 -15.58 -6.46 -23.12
N PHE E 153 -16.75 -6.89 -23.62
CA PHE E 153 -17.59 -7.84 -22.91
C PHE E 153 -18.43 -8.71 -23.84
N HIS E 154 -19.01 -9.81 -23.32
CA HIS E 154 -19.94 -10.66 -24.09
C HIS E 154 -21.36 -10.12 -24.28
N LYS E 155 -21.82 -10.16 -25.51
CA LYS E 155 -23.13 -9.64 -25.87
C LYS E 155 -24.25 -10.39 -25.23
N GLU E 156 -24.09 -11.69 -25.14
CA GLU E 156 -25.08 -12.59 -24.57
C GLU E 156 -24.99 -12.70 -23.06
N GLY E 157 -24.01 -12.04 -22.44
CA GLY E 157 -23.83 -12.15 -21.00
C GLY E 157 -22.97 -13.34 -20.62
N ALA E 158 -22.43 -14.03 -21.60
CA ALA E 158 -21.60 -15.18 -21.32
C ALA E 158 -20.38 -14.70 -20.55
N PHE E 159 -19.79 -15.59 -19.80
CA PHE E 159 -18.59 -15.31 -19.04
C PHE E 159 -17.33 -15.60 -19.81
N PHE E 160 -16.30 -14.87 -19.48
CA PHE E 160 -14.99 -15.12 -19.99
C PHE E 160 -14.37 -16.03 -18.95
N LEU E 161 -14.07 -17.26 -19.34
CA LEU E 161 -13.58 -18.20 -18.35
C LEU E 161 -12.09 -18.29 -18.41
N TYR E 162 -11.49 -17.88 -17.32
CA TYR E 162 -10.09 -17.78 -17.06
C TYR E 162 -9.73 -18.89 -16.10
N ASP E 163 -8.51 -18.90 -15.61
CA ASP E 163 -8.13 -20.01 -14.75
C ASP E 163 -8.87 -20.00 -13.45
N ARG E 164 -9.92 -20.80 -13.40
CA ARG E 164 -10.78 -20.98 -12.24
C ARG E 164 -11.45 -19.70 -11.84
N LEU E 165 -11.58 -18.81 -12.79
CA LEU E 165 -12.22 -17.55 -12.58
C LEU E 165 -13.08 -17.18 -13.75
N ALA E 166 -14.26 -16.71 -13.49
CA ALA E 166 -15.14 -16.29 -14.56
C ALA E 166 -15.45 -14.83 -14.41
N SER E 167 -15.41 -14.10 -15.50
CA SER E 167 -15.70 -12.67 -15.37
C SER E 167 -16.49 -12.19 -16.53
N THR E 168 -16.90 -10.95 -16.46
CA THR E 168 -17.69 -10.38 -17.53
C THR E 168 -16.83 -9.54 -18.49
N ILE E 169 -15.51 -9.53 -18.24
CA ILE E 169 -14.51 -8.72 -18.94
C ILE E 169 -13.33 -9.46 -19.60
N ILE E 170 -12.96 -9.00 -20.80
CA ILE E 170 -11.76 -9.49 -21.49
C ILE E 170 -10.50 -8.80 -20.96
N TYR E 171 -9.47 -9.58 -20.60
CA TYR E 171 -8.23 -8.98 -20.11
C TYR E 171 -7.02 -9.20 -21.03
N ARG E 172 -6.07 -8.27 -20.97
CA ARG E 172 -4.91 -8.35 -21.86
C ARG E 172 -4.10 -9.60 -21.75
N SER E 173 -3.83 -10.14 -22.91
CA SER E 173 -3.00 -11.29 -23.18
C SER E 173 -3.42 -12.51 -22.41
N THR E 174 -4.68 -12.56 -22.01
CA THR E 174 -5.10 -13.65 -21.19
C THR E 174 -6.08 -14.54 -21.92
N THR E 175 -5.79 -15.85 -21.90
CA THR E 175 -6.58 -16.86 -22.56
C THR E 175 -7.87 -17.17 -21.83
N PHE E 176 -8.96 -17.26 -22.55
CA PHE E 176 -10.22 -17.66 -21.94
C PHE E 176 -11.11 -18.48 -22.83
N SER E 177 -11.95 -19.27 -22.23
CA SER E 177 -12.94 -19.95 -23.03
C SER E 177 -14.18 -19.08 -22.93
N GLU E 178 -15.15 -19.29 -23.79
CA GLU E 178 -16.37 -18.53 -23.66
C GLU E 178 -17.30 -19.49 -22.95
N GLY E 179 -18.10 -19.02 -22.00
CA GLY E 179 -18.96 -19.97 -21.31
C GLY E 179 -19.95 -19.41 -20.33
N VAL E 180 -20.49 -20.31 -19.55
CA VAL E 180 -21.51 -20.07 -18.55
C VAL E 180 -21.18 -20.73 -17.22
N VAL E 181 -21.80 -20.27 -16.14
CA VAL E 181 -21.54 -20.88 -14.84
C VAL E 181 -22.74 -21.49 -14.17
N ALA E 182 -22.62 -22.77 -13.82
CA ALA E 182 -23.66 -23.50 -13.10
C ALA E 182 -23.22 -23.72 -11.67
N PHE E 183 -24.17 -23.83 -10.77
CA PHE E 183 -23.81 -24.22 -9.43
C PHE E 183 -24.61 -25.47 -9.20
N LEU E 184 -24.03 -26.41 -8.46
CA LEU E 184 -24.73 -27.65 -8.19
C LEU E 184 -24.28 -28.48 -6.98
N ILE E 185 -25.14 -29.44 -6.62
CA ILE E 185 -24.87 -30.43 -5.59
C ILE E 185 -24.61 -31.82 -6.17
N LEU E 186 -23.47 -32.36 -5.79
CA LEU E 186 -23.10 -33.69 -6.21
C LEU E 186 -23.34 -34.69 -5.09
N PRO E 187 -23.61 -35.95 -5.43
CA PRO E 187 -23.75 -37.07 -4.53
C PRO E 187 -22.40 -37.43 -3.93
N GLU E 188 -22.43 -38.11 -2.81
CA GLU E 188 -21.20 -38.52 -2.15
C GLU E 188 -20.61 -39.75 -2.81
N THR E 189 -19.95 -39.54 -3.94
CA THR E 189 -19.42 -40.64 -4.73
C THR E 189 -18.08 -40.35 -5.41
N LYS E 190 -17.30 -41.40 -5.64
CA LYS E 190 -15.98 -41.26 -6.25
C LYS E 190 -15.97 -41.28 -7.77
N LYS E 191 -16.53 -40.23 -8.35
CA LYS E 191 -16.59 -40.10 -9.81
C LYS E 191 -15.58 -39.13 -10.38
N ASP E 192 -14.72 -38.57 -9.54
CA ASP E 192 -13.68 -37.59 -9.90
C ASP E 192 -14.26 -36.21 -10.29
N PHE E 193 -15.12 -36.19 -11.34
CA PHE E 193 -15.88 -35.06 -11.88
C PHE E 193 -14.95 -34.04 -12.53
N THR E 215 -0.34 -25.60 -26.23
CA THR E 215 -1.37 -26.22 -27.02
C THR E 215 -1.23 -25.60 -28.44
N VAL E 216 -2.29 -25.61 -29.30
CA VAL E 216 -2.20 -24.99 -30.64
C VAL E 216 -2.49 -23.50 -30.55
N THR E 217 -1.54 -22.69 -31.00
CA THR E 217 -1.73 -21.25 -30.95
C THR E 217 -1.90 -20.67 -32.33
N LEU E 218 -2.95 -19.89 -32.48
CA LEU E 218 -3.29 -19.22 -33.70
C LEU E 218 -2.91 -17.75 -33.49
N ASN E 219 -2.63 -17.01 -34.54
CA ASN E 219 -2.23 -15.61 -34.39
C ASN E 219 -2.98 -14.70 -35.35
N TYR E 220 -3.92 -13.95 -34.80
CA TYR E 220 -4.81 -13.12 -35.58
C TYR E 220 -4.59 -11.65 -35.37
N VAL E 221 -5.05 -10.86 -36.33
CA VAL E 221 -5.02 -9.41 -36.21
C VAL E 221 -6.42 -8.78 -36.42
N ALA E 222 -6.76 -7.89 -35.49
CA ALA E 222 -7.97 -7.12 -35.40
C ALA E 222 -7.96 -5.94 -36.35
N ASP E 223 -9.13 -5.54 -36.78
CA ASP E 223 -9.28 -4.39 -37.65
C ASP E 223 -10.47 -3.51 -37.28
N CYS F 10 -26.99 -31.15 -29.34
CA CYS F 10 -25.93 -30.88 -28.37
C CYS F 10 -24.87 -31.97 -28.43
N ASN F 11 -23.74 -31.72 -27.76
CA ASN F 11 -22.61 -32.64 -27.70
C ASN F 11 -22.62 -33.61 -26.50
N PRO F 12 -22.86 -34.93 -26.70
CA PRO F 12 -22.92 -35.95 -25.67
C PRO F 12 -21.55 -36.51 -25.23
N ASN F 13 -20.45 -36.00 -25.79
CA ASN F 13 -19.12 -36.52 -25.46
C ASN F 13 -18.34 -35.46 -24.69
N LEU F 14 -18.19 -35.64 -23.37
CA LEU F 14 -17.57 -34.60 -22.56
C LEU F 14 -16.15 -34.84 -22.10
N HIS F 15 -15.30 -33.88 -22.42
CA HIS F 15 -13.92 -33.86 -21.98
C HIS F 15 -13.93 -32.75 -20.94
N TYR F 16 -13.63 -33.13 -19.72
CA TYR F 16 -13.72 -32.25 -18.57
C TYR F 16 -12.47 -32.24 -17.76
N TRP F 17 -12.31 -31.19 -16.99
CA TRP F 17 -11.20 -31.10 -16.08
C TRP F 17 -11.64 -30.47 -14.77
N THR F 18 -10.94 -30.81 -13.72
CA THR F 18 -11.22 -30.23 -12.43
C THR F 18 -9.98 -29.96 -11.62
N THR F 19 -10.16 -29.34 -10.48
CA THR F 19 -9.07 -29.02 -9.61
C THR F 19 -8.54 -30.24 -8.88
N GLN F 20 -7.22 -30.32 -8.71
CA GLN F 20 -6.67 -31.40 -7.90
C GLN F 20 -6.85 -31.03 -6.43
N ASP F 21 -8.10 -31.12 -5.96
CA ASP F 21 -8.48 -30.73 -4.61
C ASP F 21 -8.57 -31.93 -3.67
N GLU F 22 -8.19 -33.08 -4.17
CA GLU F 22 -8.16 -34.31 -3.42
C GLU F 22 -7.25 -34.09 -2.22
N GLY F 23 -7.73 -34.47 -1.04
CA GLY F 23 -6.98 -34.24 0.18
C GLY F 23 -5.69 -35.04 0.30
N ALA F 24 -5.79 -36.33 0.61
CA ALA F 24 -4.58 -37.12 0.80
C ALA F 24 -4.02 -37.64 -0.52
N ALA F 25 -3.64 -36.70 -1.39
CA ALA F 25 -3.09 -37.00 -2.69
C ALA F 25 -1.62 -36.65 -2.76
N ILE F 26 -1.18 -35.83 -1.83
CA ILE F 26 0.15 -35.29 -1.87
C ILE F 26 1.03 -35.67 -0.70
N GLY F 27 2.27 -36.03 -1.02
CA GLY F 27 3.27 -36.37 -0.01
C GLY F 27 3.99 -35.10 0.41
N LEU F 28 5.22 -34.88 -0.09
CA LEU F 28 5.99 -33.68 0.29
C LEU F 28 5.87 -32.54 -0.73
N ALA F 29 5.14 -32.79 -1.79
CA ALA F 29 5.01 -31.85 -2.90
C ALA F 29 3.98 -30.79 -2.60
N TRP F 30 3.43 -30.83 -1.39
CA TRP F 30 2.44 -29.89 -0.88
C TRP F 30 3.04 -28.53 -0.71
N ILE F 31 4.34 -28.49 -0.61
CA ILE F 31 5.07 -27.27 -0.41
C ILE F 31 4.83 -26.45 -1.67
N PRO F 32 4.47 -25.17 -1.56
CA PRO F 32 4.13 -24.28 -2.65
C PRO F 32 5.09 -24.27 -3.82
N TYR F 33 6.38 -24.49 -3.60
CA TYR F 33 7.26 -24.44 -4.75
C TYR F 33 7.87 -25.77 -5.10
N PHE F 34 7.31 -26.84 -4.53
CA PHE F 34 7.78 -28.18 -4.85
C PHE F 34 6.76 -28.91 -5.73
N GLY F 35 5.68 -28.23 -6.08
CA GLY F 35 4.67 -28.83 -6.94
C GLY F 35 4.66 -28.01 -8.22
N PRO F 36 4.00 -28.46 -9.29
CA PRO F 36 3.90 -27.77 -10.56
C PRO F 36 3.44 -26.32 -10.40
N ALA F 37 2.46 -26.13 -9.52
CA ALA F 37 1.82 -24.87 -9.14
C ALA F 37 1.19 -24.11 -10.32
N ALA F 38 0.97 -24.78 -11.44
CA ALA F 38 0.37 -24.16 -12.60
C ALA F 38 -0.48 -25.14 -13.39
N GLU F 39 0.13 -25.92 -14.28
CA GLU F 39 -0.64 -26.84 -15.13
C GLU F 39 -0.86 -28.25 -14.56
N GLY F 40 0.01 -28.68 -13.65
CA GLY F 40 -0.02 -30.06 -13.12
C GLY F 40 -0.81 -30.19 -11.82
N ILE F 41 -1.77 -29.30 -11.65
CA ILE F 41 -2.57 -29.20 -10.44
C ILE F 41 -4.06 -29.41 -10.72
N TYR F 42 -4.35 -30.10 -11.83
CA TYR F 42 -5.70 -30.40 -12.27
C TYR F 42 -5.78 -31.87 -12.64
N THR F 43 -6.98 -32.42 -12.55
CA THR F 43 -7.21 -33.78 -12.97
C THR F 43 -8.17 -33.71 -14.14
N GLU F 44 -8.30 -34.77 -14.90
CA GLU F 44 -9.22 -34.70 -16.01
C GLU F 44 -9.65 -36.05 -16.50
N GLY F 45 -10.61 -36.04 -17.41
CA GLY F 45 -11.08 -37.28 -18.00
C GLY F 45 -12.17 -37.04 -19.02
N ILE F 46 -12.64 -38.13 -19.60
CA ILE F 46 -13.67 -38.09 -20.60
C ILE F 46 -14.83 -39.00 -20.19
N MET F 47 -16.05 -38.49 -20.30
CA MET F 47 -17.22 -39.27 -19.95
C MET F 47 -18.33 -39.14 -21.00
N HIS F 48 -19.15 -40.18 -21.11
CA HIS F 48 -20.30 -40.11 -21.97
C HIS F 48 -21.39 -39.36 -21.25
N ASN F 49 -22.27 -38.73 -22.00
CA ASN F 49 -23.37 -38.02 -21.40
C ASN F 49 -24.51 -38.89 -21.00
N GLN F 50 -24.30 -39.63 -19.93
CA GLN F 50 -25.27 -40.55 -19.44
C GLN F 50 -26.53 -39.78 -19.11
N ASN F 51 -27.64 -40.25 -19.64
CA ASN F 51 -28.99 -39.71 -19.46
C ASN F 51 -29.19 -38.30 -19.97
N GLY F 52 -28.24 -37.76 -20.73
CA GLY F 52 -28.40 -36.42 -21.25
C GLY F 52 -28.09 -35.36 -20.19
N LEU F 53 -27.49 -35.78 -19.08
CA LEU F 53 -27.20 -34.90 -17.97
C LEU F 53 -26.35 -33.69 -18.33
N ILE F 54 -25.32 -33.86 -19.11
CA ILE F 54 -24.44 -32.74 -19.41
C ILE F 54 -25.15 -31.64 -20.21
N CYS F 55 -25.98 -32.00 -21.21
CA CYS F 55 -26.75 -31.09 -22.06
C CYS F 55 -27.75 -30.35 -21.16
N GLY F 56 -28.29 -31.08 -20.18
CA GLY F 56 -29.20 -30.49 -19.22
C GLY F 56 -28.45 -29.44 -18.40
N LEU F 57 -27.21 -29.74 -18.02
CA LEU F 57 -26.40 -28.80 -17.29
C LEU F 57 -26.06 -27.60 -18.14
N ARG F 58 -25.87 -27.78 -19.45
CA ARG F 58 -25.58 -26.61 -20.27
C ARG F 58 -26.75 -25.63 -20.19
N GLN F 59 -27.97 -26.15 -20.23
CA GLN F 59 -29.13 -25.29 -20.15
C GLN F 59 -29.21 -24.64 -18.78
N LEU F 60 -28.86 -25.40 -17.73
CA LEU F 60 -28.87 -24.88 -16.39
C LEU F 60 -27.91 -23.74 -16.27
N ALA F 61 -26.70 -23.95 -16.75
CA ALA F 61 -25.64 -22.97 -16.62
C ALA F 61 -25.99 -21.65 -17.29
N ASN F 62 -26.67 -21.68 -18.46
CA ASN F 62 -27.11 -20.49 -19.20
C ASN F 62 -28.19 -19.72 -18.39
N GLU F 63 -29.15 -20.45 -17.78
CA GLU F 63 -30.21 -19.88 -16.93
C GLU F 63 -29.62 -19.32 -15.63
N THR F 64 -28.60 -20.03 -15.12
CA THR F 64 -27.90 -19.67 -13.91
C THR F 64 -27.15 -18.39 -14.16
N THR F 65 -26.53 -18.26 -15.32
CA THR F 65 -25.79 -17.07 -15.68
C THR F 65 -26.70 -15.86 -15.58
N GLN F 66 -27.92 -15.95 -16.10
CA GLN F 66 -28.78 -14.80 -15.89
C GLN F 66 -29.02 -14.49 -14.43
N ALA F 67 -29.34 -15.51 -13.64
CA ALA F 67 -29.61 -15.27 -12.22
C ALA F 67 -28.40 -14.72 -11.49
N LEU F 68 -27.24 -15.21 -11.86
CA LEU F 68 -25.98 -14.88 -11.28
C LEU F 68 -25.56 -13.49 -11.60
N GLN F 69 -25.70 -13.06 -12.83
CA GLN F 69 -25.29 -11.71 -13.11
C GLN F 69 -26.26 -10.72 -12.50
N LEU F 70 -27.53 -11.08 -12.39
CA LEU F 70 -28.46 -10.17 -11.74
C LEU F 70 -28.05 -10.02 -10.29
N PHE F 71 -27.64 -11.12 -9.68
CA PHE F 71 -27.11 -11.11 -8.32
C PHE F 71 -25.85 -10.26 -8.22
N LEU F 72 -24.90 -10.47 -9.09
CA LEU F 72 -23.64 -9.77 -9.02
C LEU F 72 -23.84 -8.28 -9.16
N ARG F 73 -24.76 -7.88 -10.01
CA ARG F 73 -25.02 -6.47 -10.25
C ARG F 73 -25.62 -5.81 -9.01
N ALA F 74 -26.12 -6.60 -8.08
CA ALA F 74 -26.75 -6.14 -6.86
C ALA F 74 -25.74 -5.98 -5.72
N THR F 75 -24.46 -6.29 -5.96
CA THR F 75 -23.43 -6.18 -4.92
C THR F 75 -22.23 -5.33 -5.28
N THR F 76 -21.36 -5.19 -4.29
CA THR F 76 -20.11 -4.45 -4.39
C THR F 76 -18.90 -5.36 -4.38
N GLU F 77 -19.09 -6.61 -3.99
CA GLU F 77 -17.98 -7.54 -3.94
C GLU F 77 -17.50 -7.76 -5.36
N LEU F 78 -16.19 -7.69 -5.58
CA LEU F 78 -15.67 -7.91 -6.93
C LEU F 78 -15.39 -9.35 -7.26
N ARG F 79 -14.66 -10.04 -6.41
CA ARG F 79 -14.32 -11.42 -6.70
C ARG F 79 -14.89 -12.30 -5.65
N THR F 80 -15.93 -13.02 -6.01
CA THR F 80 -16.55 -13.79 -4.97
C THR F 80 -16.37 -15.27 -5.17
N PHE F 81 -16.74 -15.98 -4.13
CA PHE F 81 -16.65 -17.42 -4.06
C PHE F 81 -17.48 -17.82 -2.88
N SER F 82 -17.76 -16.82 -2.06
CA SER F 82 -18.52 -16.91 -0.82
C SER F 82 -19.98 -17.15 -1.16
N ILE F 83 -20.28 -16.95 -2.43
CA ILE F 83 -21.56 -17.12 -3.08
C ILE F 83 -22.00 -18.57 -3.00
N LEU F 84 -21.06 -19.53 -3.03
CA LEU F 84 -21.47 -20.91 -2.98
C LEU F 84 -21.65 -21.31 -1.54
N ASN F 85 -20.88 -20.68 -0.66
CA ASN F 85 -21.04 -20.95 0.75
C ASN F 85 -22.36 -20.33 1.17
N ARG F 86 -22.72 -19.22 0.52
CA ARG F 86 -23.97 -18.57 0.79
C ARG F 86 -25.07 -19.51 0.38
N LYS F 87 -24.92 -20.23 -0.73
CA LYS F 87 -25.96 -21.19 -1.06
C LYS F 87 -26.07 -22.24 0.06
N ALA F 88 -24.93 -22.69 0.63
CA ALA F 88 -24.99 -23.64 1.74
C ALA F 88 -25.73 -23.04 2.94
N ILE F 89 -25.54 -21.75 3.16
CA ILE F 89 -26.19 -21.08 4.26
C ILE F 89 -27.68 -21.03 4.03
N ASP F 90 -28.12 -20.65 2.82
CA ASP F 90 -29.55 -20.61 2.53
C ASP F 90 -30.14 -22.00 2.65
N PHE F 91 -29.39 -23.02 2.27
CA PHE F 91 -29.88 -24.39 2.40
C PHE F 91 -30.21 -24.67 3.87
N LEU F 92 -29.26 -24.38 4.76
CA LEU F 92 -29.46 -24.60 6.18
C LEU F 92 -30.58 -23.73 6.76
N LEU F 93 -30.68 -22.47 6.33
CA LEU F 93 -31.70 -21.57 6.84
C LEU F 93 -33.09 -21.92 6.34
N GLN F 94 -33.16 -22.36 5.09
CA GLN F 94 -34.41 -22.74 4.48
C GLN F 94 -35.03 -23.83 5.27
N ARG F 95 -34.17 -24.79 5.57
CA ARG F 95 -34.52 -26.01 6.18
C ARG F 95 -34.80 -25.86 7.68
N TRP F 96 -34.06 -24.97 8.35
CA TRP F 96 -34.26 -24.73 9.76
C TRP F 96 -33.89 -23.30 10.07
N GLY F 97 -34.78 -22.38 9.71
CA GLY F 97 -34.55 -20.94 9.86
C GLY F 97 -35.01 -20.37 11.20
N GLY F 98 -35.64 -21.19 12.01
CA GLY F 98 -36.17 -20.74 13.28
C GLY F 98 -36.50 -21.96 14.10
N THR F 99 -37.77 -22.17 14.31
CA THR F 99 -38.21 -23.34 15.03
C THR F 99 -38.32 -24.54 14.09
N CYS F 100 -38.35 -25.76 14.70
CA CYS F 100 -38.61 -27.02 14.03
C CYS F 100 -40.04 -27.47 14.29
N HIS F 101 -40.77 -27.63 13.21
CA HIS F 101 -42.11 -28.14 13.27
C HIS F 101 -41.96 -29.62 13.06
N ILE F 102 -42.11 -30.41 14.11
CA ILE F 102 -41.80 -31.83 13.98
C ILE F 102 -42.58 -32.59 12.94
N LEU F 103 -43.87 -32.35 12.85
CA LEU F 103 -44.63 -33.09 11.85
C LEU F 103 -44.81 -32.26 10.60
N GLY F 104 -44.12 -31.15 10.51
CA GLY F 104 -44.29 -30.30 9.37
C GLY F 104 -43.36 -30.72 8.26
N PRO F 105 -43.74 -30.48 7.00
CA PRO F 105 -43.00 -30.76 5.80
C PRO F 105 -41.81 -29.83 5.69
N ASP F 106 -41.82 -28.81 6.54
CA ASP F 106 -40.83 -27.75 6.56
C ASP F 106 -39.54 -28.05 7.32
N CYS F 107 -39.54 -28.94 8.37
CA CYS F 107 -38.35 -29.18 9.21
C CYS F 107 -37.44 -30.24 8.58
N CYS F 108 -38.02 -31.22 7.88
CA CYS F 108 -37.25 -32.28 7.25
C CYS F 108 -36.45 -33.05 8.30
N ILE F 109 -37.19 -33.32 9.33
CA ILE F 109 -36.80 -34.07 10.46
C ILE F 109 -37.48 -35.36 10.25
N GLU F 110 -36.83 -36.44 10.63
CA GLU F 110 -37.39 -37.76 10.46
C GLU F 110 -37.84 -38.34 11.81
N PRO F 111 -39.03 -37.96 12.32
CA PRO F 111 -39.61 -38.38 13.55
C PRO F 111 -40.30 -39.70 13.39
N HIS F 112 -40.35 -40.22 12.17
CA HIS F 112 -41.19 -41.36 11.95
C HIS F 112 -40.66 -42.57 12.65
N ASP F 113 -39.34 -42.74 12.73
CA ASP F 113 -38.86 -43.93 13.38
C ASP F 113 -38.75 -43.75 14.89
N TRP F 114 -39.24 -42.60 15.41
CA TRP F 114 -39.35 -42.38 16.83
C TRP F 114 -40.43 -43.30 17.31
N THR F 115 -41.29 -43.75 16.40
CA THR F 115 -42.34 -44.68 16.71
C THR F 115 -41.74 -45.89 17.37
N LYS F 116 -40.58 -46.38 16.90
CA LYS F 116 -40.10 -47.58 17.56
C LYS F 116 -39.91 -47.36 19.07
N ASN F 117 -39.20 -46.27 19.47
CA ASN F 117 -38.90 -45.92 20.87
C ASN F 117 -40.14 -45.42 21.64
N ILE F 118 -41.09 -44.73 20.97
CA ILE F 118 -42.34 -44.23 21.56
C ILE F 118 -43.27 -45.38 21.81
N THR F 119 -43.39 -46.30 20.87
CA THR F 119 -44.23 -47.46 21.05
C THR F 119 -43.67 -48.29 22.19
N ASP F 120 -42.34 -48.50 22.22
CA ASP F 120 -41.81 -49.31 23.32
C ASP F 120 -42.18 -48.69 24.68
N LYS F 121 -42.17 -47.35 24.79
CA LYS F 121 -42.55 -46.69 26.05
C LYS F 121 -44.05 -46.78 26.34
N ILE F 122 -44.89 -46.59 25.31
CA ILE F 122 -46.34 -46.62 25.46
C ILE F 122 -46.81 -47.99 25.90
N ASP F 123 -46.20 -49.04 25.34
CA ASP F 123 -46.53 -50.42 25.67
C ASP F 123 -46.24 -50.85 27.13
N GLN F 124 -45.46 -50.06 27.94
CA GLN F 124 -45.11 -50.41 29.33
C GLN F 124 -46.26 -49.99 30.24
N ILE G 33 -22.05 -7.35 17.67
CA ILE G 33 -23.05 -6.70 16.84
C ILE G 33 -24.46 -7.17 17.27
N PRO G 34 -25.38 -6.26 17.80
CA PRO G 34 -26.77 -6.55 18.15
C PRO G 34 -27.51 -6.68 16.84
N LEU G 35 -28.59 -7.43 16.80
CA LEU G 35 -29.30 -7.54 15.55
C LEU G 35 -30.71 -7.06 15.66
N GLY G 36 -31.04 -6.07 14.85
CA GLY G 36 -32.39 -5.58 14.97
C GLY G 36 -33.26 -6.55 14.22
N VAL G 37 -34.47 -6.72 14.66
CA VAL G 37 -35.40 -7.58 13.98
C VAL G 37 -36.71 -6.86 13.80
N VAL G 38 -37.27 -6.90 12.60
CA VAL G 38 -38.57 -6.27 12.46
C VAL G 38 -39.62 -7.38 12.59
N HIS G 39 -40.52 -7.17 13.54
CA HIS G 39 -41.54 -8.15 13.86
C HIS G 39 -42.86 -7.47 14.14
N ASN G 40 -43.90 -7.86 13.42
CA ASN G 40 -45.22 -7.24 13.58
C ASN G 40 -45.12 -5.71 13.39
N ASN G 41 -44.32 -5.31 12.41
CA ASN G 41 -44.08 -3.91 12.02
C ASN G 41 -43.36 -3.10 13.10
N THR G 42 -42.82 -3.76 14.10
CA THR G 42 -42.11 -3.11 15.17
C THR G 42 -40.64 -3.45 15.14
N LEU G 43 -39.80 -2.45 15.34
CA LEU G 43 -38.40 -2.79 15.40
C LEU G 43 -38.02 -3.09 16.82
N GLN G 44 -37.58 -4.31 17.00
CA GLN G 44 -37.18 -4.83 18.27
C GLN G 44 -35.70 -5.05 18.17
N VAL G 45 -34.99 -5.03 19.27
CA VAL G 45 -33.58 -5.33 19.15
C VAL G 45 -33.27 -6.60 19.89
N SER G 46 -32.69 -7.55 19.16
CA SER G 46 -32.37 -8.81 19.76
C SER G 46 -30.91 -8.81 20.16
N ASP G 47 -30.71 -8.84 21.47
CA ASP G 47 -29.38 -8.87 22.00
C ASP G 47 -28.91 -10.23 21.53
N ILE G 48 -27.65 -10.37 21.16
CA ILE G 48 -27.24 -11.67 20.63
C ILE G 48 -27.35 -12.77 21.66
N ASP G 49 -27.06 -12.48 22.90
CA ASP G 49 -27.14 -13.46 23.96
C ASP G 49 -28.55 -13.96 24.29
N LYS G 50 -29.58 -13.27 23.82
CA LYS G 50 -30.95 -13.66 24.11
C LYS G 50 -31.47 -14.47 22.95
N LEU G 51 -32.15 -15.57 23.26
CA LEU G 51 -32.66 -16.41 22.19
C LEU G 51 -34.13 -16.19 21.91
N VAL G 52 -34.41 -15.81 20.69
CA VAL G 52 -35.77 -15.60 20.27
C VAL G 52 -36.11 -16.66 19.21
N CYS G 53 -36.86 -17.73 19.61
CA CYS G 53 -37.18 -18.86 18.74
C CYS G 53 -38.21 -18.49 17.69
N ARG G 54 -39.01 -17.47 17.97
CA ARG G 54 -40.02 -17.02 17.03
C ARG G 54 -39.43 -16.31 15.82
N ASP G 55 -38.16 -15.94 15.85
CA ASP G 55 -37.59 -15.22 14.73
C ASP G 55 -37.15 -16.21 13.69
N LYS G 56 -37.73 -16.13 12.51
CA LYS G 56 -37.37 -17.07 11.48
C LYS G 56 -36.66 -16.42 10.31
N LEU G 57 -35.45 -16.91 10.10
CA LEU G 57 -34.57 -16.51 9.06
C LEU G 57 -34.45 -17.65 8.08
N SER G 58 -35.26 -17.63 7.03
CA SER G 58 -35.31 -18.71 6.06
C SER G 58 -34.27 -18.51 4.99
N SER G 59 -33.85 -17.27 4.81
CA SER G 59 -32.88 -16.95 3.78
C SER G 59 -32.06 -15.74 4.09
N THR G 60 -30.85 -15.69 3.53
CA THR G 60 -29.97 -14.54 3.70
C THR G 60 -30.54 -13.32 2.98
N SER G 61 -31.58 -13.51 2.19
CA SER G 61 -32.28 -12.44 1.49
C SER G 61 -32.99 -11.52 2.49
N GLN G 62 -33.14 -12.01 3.72
CA GLN G 62 -33.76 -11.28 4.81
C GLN G 62 -32.73 -10.48 5.58
N LEU G 63 -31.46 -10.60 5.22
CA LEU G 63 -30.42 -9.92 5.97
C LEU G 63 -29.89 -8.69 5.26
N LYS G 64 -30.14 -7.54 5.85
CA LYS G 64 -29.74 -6.30 5.20
C LYS G 64 -28.97 -5.35 6.08
N SER G 65 -27.88 -4.85 5.53
CA SER G 65 -27.05 -3.85 6.13
C SER G 65 -27.51 -2.50 5.59
N VAL G 66 -27.85 -1.62 6.50
CA VAL G 66 -28.43 -0.34 6.17
C VAL G 66 -27.54 0.85 6.54
N GLY G 67 -27.32 1.76 5.59
CA GLY G 67 -26.56 2.98 5.83
C GLY G 67 -27.53 4.11 6.17
N LEU G 68 -27.31 4.78 7.29
CA LEU G 68 -28.21 5.84 7.73
C LEU G 68 -27.45 7.15 7.83
N ASN G 69 -28.08 8.26 7.51
CA ASN G 69 -27.34 9.52 7.50
C ASN G 69 -27.44 10.27 8.82
N LEU G 70 -26.41 11.09 9.13
CA LEU G 70 -26.41 11.92 10.34
C LEU G 70 -27.16 13.20 10.06
N GLU G 71 -28.43 13.03 9.77
CA GLU G 71 -29.30 14.12 9.44
C GLU G 71 -30.53 13.83 10.22
N GLY G 72 -30.72 12.53 10.41
CA GLY G 72 -31.95 12.04 10.99
C GLY G 72 -31.94 12.12 12.49
N ASN G 73 -30.82 12.62 13.00
CA ASN G 73 -30.57 12.81 14.39
C ASN G 73 -30.66 14.29 14.78
N GLY G 74 -31.04 15.14 13.82
CA GLY G 74 -31.19 16.56 14.08
C GLY G 74 -29.88 17.36 14.19
N VAL G 75 -28.78 16.95 13.55
CA VAL G 75 -27.55 17.74 13.72
C VAL G 75 -27.16 18.54 12.48
N ALA G 76 -26.28 19.53 12.66
CA ALA G 76 -25.84 20.38 11.55
C ALA G 76 -25.08 19.60 10.50
N THR G 77 -25.36 19.93 9.24
CA THR G 77 -24.79 19.32 8.05
C THR G 77 -23.98 20.27 7.17
N ASP G 78 -23.60 21.44 7.67
CA ASP G 78 -22.92 22.40 6.82
C ASP G 78 -21.42 22.14 6.67
N VAL G 79 -20.76 22.95 5.86
CA VAL G 79 -19.36 22.73 5.62
C VAL G 79 -18.44 23.01 6.80
N PRO G 80 -18.49 24.18 7.46
CA PRO G 80 -17.69 24.48 8.63
C PRO G 80 -17.81 23.39 9.69
N THR G 81 -19.02 22.84 9.85
CA THR G 81 -19.25 21.81 10.84
C THR G 81 -18.63 20.54 10.38
N ALA G 82 -18.83 20.21 9.12
CA ALA G 82 -18.28 18.98 8.62
C ALA G 82 -16.78 19.02 8.75
N THR G 83 -16.20 20.18 8.54
CA THR G 83 -14.77 20.30 8.67
C THR G 83 -14.39 20.03 10.12
N LYS G 84 -15.15 20.59 11.07
CA LYS G 84 -14.86 20.33 12.48
C LYS G 84 -14.96 18.83 12.81
N ARG G 85 -15.84 18.12 12.10
CA ARG G 85 -16.07 16.70 12.29
C ARG G 85 -15.00 15.84 11.62
N TRP G 86 -14.05 16.44 10.92
CA TRP G 86 -13.00 15.70 10.24
C TRP G 86 -11.62 15.97 10.84
N GLY G 87 -10.72 15.01 10.74
CA GLY G 87 -9.33 15.24 11.19
C GLY G 87 -8.42 14.19 10.66
N PHE G 88 -7.13 14.19 11.04
CA PHE G 88 -6.23 13.17 10.50
C PHE G 88 -5.46 12.38 11.56
N ARG G 89 -5.31 11.06 11.32
CA ARG G 89 -4.40 10.22 12.12
C ARG G 89 -3.82 9.03 11.36
N ALA G 90 -2.51 8.87 11.49
CA ALA G 90 -1.74 7.79 10.89
C ALA G 90 -1.63 6.61 11.83
N GLY G 91 -1.36 5.42 11.30
CA GLY G 91 -1.17 4.25 12.15
C GLY G 91 -2.45 3.48 12.35
N VAL G 92 -3.46 3.86 11.59
CA VAL G 92 -4.75 3.22 11.66
C VAL G 92 -4.92 2.40 10.39
N PRO G 93 -5.13 1.09 10.43
CA PRO G 93 -5.39 0.33 9.24
C PRO G 93 -6.69 0.88 8.66
N PRO G 94 -6.88 0.95 7.35
CA PRO G 94 -8.10 1.38 6.71
C PRO G 94 -9.18 0.34 6.88
N LYS G 95 -10.44 0.74 6.95
CA LYS G 95 -11.55 -0.21 7.05
C LYS G 95 -12.75 0.19 6.25
N VAL G 96 -13.33 -0.80 5.56
CA VAL G 96 -14.52 -0.67 4.74
C VAL G 96 -15.53 -1.81 5.03
N VAL G 97 -16.81 -1.50 5.06
CA VAL G 97 -17.83 -2.52 5.20
C VAL G 97 -18.84 -2.32 4.07
N ASN G 98 -19.53 -3.35 3.62
CA ASN G 98 -20.54 -3.07 2.61
C ASN G 98 -21.89 -2.82 3.21
N TYR G 99 -22.82 -2.40 2.37
CA TYR G 99 -24.20 -2.32 2.81
C TYR G 99 -25.12 -2.46 1.60
N GLU G 100 -26.41 -2.79 1.81
CA GLU G 100 -27.40 -3.00 0.75
C GLU G 100 -28.46 -1.92 0.55
N ALA G 101 -28.74 -1.19 1.60
CA ALA G 101 -29.83 -0.23 1.59
C ALA G 101 -29.49 0.93 2.46
N GLY G 102 -30.25 2.00 2.38
CA GLY G 102 -29.93 3.14 3.20
C GLY G 102 -30.86 4.31 3.03
N GLU G 103 -30.48 5.40 3.68
CA GLU G 103 -31.22 6.64 3.67
C GLU G 103 -30.74 7.59 2.57
N TRP G 104 -31.63 8.44 2.10
CA TRP G 104 -31.29 9.54 1.19
C TRP G 104 -30.68 10.68 1.96
N ALA G 105 -29.71 11.36 1.36
CA ALA G 105 -29.13 12.47 2.06
C ALA G 105 -29.62 13.80 1.54
N GLU G 106 -29.84 14.72 2.46
CA GLU G 106 -30.10 16.10 2.12
C GLU G 106 -28.77 16.64 1.65
N ASN G 107 -27.71 16.26 2.39
CA ASN G 107 -26.38 16.73 2.10
C ASN G 107 -25.29 15.64 2.14
N CYS G 108 -24.38 15.69 1.16
CA CYS G 108 -23.19 14.86 1.03
C CYS G 108 -21.99 15.76 0.82
N TYR G 109 -20.82 15.18 0.83
CA TYR G 109 -19.61 15.93 0.62
C TYR G 109 -18.84 15.26 -0.49
N ASN G 110 -18.07 16.03 -1.22
CA ASN G 110 -17.17 15.48 -2.25
C ASN G 110 -15.86 16.18 -2.09
N LEU G 111 -14.88 15.50 -1.55
CA LEU G 111 -13.69 16.22 -1.16
C LEU G 111 -12.46 15.92 -2.00
N ASP G 112 -11.74 16.97 -2.38
CA ASP G 112 -10.48 16.84 -3.10
C ASP G 112 -9.56 17.83 -2.42
N ILE G 113 -8.94 17.32 -1.38
CA ILE G 113 -8.21 18.09 -0.41
C ILE G 113 -6.73 18.03 -0.71
N LYS G 114 -6.12 19.19 -0.86
CA LYS G 114 -4.72 19.31 -1.24
C LYS G 114 -3.87 20.06 -0.24
N LYS G 115 -2.59 19.85 -0.33
CA LYS G 115 -1.66 20.59 0.49
C LYS G 115 -1.34 21.86 -0.23
N ALA G 116 -0.70 22.79 0.47
CA ALA G 116 -0.38 24.06 -0.17
C ALA G 116 0.43 23.89 -1.43
N ASP G 117 1.29 22.87 -1.49
CA ASP G 117 2.13 22.63 -2.65
C ASP G 117 1.45 21.84 -3.77
N GLY G 118 0.17 21.53 -3.60
CA GLY G 118 -0.61 20.83 -4.60
C GLY G 118 -0.66 19.32 -4.44
N SER G 119 0.07 18.77 -3.48
CA SER G 119 0.06 17.33 -3.29
C SER G 119 -1.24 16.90 -2.64
N GLU G 120 -1.57 15.64 -2.77
CA GLU G 120 -2.79 15.08 -2.21
C GLU G 120 -2.76 14.92 -0.69
N CYS G 121 -3.91 15.18 -0.01
CA CYS G 121 -4.13 14.92 1.40
C CYS G 121 -4.87 13.61 1.59
N LEU G 122 -5.75 13.31 0.67
CA LEU G 122 -6.60 12.13 0.77
C LEU G 122 -6.07 10.98 -0.06
N PRO G 123 -6.36 9.75 0.34
CA PRO G 123 -6.08 8.54 -0.39
C PRO G 123 -6.99 8.47 -1.58
N GLU G 124 -6.59 7.72 -2.58
CA GLU G 124 -7.44 7.52 -3.73
C GLU G 124 -8.48 6.52 -3.37
N ALA G 125 -9.66 6.65 -3.95
CA ALA G 125 -10.66 5.64 -3.69
C ALA G 125 -10.13 4.34 -4.30
N PRO G 126 -10.12 3.22 -3.59
CA PRO G 126 -9.70 1.93 -4.06
C PRO G 126 -10.71 1.37 -5.02
N GLU G 127 -10.29 0.45 -5.87
CA GLU G 127 -11.20 -0.16 -6.80
C GLU G 127 -12.42 -0.71 -6.10
N GLY G 128 -13.59 -0.36 -6.64
CA GLY G 128 -14.88 -0.77 -6.12
C GLY G 128 -15.57 0.38 -5.37
N VAL G 129 -14.82 1.40 -4.98
CA VAL G 129 -15.41 2.53 -4.29
C VAL G 129 -15.86 3.58 -5.26
N ARG G 130 -17.12 3.96 -5.12
CA ARG G 130 -17.77 4.93 -5.96
C ARG G 130 -18.46 5.96 -5.10
N GLY G 131 -18.58 7.19 -5.61
CA GLY G 131 -19.28 8.20 -4.85
C GLY G 131 -20.75 7.88 -4.74
N PHE G 132 -21.30 8.20 -3.59
CA PHE G 132 -22.69 8.01 -3.25
C PHE G 132 -23.59 8.91 -4.12
N PRO G 133 -24.52 8.34 -4.92
CA PRO G 133 -25.40 9.02 -5.86
C PRO G 133 -26.75 9.51 -5.34
N ARG G 134 -26.93 9.61 -4.05
CA ARG G 134 -28.28 9.93 -3.56
C ARG G 134 -28.29 11.09 -2.60
N CYS G 135 -28.00 12.30 -3.12
CA CYS G 135 -27.81 13.50 -2.33
C CYS G 135 -28.61 14.59 -3.02
N ARG G 136 -29.36 15.37 -2.27
CA ARG G 136 -30.02 16.53 -2.85
C ARG G 136 -28.99 17.63 -3.13
N TYR G 137 -28.03 17.77 -2.22
CA TYR G 137 -26.95 18.72 -2.36
C TYR G 137 -25.62 18.04 -2.06
N VAL G 138 -24.61 18.38 -2.83
CA VAL G 138 -23.28 17.87 -2.54
C VAL G 138 -22.30 18.99 -2.29
N HIS G 139 -21.71 18.99 -1.13
CA HIS G 139 -20.77 19.99 -0.75
C HIS G 139 -19.40 19.62 -1.23
N LYS G 140 -19.11 19.99 -2.47
CA LYS G 140 -17.84 19.65 -3.04
C LYS G 140 -16.84 20.66 -2.51
N VAL G 141 -15.77 20.18 -1.90
CA VAL G 141 -14.83 21.07 -1.27
C VAL G 141 -13.41 20.79 -1.71
N SER G 142 -12.72 21.86 -2.02
CA SER G 142 -11.31 21.76 -2.34
C SER G 142 -10.62 22.90 -1.63
N GLY G 143 -9.40 23.21 -2.03
CA GLY G 143 -8.62 24.22 -1.34
C GLY G 143 -7.43 23.54 -0.68
N THR G 144 -6.67 24.31 0.09
CA THR G 144 -5.45 23.78 0.66
C THR G 144 -5.27 23.96 2.16
N GLY G 145 -4.34 23.14 2.68
CA GLY G 145 -3.93 23.17 4.08
C GLY G 145 -2.81 22.20 4.40
N PRO G 146 -2.29 22.19 5.62
CA PRO G 146 -1.18 21.34 6.05
C PRO G 146 -1.39 19.81 6.07
N CYS G 147 -2.66 19.30 6.18
CA CYS G 147 -3.01 17.86 6.14
C CYS G 147 -2.04 16.94 6.91
N PRO G 148 -2.04 16.97 8.25
CA PRO G 148 -1.11 16.23 9.05
C PRO G 148 -1.19 14.80 8.58
N GLU G 149 -0.06 14.12 8.54
CA GLU G 149 -0.09 12.79 7.99
C GLU G 149 -1.02 11.89 8.73
N GLY G 150 -1.77 11.15 7.94
CA GLY G 150 -2.76 10.22 8.43
C GLY G 150 -3.90 10.18 7.47
N TYR G 151 -4.97 9.51 7.85
CA TYR G 151 -6.08 9.44 6.93
C TYR G 151 -7.03 10.45 7.43
N ALA G 152 -7.73 11.13 6.54
CA ALA G 152 -8.77 11.99 7.04
C ALA G 152 -9.86 11.06 7.53
N PHE G 153 -10.44 11.36 8.69
CA PHE G 153 -11.43 10.50 9.30
C PHE G 153 -12.48 11.29 10.06
N HIS G 154 -13.60 10.63 10.39
CA HIS G 154 -14.67 11.28 11.15
C HIS G 154 -14.42 11.28 12.67
N LYS G 155 -14.61 12.42 13.30
CA LYS G 155 -14.36 12.63 14.72
C LYS G 155 -15.22 11.85 15.67
N GLU G 156 -16.43 11.50 15.29
CA GLU G 156 -17.27 10.75 16.20
C GLU G 156 -17.33 9.31 15.74
N GLY G 157 -16.51 8.98 14.75
CA GLY G 157 -16.50 7.66 14.19
C GLY G 157 -17.65 7.45 13.22
N ALA G 158 -18.27 8.51 12.71
CA ALA G 158 -19.36 8.20 11.80
C ALA G 158 -18.73 7.61 10.56
N PHE G 159 -19.45 6.74 9.91
CA PHE G 159 -18.98 6.17 8.67
C PHE G 159 -19.22 7.11 7.54
N PHE G 160 -18.33 7.09 6.59
CA PHE G 160 -18.53 7.84 5.39
C PHE G 160 -19.25 6.86 4.53
N LEU G 161 -20.44 7.23 4.09
CA LEU G 161 -21.24 6.31 3.34
C LEU G 161 -21.11 6.62 1.88
N TYR G 162 -20.54 5.66 1.20
CA TYR G 162 -20.20 5.65 -0.20
C TYR G 162 -21.22 4.81 -0.90
N ASP G 163 -21.12 4.66 -2.19
CA ASP G 163 -22.17 3.92 -2.84
C ASP G 163 -22.09 2.45 -2.48
N ARG G 164 -22.98 2.02 -1.60
CA ARG G 164 -23.10 0.64 -1.10
C ARG G 164 -21.88 0.14 -0.33
N LEU G 165 -21.05 1.08 0.10
CA LEU G 165 -19.86 0.81 0.89
C LEU G 165 -19.70 1.88 1.95
N ALA G 166 -19.19 1.52 3.10
CA ALA G 166 -18.99 2.51 4.13
C ALA G 166 -17.62 2.37 4.70
N SER G 167 -17.00 3.47 5.05
CA SER G 167 -15.66 3.35 5.60
C SER G 167 -15.43 4.39 6.64
N THR G 168 -14.28 4.35 7.25
CA THR G 168 -13.96 5.34 8.26
C THR G 168 -12.98 6.40 7.72
N ILE G 169 -12.75 6.31 6.41
CA ILE G 169 -11.82 7.13 5.62
C ILE G 169 -12.44 7.91 4.47
N ILE G 170 -12.01 9.15 4.34
CA ILE G 170 -12.42 10.02 3.25
C ILE G 170 -11.56 9.75 2.00
N TYR G 171 -12.19 9.54 0.83
CA TYR G 171 -11.40 9.31 -0.38
C TYR G 171 -11.50 10.46 -1.38
N ARG G 172 -10.44 10.65 -2.17
CA ARG G 172 -10.43 11.75 -3.12
C ARG G 172 -11.53 11.76 -4.14
N SER G 173 -12.14 12.92 -4.23
CA SER G 173 -13.19 13.31 -5.15
C SER G 173 -14.36 12.36 -5.15
N THR G 174 -14.54 11.68 -4.04
CA THR G 174 -15.58 10.70 -3.95
C THR G 174 -16.69 11.18 -3.03
N THR G 175 -17.91 11.14 -3.52
CA THR G 175 -19.06 11.62 -2.76
C THR G 175 -19.44 10.70 -1.61
N PHE G 176 -19.70 11.27 -0.45
CA PHE G 176 -20.20 10.48 0.66
C PHE G 176 -21.10 11.26 1.58
N SER G 177 -21.94 10.56 2.30
CA SER G 177 -22.71 11.20 3.35
C SER G 177 -22.06 10.79 4.66
N GLU G 178 -22.36 11.46 5.74
CA GLU G 178 -21.83 10.99 7.01
C GLU G 178 -22.94 10.21 7.66
N GLY G 179 -22.63 9.11 8.33
CA GLY G 179 -23.67 8.31 8.92
C GLY G 179 -23.24 7.17 9.80
N VAL G 180 -24.21 6.32 10.07
CA VAL G 180 -24.10 5.16 10.93
C VAL G 180 -24.62 3.96 10.18
N VAL G 181 -24.35 2.76 10.66
CA VAL G 181 -24.90 1.61 9.96
C VAL G 181 -25.64 0.68 10.90
N ALA G 182 -26.56 -0.10 10.37
CA ALA G 182 -27.29 -1.06 11.18
C ALA G 182 -27.54 -2.34 10.44
N PHE G 183 -27.66 -3.42 11.18
CA PHE G 183 -27.95 -4.70 10.58
C PHE G 183 -29.25 -5.28 11.12
N LEU G 184 -30.17 -5.55 10.18
CA LEU G 184 -31.47 -6.12 10.49
C LEU G 184 -31.84 -7.47 9.85
N ILE G 185 -32.70 -8.21 10.57
CA ILE G 185 -33.40 -9.37 9.99
C ILE G 185 -34.79 -8.88 9.64
N LEU G 186 -35.13 -8.96 8.38
CA LEU G 186 -36.40 -8.47 7.94
C LEU G 186 -37.36 -9.65 7.80
N PRO G 187 -38.67 -9.44 7.99
CA PRO G 187 -39.74 -10.41 7.85
C PRO G 187 -39.96 -10.77 6.40
N GLU G 188 -40.55 -11.93 6.17
CA GLU G 188 -40.82 -12.38 4.82
C GLU G 188 -42.07 -11.73 4.25
N THR G 189 -41.93 -10.47 3.90
CA THR G 189 -43.03 -9.67 3.40
C THR G 189 -42.60 -8.65 2.35
N LYS G 190 -43.51 -8.29 1.46
CA LYS G 190 -43.15 -7.38 0.39
C LYS G 190 -43.28 -5.91 0.77
N LYS G 191 -42.28 -5.43 1.49
CA LYS G 191 -42.22 -4.03 1.95
C LYS G 191 -41.22 -3.17 1.20
N ASP G 192 -40.18 -3.79 0.66
CA ASP G 192 -39.07 -3.10 -0.01
C ASP G 192 -38.21 -2.13 0.84
N PHE G 193 -38.39 -2.13 2.19
CA PHE G 193 -37.66 -1.36 3.22
C PHE G 193 -36.78 -0.20 2.73
N THR G 215 -28.34 16.57 -9.81
CA THR G 215 -28.68 17.12 -8.52
C THR G 215 -27.91 18.46 -8.37
N VAL G 216 -27.83 19.06 -7.15
CA VAL G 216 -27.13 20.34 -6.93
C VAL G 216 -25.73 20.20 -6.35
N THR G 217 -24.74 20.71 -7.08
CA THR G 217 -23.37 20.66 -6.59
C THR G 217 -22.97 22.04 -6.13
N LEU G 218 -22.49 22.10 -4.91
CA LEU G 218 -22.03 23.31 -4.29
C LEU G 218 -20.53 23.19 -4.30
N ASN G 219 -19.82 24.30 -4.43
CA ASN G 219 -18.36 24.27 -4.50
C ASN G 219 -17.71 25.21 -3.51
N TYR G 220 -16.89 24.69 -2.61
CA TYR G 220 -16.29 25.54 -1.59
C TYR G 220 -14.77 25.56 -1.59
N VAL G 221 -14.22 26.68 -1.12
CA VAL G 221 -12.79 26.88 -0.99
C VAL G 221 -12.38 26.83 0.46
N ALA G 222 -11.57 25.84 0.80
CA ALA G 222 -11.10 25.58 2.15
C ALA G 222 -9.92 26.41 2.56
N ASP G 223 -9.79 26.54 3.88
CA ASP G 223 -8.73 27.27 4.54
C ASP G 223 -8.04 26.51 5.66
N ASN G 224 -7.01 25.75 5.32
CA ASN G 224 -6.24 24.94 6.24
C ASN G 224 -6.95 23.76 6.92
N PHE G 225 -8.17 23.49 6.50
CA PHE G 225 -8.92 22.33 6.96
C PHE G 225 -9.06 22.13 8.47
N GLY G 226 -9.40 23.14 9.26
CA GLY G 226 -9.60 22.90 10.68
C GLY G 226 -8.48 23.30 11.65
N THR G 227 -7.47 24.05 11.21
CA THR G 227 -6.38 24.46 12.10
C THR G 227 -6.78 25.64 13.01
N ASN G 228 -7.73 25.38 13.94
CA ASN G 228 -8.38 26.31 14.89
C ASN G 228 -9.27 27.34 14.13
N MET G 229 -8.64 28.18 13.28
CA MET G 229 -9.28 29.19 12.44
C MET G 229 -9.39 28.72 11.01
N THR G 230 -10.62 28.48 10.58
CA THR G 230 -10.90 28.05 9.23
C THR G 230 -12.08 28.82 8.69
N ASN G 231 -11.95 29.41 7.53
CA ASN G 231 -13.09 30.01 6.89
C ASN G 231 -13.26 29.47 5.49
N PHE G 232 -14.47 29.40 5.04
CA PHE G 232 -14.75 28.92 3.69
C PHE G 232 -15.37 29.93 2.82
N LEU G 233 -15.08 29.81 1.54
CA LEU G 233 -15.77 30.61 0.57
C LEU G 233 -16.67 29.69 -0.21
N PHE G 234 -17.81 30.18 -0.61
CA PHE G 234 -18.64 29.44 -1.53
C PHE G 234 -18.41 30.02 -2.91
N GLN G 235 -17.96 29.18 -3.81
CA GLN G 235 -17.59 29.60 -5.15
C GLN G 235 -18.64 29.31 -6.18
N VAL G 236 -18.90 30.31 -7.00
CA VAL G 236 -19.78 30.22 -8.13
C VAL G 236 -18.91 30.17 -9.38
N ASP G 237 -17.94 31.07 -9.39
CA ASP G 237 -16.97 31.19 -10.47
C ASP G 237 -15.67 31.72 -9.88
N HIS G 238 -14.64 31.87 -10.69
CA HIS G 238 -13.36 32.37 -10.16
C HIS G 238 -13.44 33.84 -9.78
N LEU G 239 -14.44 34.52 -10.31
CA LEU G 239 -14.69 35.92 -10.01
C LEU G 239 -15.86 36.11 -9.09
N THR G 240 -16.52 35.02 -8.70
CA THR G 240 -17.75 35.15 -7.94
C THR G 240 -17.80 34.26 -6.71
N TYR G 241 -17.77 34.88 -5.54
CA TYR G 241 -17.82 34.15 -4.28
C TYR G 241 -18.73 34.74 -3.23
N VAL G 242 -19.11 33.88 -2.32
CA VAL G 242 -19.89 34.18 -1.14
C VAL G 242 -19.10 33.86 0.12
N GLN G 243 -19.07 34.78 1.07
CA GLN G 243 -18.40 34.39 2.31
C GLN G 243 -19.32 33.36 2.93
N LEU G 244 -18.81 32.22 3.40
CA LEU G 244 -19.75 31.25 3.95
C LEU G 244 -19.97 31.38 5.45
N GLU G 245 -21.21 31.63 5.81
CA GLU G 245 -21.59 31.72 7.20
C GLU G 245 -22.35 30.44 7.54
N PRO G 246 -22.00 29.71 8.63
CA PRO G 246 -22.57 28.44 9.08
C PRO G 246 -24.08 28.41 9.30
N ARG G 247 -24.72 29.55 9.46
CA ARG G 247 -26.15 29.47 9.71
C ARG G 247 -26.96 29.37 8.42
N PHE G 248 -26.30 29.37 7.27
CA PHE G 248 -27.04 29.28 6.04
C PHE G 248 -27.04 27.90 5.40
N THR G 249 -28.20 27.55 4.87
CA THR G 249 -28.49 26.30 4.20
C THR G 249 -28.07 26.28 2.72
N PRO G 250 -27.98 25.09 2.08
CA PRO G 250 -27.77 24.91 0.65
C PRO G 250 -28.76 25.67 -0.20
N GLN G 251 -29.99 25.81 0.28
CA GLN G 251 -30.99 26.53 -0.48
C GLN G 251 -30.67 28.00 -0.44
N PHE G 252 -30.20 28.46 0.71
CA PHE G 252 -29.79 29.83 0.83
C PHE G 252 -28.70 30.15 -0.13
N LEU G 253 -27.70 29.27 -0.19
CA LEU G 253 -26.56 29.53 -1.04
C LEU G 253 -26.99 29.61 -2.49
N VAL G 254 -27.94 28.77 -2.90
CA VAL G 254 -28.40 28.85 -4.27
C VAL G 254 -29.12 30.17 -4.51
N GLN G 255 -29.97 30.58 -3.57
CA GLN G 255 -30.72 31.83 -3.71
C GLN G 255 -29.80 33.05 -3.73
N LEU G 256 -28.77 33.03 -2.90
CA LEU G 256 -27.80 34.12 -2.90
C LEU G 256 -26.99 34.12 -4.19
N ASN G 257 -26.62 32.91 -4.74
CA ASN G 257 -25.93 32.75 -6.01
C ASN G 257 -26.73 33.41 -7.16
N GLU G 258 -28.09 33.22 -7.18
CA GLU G 258 -29.00 33.80 -8.17
C GLU G 258 -29.03 35.32 -8.04
N THR G 259 -28.98 35.83 -6.81
CA THR G 259 -28.95 37.26 -6.58
C THR G 259 -27.66 37.90 -7.08
N ILE G 260 -26.51 37.32 -6.75
CA ILE G 260 -25.21 37.86 -7.15
C ILE G 260 -25.08 37.76 -8.66
N TYR G 261 -25.50 36.61 -9.21
CA TYR G 261 -25.53 36.29 -10.62
C TYR G 261 -26.27 37.37 -11.38
N THR G 262 -27.46 37.71 -10.89
CA THR G 262 -28.23 38.77 -11.50
C THR G 262 -27.50 40.10 -11.39
N ASN G 263 -26.95 40.42 -10.22
CA ASN G 263 -26.32 41.72 -10.03
C ASN G 263 -24.84 41.78 -10.43
N GLY G 264 -24.57 41.40 -11.67
CA GLY G 264 -23.25 41.52 -12.32
C GLY G 264 -22.19 40.39 -12.17
N ARG G 265 -22.39 39.41 -11.25
CA ARG G 265 -21.41 38.34 -10.96
C ARG G 265 -22.12 37.05 -10.58
N LEU G 273 -14.30 40.39 -5.31
CA LEU G 273 -14.82 39.17 -5.92
C LEU G 273 -15.63 38.28 -4.93
N ILE G 274 -15.50 38.52 -3.59
CA ILE G 274 -16.18 37.78 -2.52
C ILE G 274 -17.09 38.70 -1.72
N TRP G 275 -18.37 38.34 -1.63
CA TRP G 275 -19.34 39.19 -0.96
C TRP G 275 -20.05 38.59 0.25
N LYS G 276 -20.49 39.47 1.16
CA LYS G 276 -21.23 39.09 2.36
C LYS G 276 -22.75 39.10 2.22
N VAL G 277 -23.40 38.36 3.09
CA VAL G 277 -24.86 38.27 3.11
C VAL G 277 -25.57 39.58 3.44
N ASN G 278 -25.07 40.31 4.42
CA ASN G 278 -25.69 41.57 4.85
C ASN G 278 -27.18 41.44 5.24
N PRO G 279 -27.59 40.66 6.31
CA PRO G 279 -28.97 40.40 6.71
C PRO G 279 -29.62 41.66 7.29
N CYS H 10 -35.46 13.97 16.50
CA CYS H 10 -35.07 13.11 15.39
C CYS H 10 -35.96 13.40 14.17
N ASN H 11 -35.66 12.75 13.06
CA ASN H 11 -36.48 12.92 11.87
C ASN H 11 -37.41 11.72 11.58
N PRO H 12 -38.72 11.80 11.87
CA PRO H 12 -39.67 10.72 11.67
C PRO H 12 -40.02 10.49 10.18
N ASN H 13 -39.57 11.38 9.30
CA ASN H 13 -39.83 11.25 7.86
C ASN H 13 -38.66 10.58 7.15
N LEU H 14 -38.85 9.35 6.71
CA LEU H 14 -37.77 8.64 6.08
C LEU H 14 -37.88 8.54 4.58
N HIS H 15 -36.87 9.07 3.91
CA HIS H 15 -36.77 8.97 2.47
C HIS H 15 -35.67 7.96 2.33
N TYR H 16 -36.03 6.80 1.82
CA TYR H 16 -35.16 5.64 1.75
C TYR H 16 -34.96 5.09 0.37
N TRP H 17 -33.89 4.33 0.26
CA TRP H 17 -33.59 3.63 -0.95
C TRP H 17 -33.08 2.24 -0.67
N THR H 18 -33.27 1.38 -1.64
CA THR H 18 -32.67 0.05 -1.59
C THR H 18 -32.22 -0.37 -2.96
N THR H 19 -31.62 -1.53 -3.02
CA THR H 19 -31.10 -2.05 -4.26
C THR H 19 -32.16 -2.77 -5.08
N GLN H 20 -32.13 -2.60 -6.41
CA GLN H 20 -33.04 -3.39 -7.25
C GLN H 20 -32.41 -4.76 -7.44
N ASP H 21 -32.51 -5.57 -6.40
CA ASP H 21 -31.90 -6.88 -6.34
C ASP H 21 -32.89 -7.98 -6.71
N GLU H 22 -34.03 -7.56 -7.25
CA GLU H 22 -35.07 -8.46 -7.69
C GLU H 22 -34.65 -9.21 -8.94
N GLY H 23 -35.10 -10.44 -9.03
CA GLY H 23 -34.84 -11.33 -10.15
C GLY H 23 -35.85 -11.12 -11.27
N ALA H 24 -37.09 -11.52 -11.01
CA ALA H 24 -38.17 -11.46 -12.00
C ALA H 24 -38.71 -10.05 -12.13
N ALA H 25 -37.85 -9.22 -12.68
CA ALA H 25 -38.04 -7.83 -12.95
C ALA H 25 -37.37 -7.62 -14.27
N ILE H 26 -36.43 -8.52 -14.55
CA ILE H 26 -35.60 -8.42 -15.72
C ILE H 26 -35.80 -9.51 -16.76
N GLY H 27 -35.92 -9.06 -18.01
CA GLY H 27 -36.03 -9.93 -19.18
C GLY H 27 -34.62 -10.18 -19.73
N LEU H 28 -34.23 -9.47 -20.80
CA LEU H 28 -32.90 -9.65 -21.41
C LEU H 28 -31.89 -8.59 -20.95
N ALA H 29 -32.35 -7.68 -20.10
CA ALA H 29 -31.54 -6.55 -19.62
C ALA H 29 -30.60 -6.96 -18.50
N TRP H 30 -30.61 -8.25 -18.19
CA TRP H 30 -29.76 -8.84 -17.19
C TRP H 30 -28.33 -8.76 -17.60
N ILE H 31 -28.09 -8.62 -18.89
CA ILE H 31 -26.75 -8.54 -19.36
C ILE H 31 -26.31 -7.18 -18.86
N PRO H 32 -25.26 -7.07 -18.04
CA PRO H 32 -24.81 -5.88 -17.34
C PRO H 32 -24.34 -4.74 -18.24
N TYR H 33 -24.14 -5.02 -19.50
CA TYR H 33 -23.69 -3.98 -20.41
C TYR H 33 -24.84 -3.51 -21.28
N PHE H 34 -26.06 -3.97 -20.99
CA PHE H 34 -27.28 -3.62 -21.71
C PHE H 34 -28.29 -2.90 -20.83
N GLY H 35 -27.80 -2.08 -19.93
CA GLY H 35 -28.65 -1.31 -19.03
C GLY H 35 -27.74 -0.36 -18.25
N PRO H 36 -28.32 0.51 -17.38
CA PRO H 36 -27.60 1.50 -16.60
C PRO H 36 -26.38 0.90 -15.93
N ALA H 37 -26.63 -0.22 -15.24
CA ALA H 37 -25.69 -1.03 -14.49
C ALA H 37 -24.91 -0.28 -13.42
N ALA H 38 -25.42 0.84 -12.94
CA ALA H 38 -24.72 1.58 -11.90
C ALA H 38 -25.60 2.57 -11.17
N GLU H 39 -26.23 3.52 -11.88
CA GLU H 39 -27.04 4.52 -11.19
C GLU H 39 -28.53 4.20 -11.17
N GLY H 40 -29.00 3.53 -12.21
CA GLY H 40 -30.41 3.24 -12.44
C GLY H 40 -30.83 1.86 -11.96
N ILE H 41 -30.17 1.39 -10.92
CA ILE H 41 -30.39 0.06 -10.41
C ILE H 41 -30.83 0.07 -8.95
N TYR H 42 -31.46 1.17 -8.51
CA TYR H 42 -31.93 1.33 -7.13
C TYR H 42 -33.38 1.77 -7.11
N THR H 43 -34.04 1.51 -6.00
CA THR H 43 -35.42 1.91 -5.78
C THR H 43 -35.45 2.99 -4.72
N GLU H 44 -36.60 3.66 -4.57
CA GLU H 44 -36.76 4.68 -3.53
C GLU H 44 -38.20 4.80 -3.09
N GLY H 45 -38.39 5.39 -1.92
CA GLY H 45 -39.72 5.72 -1.41
C GLY H 45 -39.67 6.47 -0.11
N ILE H 46 -40.83 6.89 0.37
CA ILE H 46 -40.93 7.63 1.62
C ILE H 46 -41.91 6.96 2.56
N MET H 47 -41.50 6.82 3.82
CA MET H 47 -42.36 6.21 4.83
C MET H 47 -42.41 7.00 6.15
N HIS H 48 -43.52 6.82 6.85
CA HIS H 48 -43.73 7.40 8.17
C HIS H 48 -43.13 6.54 9.26
N ASN H 49 -42.95 7.15 10.44
CA ASN H 49 -42.37 6.46 11.58
C ASN H 49 -43.37 5.61 12.31
N GLN H 50 -43.77 4.56 11.63
CA GLN H 50 -44.75 3.67 12.16
C GLN H 50 -44.10 2.96 13.32
N ASN H 51 -44.77 3.01 14.45
CA ASN H 51 -44.35 2.36 15.68
C ASN H 51 -43.00 2.85 16.20
N GLY H 52 -42.52 4.01 15.73
CA GLY H 52 -41.26 4.54 16.22
C GLY H 52 -40.03 3.89 15.57
N LEU H 53 -40.26 3.06 14.55
CA LEU H 53 -39.21 2.31 13.87
C LEU H 53 -38.08 3.15 13.27
N ILE H 54 -38.41 4.27 12.64
CA ILE H 54 -37.37 5.01 11.94
C ILE H 54 -36.29 5.57 12.88
N CYS H 55 -36.70 6.24 13.98
CA CYS H 55 -35.81 6.84 14.95
C CYS H 55 -35.18 5.73 15.81
N GLY H 56 -35.94 4.64 16.02
CA GLY H 56 -35.43 3.52 16.79
C GLY H 56 -34.26 2.88 16.06
N LEU H 57 -34.37 2.78 14.73
CA LEU H 57 -33.30 2.22 13.97
C LEU H 57 -32.09 3.10 14.02
N ARG H 58 -32.26 4.41 13.95
CA ARG H 58 -31.09 5.26 14.03
C ARG H 58 -30.33 5.05 15.33
N GLN H 59 -31.05 4.89 16.45
CA GLN H 59 -30.33 4.67 17.68
C GLN H 59 -29.59 3.33 17.63
N LEU H 60 -30.22 2.30 17.03
CA LEU H 60 -29.57 1.01 16.91
C LEU H 60 -28.33 1.16 16.10
N ALA H 61 -28.43 1.89 15.00
CA ALA H 61 -27.32 2.09 14.11
C ALA H 61 -26.13 2.76 14.79
N ASN H 62 -26.36 3.75 15.68
CA ASN H 62 -25.31 4.44 16.42
C ASN H 62 -24.61 3.50 17.42
N GLU H 63 -25.39 2.61 18.10
CA GLU H 63 -24.91 1.59 19.04
C GLU H 63 -24.08 0.52 18.31
N THR H 64 -24.56 0.19 17.11
CA THR H 64 -23.95 -0.76 16.23
C THR H 64 -22.63 -0.22 15.74
N THR H 65 -22.59 1.08 15.42
CA THR H 65 -21.37 1.73 14.93
C THR H 65 -20.25 1.61 15.93
N GLN H 66 -20.51 1.87 17.22
CA GLN H 66 -19.40 1.67 18.13
C GLN H 66 -18.99 0.22 18.20
N ALA H 67 -19.95 -0.69 18.25
CA ALA H 67 -19.57 -2.08 18.35
C ALA H 67 -18.77 -2.51 17.14
N LEU H 68 -19.18 -2.04 15.98
CA LEU H 68 -18.57 -2.42 14.75
C LEU H 68 -17.19 -1.94 14.59
N GLN H 69 -16.91 -0.69 14.93
CA GLN H 69 -15.54 -0.30 14.74
C GLN H 69 -14.64 -1.07 15.69
N LEU H 70 -15.16 -1.43 16.86
CA LEU H 70 -14.37 -2.25 17.76
C LEU H 70 -14.14 -3.63 17.14
N PHE H 71 -15.14 -4.17 16.43
CA PHE H 71 -14.94 -5.45 15.76
C PHE H 71 -14.08 -5.34 14.51
N LEU H 72 -14.08 -4.18 13.85
CA LEU H 72 -13.30 -4.01 12.65
C LEU H 72 -11.83 -3.83 12.99
N ARG H 73 -11.51 -3.15 14.08
CA ARG H 73 -10.09 -2.93 14.37
C ARG H 73 -9.47 -4.26 14.72
N ALA H 74 -10.32 -5.20 15.13
CA ALA H 74 -9.96 -6.51 15.56
C ALA H 74 -9.70 -7.46 14.39
N THR H 75 -9.89 -7.02 13.15
CA THR H 75 -9.63 -7.88 12.00
C THR H 75 -8.62 -7.31 11.04
N THR H 76 -8.32 -8.11 10.04
CA THR H 76 -7.39 -7.78 8.98
C THR H 76 -8.04 -7.59 7.64
N GLU H 77 -9.27 -8.05 7.50
CA GLU H 77 -9.91 -7.95 6.22
C GLU H 77 -10.26 -6.49 5.99
N LEU H 78 -9.98 -5.99 4.78
CA LEU H 78 -10.32 -4.61 4.48
C LEU H 78 -11.79 -4.42 4.26
N ARG H 79 -12.41 -5.34 3.54
CA ARG H 79 -13.80 -5.17 3.18
C ARG H 79 -14.69 -6.26 3.71
N THR H 80 -15.60 -5.86 4.57
CA THR H 80 -16.48 -6.85 5.13
C THR H 80 -17.67 -7.06 4.24
N PHE H 81 -17.84 -8.29 3.79
CA PHE H 81 -18.96 -8.69 2.97
C PHE H 81 -19.56 -9.85 3.71
N SER H 82 -18.71 -10.38 4.57
CA SER H 82 -18.93 -11.59 5.34
C SER H 82 -19.90 -11.49 6.50
N ILE H 83 -20.26 -10.29 6.92
CA ILE H 83 -21.10 -10.19 8.09
C ILE H 83 -22.49 -10.79 7.93
N LEU H 84 -23.08 -10.73 6.76
CA LEU H 84 -24.44 -11.24 6.70
C LEU H 84 -24.40 -12.75 6.81
N ASN H 85 -23.40 -13.36 6.17
CA ASN H 85 -23.29 -14.79 6.18
C ASN H 85 -22.86 -15.29 7.55
N ARG H 86 -21.91 -14.59 8.16
CA ARG H 86 -21.41 -14.99 9.44
C ARG H 86 -22.50 -14.93 10.48
N LYS H 87 -23.32 -13.91 10.41
CA LYS H 87 -24.36 -13.78 11.38
C LYS H 87 -25.45 -14.80 11.12
N ALA H 88 -25.73 -15.14 9.85
CA ALA H 88 -26.71 -16.19 9.60
C ALA H 88 -26.26 -17.49 10.25
N ILE H 89 -24.93 -17.72 10.19
CA ILE H 89 -24.33 -18.90 10.80
C ILE H 89 -24.49 -18.83 12.31
N ASP H 90 -24.21 -17.67 12.92
CA ASP H 90 -24.38 -17.52 14.37
C ASP H 90 -25.82 -17.67 14.77
N PHE H 91 -26.75 -17.25 13.92
CA PHE H 91 -28.16 -17.33 14.25
C PHE H 91 -28.55 -18.81 14.40
N LEU H 92 -28.13 -19.64 13.44
CA LEU H 92 -28.44 -21.05 13.58
C LEU H 92 -27.68 -21.66 14.74
N LEU H 93 -26.42 -21.30 14.93
CA LEU H 93 -25.65 -21.86 16.03
C LEU H 93 -26.25 -21.47 17.40
N GLN H 94 -26.74 -20.24 17.53
CA GLN H 94 -27.33 -19.82 18.79
C GLN H 94 -28.54 -20.67 19.11
N ARG H 95 -29.40 -20.88 18.10
CA ARG H 95 -30.60 -21.68 18.27
C ARG H 95 -30.25 -23.14 18.46
N TRP H 96 -29.22 -23.57 17.75
CA TRP H 96 -28.76 -24.91 17.73
C TRP H 96 -27.28 -24.97 17.44
N GLY H 97 -26.47 -25.03 18.48
CA GLY H 97 -25.01 -25.02 18.36
C GLY H 97 -24.44 -26.41 18.10
N GLY H 98 -25.16 -27.15 17.30
CA GLY H 98 -24.85 -28.51 16.96
C GLY H 98 -25.29 -29.49 18.04
N THR H 99 -26.00 -28.98 19.03
CA THR H 99 -26.46 -29.80 20.14
C THR H 99 -27.93 -29.48 20.37
N CYS H 100 -28.74 -30.46 20.88
CA CYS H 100 -30.16 -30.31 21.15
C CYS H 100 -30.66 -31.22 22.25
N HIS H 101 -31.49 -30.63 23.08
CA HIS H 101 -32.21 -31.26 24.16
C HIS H 101 -33.67 -31.11 23.80
N ILE H 102 -34.42 -32.19 23.57
CA ILE H 102 -35.81 -31.94 23.12
C ILE H 102 -36.59 -31.18 24.16
N LEU H 103 -36.38 -31.51 25.41
CA LEU H 103 -37.12 -30.85 26.46
C LEU H 103 -36.55 -29.50 26.86
N GLY H 104 -35.50 -29.06 26.20
CA GLY H 104 -34.96 -27.78 26.53
C GLY H 104 -35.77 -26.77 25.72
N PRO H 105 -36.17 -25.62 26.31
CA PRO H 105 -36.96 -24.57 25.70
C PRO H 105 -36.15 -23.83 24.64
N ASP H 106 -34.86 -24.09 24.68
CA ASP H 106 -33.84 -23.50 23.85
C ASP H 106 -33.68 -24.14 22.46
N CYS H 107 -34.09 -25.43 22.24
CA CYS H 107 -33.85 -26.12 20.95
C CYS H 107 -34.85 -25.59 19.88
N CYS H 108 -35.78 -24.75 20.30
CA CYS H 108 -36.74 -24.14 19.41
C CYS H 108 -37.56 -25.22 18.67
N ILE H 109 -38.02 -26.19 19.43
CA ILE H 109 -38.86 -27.26 18.91
C ILE H 109 -40.32 -27.04 19.17
N GLU H 110 -41.12 -27.30 18.15
CA GLU H 110 -42.58 -27.23 18.18
C GLU H 110 -43.18 -28.64 18.03
N PRO H 111 -43.45 -29.33 19.14
CA PRO H 111 -43.97 -30.66 19.25
C PRO H 111 -45.49 -30.68 19.40
N HIS H 112 -46.18 -29.58 19.09
CA HIS H 112 -47.61 -29.52 19.43
C HIS H 112 -48.48 -30.49 18.65
N ASP H 113 -48.13 -30.82 17.42
CA ASP H 113 -48.92 -31.81 16.73
C ASP H 113 -48.22 -33.16 16.78
N TRP H 114 -46.96 -33.14 17.23
CA TRP H 114 -46.20 -34.35 17.48
C TRP H 114 -46.97 -35.02 18.59
N THR H 115 -47.33 -34.21 19.59
CA THR H 115 -48.13 -34.64 20.72
C THR H 115 -49.37 -35.31 20.27
N LYS H 116 -50.05 -34.76 19.27
CA LYS H 116 -51.27 -35.40 18.82
C LYS H 116 -50.97 -36.79 18.25
N ASN H 117 -49.87 -36.97 17.45
CA ASN H 117 -49.44 -38.26 16.90
C ASN H 117 -49.04 -39.25 18.01
N ILE H 118 -48.45 -38.73 19.13
CA ILE H 118 -48.06 -39.51 20.31
C ILE H 118 -49.30 -39.97 21.04
N THR H 119 -50.27 -39.08 21.25
CA THR H 119 -51.47 -39.48 21.95
C THR H 119 -52.32 -40.36 21.05
N ASP H 120 -52.24 -40.20 19.73
CA ASP H 120 -53.00 -41.09 18.88
C ASP H 120 -52.49 -42.50 19.09
N LYS H 121 -51.17 -42.66 19.28
CA LYS H 121 -50.57 -43.96 19.56
C LYS H 121 -50.94 -44.47 20.98
N ILE H 122 -50.98 -43.57 21.95
CA ILE H 122 -51.31 -43.91 23.34
C ILE H 122 -52.70 -44.49 23.43
N ASP H 123 -53.61 -43.93 22.68
CA ASP H 123 -55.00 -44.38 22.67
C ASP H 123 -55.31 -45.68 21.89
N GLN H 124 -54.30 -46.35 21.24
CA GLN H 124 -54.49 -47.60 20.48
C GLN H 124 -54.35 -48.76 21.47
N ILE I 33 -8.43 -30.31 6.35
CA ILE I 33 -8.15 -29.32 7.37
C ILE I 33 -8.90 -29.75 8.69
N PRO I 34 -8.19 -30.38 9.72
CA PRO I 34 -8.72 -30.82 11.01
C PRO I 34 -9.01 -29.62 11.91
N LEU I 35 -9.91 -29.78 12.87
CA LEU I 35 -10.19 -28.69 13.81
C LEU I 35 -9.89 -29.11 15.23
N GLY I 36 -9.05 -28.38 15.92
CA GLY I 36 -8.78 -28.77 17.28
C GLY I 36 -9.96 -28.36 18.11
N VAL I 37 -10.19 -29.03 19.21
CA VAL I 37 -11.27 -28.65 20.09
C VAL I 37 -10.70 -28.67 21.50
N VAL I 38 -11.00 -27.68 22.31
CA VAL I 38 -10.47 -27.73 23.66
C VAL I 38 -11.57 -28.12 24.66
N HIS I 39 -11.37 -29.26 25.33
CA HIS I 39 -12.32 -29.78 26.32
C HIS I 39 -11.64 -29.97 27.67
N ASN I 40 -12.03 -29.19 28.67
CA ASN I 40 -11.39 -29.29 29.99
C ASN I 40 -9.87 -29.15 29.87
N ASN I 41 -9.46 -28.20 29.04
CA ASN I 41 -8.06 -27.88 28.74
C ASN I 41 -7.31 -29.03 28.05
N THR I 42 -8.03 -29.98 27.50
CA THR I 42 -7.41 -31.10 26.81
C THR I 42 -7.70 -31.02 25.33
N LEU I 43 -6.66 -31.16 24.52
CA LEU I 43 -6.91 -31.11 23.10
C LEU I 43 -7.48 -32.42 22.60
N GLN I 44 -8.48 -32.26 21.77
CA GLN I 44 -9.08 -33.34 21.05
C GLN I 44 -9.08 -32.81 19.63
N VAL I 45 -9.04 -33.67 18.65
CA VAL I 45 -9.12 -33.14 17.30
C VAL I 45 -10.29 -33.75 16.61
N SER I 46 -11.12 -32.89 16.05
CA SER I 46 -12.28 -33.34 15.33
C SER I 46 -12.02 -33.35 13.83
N ASP I 47 -12.15 -34.54 13.26
CA ASP I 47 -11.96 -34.78 11.85
C ASP I 47 -13.20 -34.35 11.10
N ILE I 48 -13.04 -34.05 9.82
CA ILE I 48 -14.13 -33.54 9.01
C ILE I 48 -15.34 -34.48 8.93
N ASP I 49 -15.10 -35.76 8.77
CA ASP I 49 -16.16 -36.72 8.63
C ASP I 49 -16.51 -37.43 9.93
N LYS I 50 -16.05 -36.93 11.06
CA LYS I 50 -16.37 -37.60 12.33
C LYS I 50 -17.29 -36.73 13.14
N LEU I 51 -18.44 -37.29 13.46
CA LEU I 51 -19.45 -36.55 14.16
C LEU I 51 -19.29 -36.61 15.67
N VAL I 52 -19.08 -35.45 16.25
CA VAL I 52 -18.88 -35.35 17.68
C VAL I 52 -20.04 -34.56 18.32
N CYS I 53 -20.96 -35.26 19.03
CA CYS I 53 -22.19 -34.68 19.58
C CYS I 53 -21.90 -33.88 20.85
N ARG I 54 -20.66 -33.94 21.30
CA ARG I 54 -20.25 -33.17 22.46
C ARG I 54 -19.62 -31.85 22.05
N ASP I 55 -19.44 -31.60 20.75
CA ASP I 55 -18.84 -30.33 20.39
C ASP I 55 -19.95 -29.30 20.28
N LYS I 56 -19.95 -28.38 21.24
CA LYS I 56 -20.98 -27.37 21.33
C LYS I 56 -20.46 -26.03 20.84
N LEU I 57 -21.03 -25.55 19.76
CA LEU I 57 -20.60 -24.32 19.14
C LEU I 57 -21.77 -23.36 19.10
N SER I 58 -21.87 -22.45 20.06
CA SER I 58 -23.01 -21.55 20.10
C SER I 58 -22.82 -20.41 19.12
N SER I 59 -21.58 -20.08 18.82
CA SER I 59 -21.31 -19.02 17.86
C SER I 59 -19.91 -19.09 17.32
N THR I 60 -19.65 -18.31 16.28
CA THR I 60 -18.34 -18.25 15.66
C THR I 60 -17.31 -17.56 16.53
N SER I 61 -17.71 -17.00 17.68
CA SER I 61 -16.76 -16.34 18.56
C SER I 61 -15.85 -17.37 19.19
N GLN I 62 -16.26 -18.65 19.12
CA GLN I 62 -15.52 -19.77 19.65
C GLN I 62 -14.54 -20.32 18.64
N LEU I 63 -14.55 -19.78 17.43
CA LEU I 63 -13.69 -20.29 16.40
C LEU I 63 -12.50 -19.42 16.19
N LYS I 64 -11.33 -20.01 16.37
CA LYS I 64 -10.10 -19.25 16.23
C LYS I 64 -9.09 -19.90 15.30
N SER I 65 -8.31 -19.03 14.68
CA SER I 65 -7.13 -19.31 13.88
C SER I 65 -5.91 -18.80 14.66
N VAL I 66 -4.99 -19.70 14.93
CA VAL I 66 -3.86 -19.38 15.78
C VAL I 66 -2.51 -19.58 15.12
N GLY I 67 -1.67 -18.55 15.16
CA GLY I 67 -0.33 -18.66 14.59
C GLY I 67 0.65 -19.07 15.68
N LEU I 68 1.46 -20.09 15.42
CA LEU I 68 2.45 -20.56 16.37
C LEU I 68 3.80 -20.46 15.71
N ASN I 69 4.84 -20.17 16.48
CA ASN I 69 6.15 -19.98 15.88
C ASN I 69 6.96 -21.26 15.81
N LEU I 70 7.92 -21.30 14.90
CA LEU I 70 8.84 -22.42 14.80
C LEU I 70 9.97 -22.18 15.77
N GLU I 71 9.63 -22.17 17.03
CA GLU I 71 10.59 -21.90 18.10
C GLU I 71 10.42 -22.91 19.20
N GLY I 72 9.17 -23.18 19.53
CA GLY I 72 8.87 -24.06 20.62
C GLY I 72 8.99 -25.51 20.16
N ASN I 73 9.28 -25.67 18.88
CA ASN I 73 9.45 -26.96 18.25
C ASN I 73 10.91 -27.42 18.34
N GLY I 74 11.77 -26.62 18.98
CA GLY I 74 13.16 -26.98 19.16
C GLY I 74 14.10 -26.80 17.95
N VAL I 75 13.80 -25.89 17.02
CA VAL I 75 14.72 -25.75 15.87
C VAL I 75 15.62 -24.53 15.96
N ALA I 76 16.65 -24.49 15.14
CA ALA I 76 17.55 -23.33 15.14
C ALA I 76 16.81 -22.11 14.63
N THR I 77 17.06 -20.97 15.25
CA THR I 77 16.43 -19.71 14.90
C THR I 77 17.37 -18.61 14.46
N ASP I 78 18.60 -18.93 14.07
CA ASP I 78 19.53 -17.88 13.69
C ASP I 78 19.36 -17.43 12.24
N VAL I 79 20.20 -16.48 11.84
CA VAL I 79 20.12 -15.93 10.51
C VAL I 79 20.56 -16.90 9.41
N PRO I 80 21.76 -17.54 9.48
CA PRO I 80 22.19 -18.55 8.52
C PRO I 80 21.15 -19.64 8.31
N THR I 81 20.47 -20.08 9.37
CA THR I 81 19.44 -21.10 9.24
C THR I 81 18.28 -20.56 8.46
N ALA I 82 17.87 -19.35 8.78
CA ALA I 82 16.75 -18.78 8.09
C ALA I 82 17.04 -18.70 6.60
N THR I 83 18.26 -18.39 6.25
CA THR I 83 18.58 -18.34 4.83
C THR I 83 18.48 -19.73 4.21
N LYS I 84 19.04 -20.73 4.88
CA LYS I 84 19.06 -22.10 4.38
C LYS I 84 17.68 -22.71 4.17
N ARG I 85 16.75 -22.37 5.06
CA ARG I 85 15.41 -22.92 5.03
C ARG I 85 14.47 -22.21 4.07
N TRP I 86 14.97 -21.20 3.35
CA TRP I 86 14.19 -20.46 2.38
C TRP I 86 14.67 -20.75 0.96
N GLY I 87 13.79 -20.60 -0.03
CA GLY I 87 14.20 -20.77 -1.43
C GLY I 87 13.24 -20.08 -2.38
N PHE I 88 13.51 -20.15 -3.69
CA PHE I 88 12.68 -19.44 -4.66
C PHE I 88 12.11 -20.26 -5.78
N ARG I 89 10.93 -19.85 -6.24
CA ARG I 89 10.39 -20.40 -7.48
C ARG I 89 9.40 -19.44 -8.11
N ALA I 90 9.56 -19.25 -9.41
CA ALA I 90 8.67 -18.41 -10.19
C ALA I 90 7.50 -19.22 -10.69
N GLY I 91 6.37 -18.54 -10.89
CA GLY I 91 5.20 -19.21 -11.44
C GLY I 91 4.31 -19.79 -10.34
N VAL I 92 4.64 -19.48 -9.10
CA VAL I 92 3.89 -19.97 -7.97
C VAL I 92 3.12 -18.78 -7.42
N PRO I 93 1.78 -18.75 -7.47
CA PRO I 93 0.98 -17.65 -7.00
C PRO I 93 1.13 -17.50 -5.48
N PRO I 94 0.92 -16.29 -4.94
CA PRO I 94 0.88 -15.96 -3.53
C PRO I 94 -0.37 -16.52 -2.89
N LYS I 95 -0.28 -16.86 -1.59
CA LYS I 95 -1.43 -17.35 -0.83
C LYS I 95 -1.45 -16.78 0.59
N VAL I 96 -2.61 -16.25 1.02
CA VAL I 96 -2.75 -15.66 2.35
C VAL I 96 -4.00 -16.15 3.14
N VAL I 97 -3.81 -16.40 4.43
CA VAL I 97 -4.88 -16.73 5.38
C VAL I 97 -4.68 -15.82 6.58
N ASN I 98 -5.68 -15.61 7.41
CA ASN I 98 -5.43 -14.79 8.58
C ASN I 98 -5.49 -15.58 9.87
N TYR I 99 -5.24 -14.89 10.96
CA TYR I 99 -5.37 -15.47 12.29
C TYR I 99 -5.68 -14.39 13.30
N GLU I 100 -6.26 -14.77 14.46
CA GLU I 100 -6.62 -13.81 15.51
C GLU I 100 -5.65 -13.78 16.67
N ALA I 101 -4.96 -14.89 16.88
CA ALA I 101 -4.12 -15.04 18.05
C ALA I 101 -2.90 -15.83 17.71
N GLY I 102 -1.92 -15.81 18.60
CA GLY I 102 -0.72 -16.56 18.34
C GLY I 102 0.36 -16.40 19.37
N GLU I 103 1.50 -16.96 19.05
CA GLU I 103 2.67 -16.93 19.89
C GLU I 103 3.50 -15.68 19.72
N TRP I 104 4.24 -15.35 20.77
CA TRP I 104 5.26 -14.31 20.74
C TRP I 104 6.50 -14.88 20.11
N ALA I 105 7.25 -14.09 19.36
CA ALA I 105 8.47 -14.62 18.79
C ALA I 105 9.70 -14.12 19.49
N GLU I 106 10.63 -15.04 19.73
CA GLU I 106 11.93 -14.67 20.24
C GLU I 106 12.68 -14.06 19.07
N ASN I 107 12.53 -14.70 17.90
CA ASN I 107 13.26 -14.35 16.69
C ASN I 107 12.42 -14.08 15.43
N CYS I 108 12.32 -12.81 15.02
CA CYS I 108 11.61 -12.35 13.82
C CYS I 108 12.63 -11.90 12.79
N TYR I 109 12.19 -11.79 11.56
CA TYR I 109 13.05 -11.33 10.49
C TYR I 109 12.41 -10.14 9.83
N ASN I 110 13.23 -9.23 9.32
CA ASN I 110 12.77 -8.07 8.55
C ASN I 110 13.75 -7.91 7.43
N LEU I 111 13.36 -8.29 6.25
CA LEU I 111 14.34 -8.39 5.20
C LEU I 111 14.18 -7.36 4.11
N ASP I 112 15.28 -6.70 3.74
CA ASP I 112 15.30 -5.72 2.66
C ASP I 112 16.46 -6.15 1.81
N ILE I 113 16.15 -7.08 0.94
CA ILE I 113 17.09 -7.85 0.18
C ILE I 113 17.17 -7.36 -1.24
N LYS I 114 18.39 -7.09 -1.72
CA LYS I 114 18.56 -6.57 -3.06
C LYS I 114 19.43 -7.40 -3.96
N LYS I 115 19.20 -7.23 -5.24
CA LYS I 115 19.98 -7.86 -6.24
C LYS I 115 21.27 -7.08 -6.30
N ALA I 116 22.29 -7.63 -6.93
CA ALA I 116 23.56 -6.91 -6.93
C ALA I 116 23.44 -5.51 -7.50
N ASP I 117 22.56 -5.30 -8.48
CA ASP I 117 22.41 -4.00 -9.11
C ASP I 117 21.42 -3.08 -8.39
N GLY I 118 20.92 -3.50 -7.23
CA GLY I 118 20.01 -2.69 -6.44
C GLY I 118 18.55 -2.99 -6.66
N SER I 119 18.23 -3.83 -7.64
CA SER I 119 16.83 -4.16 -7.89
C SER I 119 16.27 -4.89 -6.69
N GLU I 120 15.00 -4.70 -6.41
CA GLU I 120 14.44 -5.41 -5.27
C GLU I 120 14.40 -6.92 -5.53
N CYS I 121 14.69 -7.72 -4.47
CA CYS I 121 14.61 -9.18 -4.47
C CYS I 121 13.19 -9.60 -4.08
N LEU I 122 12.76 -9.11 -2.94
CA LEU I 122 11.46 -9.46 -2.40
C LEU I 122 10.37 -8.58 -2.97
N PRO I 123 9.13 -9.08 -3.08
CA PRO I 123 7.94 -8.39 -3.51
C PRO I 123 7.44 -7.40 -2.48
N GLU I 124 6.66 -6.44 -2.92
CA GLU I 124 6.10 -5.51 -1.95
C GLU I 124 5.00 -6.21 -1.21
N ALA I 125 4.86 -5.95 0.08
CA ALA I 125 3.73 -6.51 0.78
C ALA I 125 2.50 -5.80 0.25
N PRO I 126 1.37 -6.47 0.11
CA PRO I 126 0.12 -5.90 -0.30
C PRO I 126 -0.45 -5.03 0.81
N GLU I 127 -1.33 -4.13 0.42
CA GLU I 127 -1.93 -3.22 1.38
C GLU I 127 -2.66 -3.96 2.49
N GLY I 128 -2.45 -3.46 3.70
CA GLY I 128 -3.06 -4.02 4.90
C GLY I 128 -2.06 -4.91 5.63
N VAL I 129 -0.97 -5.28 4.97
CA VAL I 129 0.01 -6.10 5.64
C VAL I 129 0.93 -5.24 6.43
N ARG I 130 1.10 -5.59 7.67
CA ARG I 130 1.97 -4.87 8.56
C ARG I 130 2.95 -5.85 9.11
N GLY I 131 4.13 -5.38 9.47
CA GLY I 131 5.08 -6.26 10.06
C GLY I 131 4.57 -6.66 11.41
N PHE I 132 4.91 -7.86 11.81
CA PHE I 132 4.55 -8.47 13.06
C PHE I 132 5.24 -7.69 14.20
N PRO I 133 4.48 -7.07 15.14
CA PRO I 133 4.95 -6.26 16.25
C PRO I 133 5.25 -6.99 17.55
N ARG I 134 5.42 -8.30 17.51
CA ARG I 134 5.53 -9.03 18.77
C ARG I 134 6.76 -9.90 18.81
N CYS I 135 7.95 -9.24 18.81
CA CYS I 135 9.25 -9.87 18.65
C CYS I 135 10.16 -9.36 19.73
N ARG I 136 10.93 -10.23 20.36
CA ARG I 136 11.96 -9.73 21.28
C ARG I 136 13.17 -9.26 20.47
N TYR I 137 13.52 -9.98 19.43
CA TYR I 137 14.60 -9.59 18.54
C TYR I 137 14.16 -9.64 17.10
N VAL I 138 14.58 -8.65 16.33
CA VAL I 138 14.28 -8.67 14.91
C VAL I 138 15.55 -8.71 14.10
N HIS I 139 15.69 -9.74 13.32
CA HIS I 139 16.85 -9.95 12.52
C HIS I 139 16.67 -9.21 11.23
N LYS I 140 17.05 -7.96 11.26
CA LYS I 140 16.88 -7.11 10.12
C LYS I 140 18.07 -7.35 9.22
N VAL I 141 17.79 -7.78 8.02
CA VAL I 141 18.87 -8.18 7.14
C VAL I 141 18.82 -7.50 5.81
N SER I 142 19.96 -7.04 5.36
CA SER I 142 20.09 -6.48 4.05
C SER I 142 21.31 -7.08 3.40
N GLY I 143 21.78 -6.49 2.34
CA GLY I 143 22.91 -7.04 1.59
C GLY I 143 22.46 -7.47 0.22
N THR I 144 23.38 -8.04 -0.54
CA THR I 144 23.12 -8.40 -1.92
C THR I 144 23.46 -9.82 -2.29
N GLY I 145 22.83 -10.23 -3.39
CA GLY I 145 23.07 -11.53 -4.01
C GLY I 145 22.24 -11.70 -5.27
N PRO I 146 22.39 -12.81 -5.99
CA PRO I 146 21.71 -13.09 -7.26
C PRO I 146 20.18 -13.20 -7.26
N CYS I 147 19.52 -13.54 -6.11
CA CYS I 147 18.06 -13.65 -5.94
C CYS I 147 17.34 -14.29 -7.16
N PRO I 148 17.35 -15.61 -7.27
CA PRO I 148 16.77 -16.32 -8.38
C PRO I 148 15.36 -15.85 -8.54
N GLU I 149 14.91 -15.74 -9.78
CA GLU I 149 13.57 -15.25 -10.02
C GLU I 149 12.53 -16.13 -9.41
N GLY I 150 11.56 -15.48 -8.79
CA GLY I 150 10.48 -16.17 -8.15
C GLY I 150 10.21 -15.56 -6.82
N TYR I 151 9.33 -16.19 -6.06
CA TYR I 151 9.02 -15.65 -4.77
C TYR I 151 9.77 -16.46 -3.77
N ALA I 152 10.11 -15.85 -2.65
CA ALA I 152 10.80 -16.57 -1.59
C ALA I 152 9.77 -17.25 -0.68
N PHE I 153 9.93 -18.56 -0.60
CA PHE I 153 9.08 -19.49 0.14
C PHE I 153 9.87 -20.34 1.12
N HIS I 154 9.21 -20.87 2.14
CA HIS I 154 9.86 -21.78 3.07
C HIS I 154 9.99 -23.20 2.52
N LYS I 155 11.15 -23.84 2.75
CA LYS I 155 11.47 -25.19 2.28
C LYS I 155 10.56 -26.31 2.76
N GLU I 156 9.98 -26.19 3.95
CA GLU I 156 9.07 -27.21 4.44
C GLU I 156 7.67 -26.65 4.53
N GLY I 157 7.44 -25.49 3.89
CA GLY I 157 6.14 -24.86 3.90
C GLY I 157 5.77 -24.03 5.14
N ALA I 158 6.71 -23.65 5.99
CA ALA I 158 6.26 -22.86 7.14
C ALA I 158 5.75 -21.51 6.63
N PHE I 159 4.77 -20.96 7.32
CA PHE I 159 4.20 -19.66 6.99
C PHE I 159 5.01 -18.52 7.52
N PHE I 160 4.97 -17.43 6.79
CA PHE I 160 5.59 -16.23 7.26
C PHE I 160 4.47 -15.50 7.96
N LEU I 161 4.66 -15.24 9.23
CA LEU I 161 3.63 -14.66 10.04
C LEU I 161 3.87 -13.17 10.26
N TYR I 162 2.97 -12.41 9.69
CA TYR I 162 2.95 -10.98 9.64
C TYR I 162 1.94 -10.57 10.66
N ASP I 163 1.69 -9.30 10.85
CA ASP I 163 0.76 -8.99 11.91
C ASP I 163 -0.64 -9.48 11.58
N ARG I 164 -1.08 -10.51 12.30
CA ARG I 164 -2.38 -11.15 12.15
C ARG I 164 -2.61 -11.79 10.78
N LEU I 165 -1.54 -12.00 10.04
CA LEU I 165 -1.64 -12.61 8.72
C LEU I 165 -0.59 -13.65 8.42
N ALA I 166 -0.99 -14.77 7.87
CA ALA I 166 -0.02 -15.79 7.53
C ALA I 166 0.04 -15.99 6.03
N SER I 167 1.23 -16.04 5.49
CA SER I 167 1.31 -16.24 4.06
C SER I 167 2.51 -17.06 3.66
N THR I 168 2.46 -17.54 2.45
CA THR I 168 3.52 -18.40 1.94
C THR I 168 4.76 -17.66 1.43
N ILE I 169 4.64 -16.35 1.26
CA ILE I 169 5.72 -15.53 0.72
C ILE I 169 6.31 -14.51 1.66
N ILE I 170 7.63 -14.39 1.56
CA ILE I 170 8.38 -13.38 2.27
C ILE I 170 8.25 -12.06 1.54
N TYR I 171 7.83 -10.99 2.22
CA TYR I 171 7.70 -9.68 1.59
C TYR I 171 8.76 -8.70 2.08
N ARG I 172 9.09 -7.74 1.21
CA ARG I 172 10.14 -6.76 1.46
C ARG I 172 9.87 -5.81 2.63
N SER I 173 10.89 -5.60 3.43
CA SER I 173 10.96 -4.70 4.57
C SER I 173 9.80 -4.85 5.50
N THR I 174 9.41 -6.08 5.74
CA THR I 174 8.29 -6.34 6.59
C THR I 174 8.72 -7.35 7.62
N THR I 175 8.41 -7.08 8.88
CA THR I 175 8.76 -7.98 9.97
C THR I 175 7.86 -9.20 10.00
N PHE I 176 8.43 -10.38 10.17
CA PHE I 176 7.63 -11.57 10.34
C PHE I 176 8.29 -12.62 11.21
N SER I 177 7.48 -13.47 11.80
CA SER I 177 8.00 -14.62 12.51
C SER I 177 7.76 -15.78 11.57
N GLU I 178 8.34 -16.94 11.83
CA GLU I 178 8.06 -18.05 10.95
C GLU I 178 7.36 -19.11 11.75
N GLY I 179 6.32 -19.73 11.17
CA GLY I 179 5.53 -20.69 11.92
C GLY I 179 4.45 -21.46 11.16
N VAL I 180 3.49 -21.92 11.93
CA VAL I 180 2.39 -22.77 11.49
C VAL I 180 1.03 -22.25 11.98
N VAL I 181 -0.06 -22.63 11.32
CA VAL I 181 -1.39 -22.17 11.75
C VAL I 181 -2.38 -23.27 12.10
N ALA I 182 -2.96 -23.18 13.29
CA ALA I 182 -3.97 -24.12 13.77
C ALA I 182 -5.35 -23.52 13.74
N PHE I 183 -6.35 -24.35 13.62
CA PHE I 183 -7.72 -23.87 13.77
C PHE I 183 -8.32 -24.68 14.89
N LEU I 184 -9.18 -24.05 15.69
CA LEU I 184 -9.84 -24.76 16.78
C LEU I 184 -11.14 -24.16 17.35
N ILE I 185 -11.89 -24.99 18.10
CA ILE I 185 -13.09 -24.59 18.83
C ILE I 185 -12.82 -24.47 20.32
N LEU I 186 -13.07 -23.30 20.85
CA LEU I 186 -12.89 -23.06 22.25
C LEU I 186 -14.21 -23.25 22.99
N PRO I 187 -14.19 -23.73 24.24
CA PRO I 187 -15.32 -23.86 25.12
C PRO I 187 -15.73 -22.48 25.56
N GLU I 188 -16.96 -22.32 26.00
CA GLU I 188 -17.38 -21.01 26.44
C GLU I 188 -16.93 -20.70 27.86
N THR I 189 -15.68 -20.29 27.97
CA THR I 189 -15.07 -20.02 29.26
C THR I 189 -14.18 -18.78 29.23
N LYS I 190 -14.04 -18.14 30.38
CA LYS I 190 -13.28 -16.91 30.48
C LYS I 190 -11.80 -17.09 30.76
N LYS I 191 -11.10 -17.59 29.77
CA LYS I 191 -9.66 -17.82 29.89
C LYS I 191 -8.81 -16.83 29.07
N ASP I 192 -9.43 -16.15 28.14
CA ASP I 192 -8.79 -15.21 27.22
C ASP I 192 -7.69 -15.78 26.28
N PHE I 193 -7.58 -17.13 26.19
CA PHE I 193 -6.72 -17.97 25.34
C PHE I 193 -5.58 -17.22 24.61
N THR I 215 11.76 -2.59 20.72
CA THR I 215 12.35 -3.88 21.00
C THR I 215 13.80 -3.83 20.47
N VAL I 216 14.49 -5.00 20.31
CA VAL I 216 15.88 -5.04 19.82
C VAL I 216 16.00 -5.39 18.35
N THR I 217 16.65 -4.51 17.59
CA THR I 217 16.85 -4.81 16.18
C THR I 217 18.30 -5.16 15.96
N LEU I 218 18.49 -6.28 15.32
CA LEU I 218 19.79 -6.80 15.00
C LEU I 218 20.02 -6.64 13.51
N ASN I 219 20.96 -5.79 13.14
CA ASN I 219 21.23 -5.50 11.74
C ASN I 219 22.36 -6.33 11.16
N TYR I 220 22.07 -7.08 10.10
CA TYR I 220 23.06 -7.96 9.47
C TYR I 220 23.21 -7.70 7.98
N VAL I 221 24.38 -8.03 7.46
CA VAL I 221 24.58 -7.94 6.02
C VAL I 221 24.85 -9.32 5.42
N ALA I 222 24.06 -9.63 4.40
CA ALA I 222 24.06 -10.88 3.65
C ALA I 222 25.10 -10.94 2.56
N ASP I 223 25.48 -12.17 2.25
CA ASP I 223 26.44 -12.51 1.21
C ASP I 223 25.90 -13.53 0.21
N ASN I 224 25.35 -13.09 -0.91
CA ASN I 224 24.83 -13.93 -1.99
C ASN I 224 23.62 -14.82 -1.72
N PHE I 225 22.99 -14.67 -0.59
CA PHE I 225 21.74 -15.36 -0.30
C PHE I 225 21.76 -16.89 -0.44
N GLY I 226 22.81 -17.58 0.00
CA GLY I 226 22.81 -19.04 -0.06
C GLY I 226 23.56 -19.72 -1.20
N THR I 227 24.40 -19.02 -1.96
CA THR I 227 25.14 -19.66 -3.07
C THR I 227 26.34 -20.48 -2.60
N ASN I 228 26.06 -21.58 -1.87
CA ASN I 228 26.98 -22.53 -1.19
C ASN I 228 27.77 -21.89 -0.02
N MET I 229 27.44 -20.64 0.38
CA MET I 229 28.03 -19.91 1.49
C MET I 229 27.28 -18.63 1.64
N THR I 230 27.00 -18.23 2.87
CA THR I 230 26.49 -16.89 3.12
C THR I 230 27.21 -16.33 4.32
N ASN I 231 28.27 -15.58 4.12
CA ASN I 231 28.96 -15.08 5.27
C ASN I 231 28.29 -13.84 5.77
N PHE I 232 27.56 -13.99 6.86
CA PHE I 232 26.87 -12.86 7.40
C PHE I 232 27.74 -12.16 8.36
N LEU I 233 27.67 -10.86 8.33
CA LEU I 233 28.35 -10.11 9.34
C LEU I 233 27.28 -9.40 10.12
N PHE I 234 27.47 -9.33 11.40
CA PHE I 234 26.55 -8.58 12.21
C PHE I 234 27.08 -7.17 12.32
N GLN I 235 26.25 -6.22 12.01
CA GLN I 235 26.66 -4.85 12.00
C GLN I 235 26.54 -4.23 13.37
N VAL I 236 27.63 -3.68 13.83
CA VAL I 236 27.69 -2.97 15.11
C VAL I 236 27.48 -1.50 14.78
N ASP I 237 28.13 -1.08 13.69
CA ASP I 237 28.04 0.27 13.16
C ASP I 237 28.27 0.16 11.66
N HIS I 238 28.18 1.24 10.94
CA HIS I 238 28.38 1.12 9.51
C HIS I 238 29.83 0.81 9.16
N LEU I 239 30.73 1.10 10.09
CA LEU I 239 32.15 0.82 9.96
C LEU I 239 32.63 -0.33 10.83
N THR I 240 31.73 -1.05 11.49
CA THR I 240 32.15 -2.16 12.34
C THR I 240 31.29 -3.40 12.14
N TYR I 241 31.94 -4.51 11.77
CA TYR I 241 31.24 -5.75 11.52
C TYR I 241 31.86 -6.96 12.19
N VAL I 242 31.03 -7.85 12.67
CA VAL I 242 31.58 -9.03 13.30
C VAL I 242 31.16 -10.29 12.59
N GLN I 243 32.10 -11.19 12.43
CA GLN I 243 31.76 -12.45 11.80
C GLN I 243 30.63 -13.11 12.55
N LEU I 244 29.57 -13.50 11.84
CA LEU I 244 28.50 -14.17 12.53
C LEU I 244 28.78 -15.66 12.57
N GLU I 245 28.76 -16.18 13.78
CA GLU I 245 28.94 -17.59 14.03
C GLU I 245 27.56 -18.09 14.46
N PRO I 246 27.07 -19.24 13.97
CA PRO I 246 25.77 -19.83 14.25
C PRO I 246 25.43 -20.02 15.73
N ARG I 247 26.42 -20.10 16.62
CA ARG I 247 26.09 -20.30 18.01
C ARG I 247 25.94 -19.00 18.77
N PHE I 248 26.02 -17.87 18.06
CA PHE I 248 25.84 -16.58 18.70
C PHE I 248 24.43 -16.10 18.55
N THR I 249 23.76 -16.17 19.70
CA THR I 249 22.37 -15.92 19.90
C THR I 249 22.16 -14.43 19.84
N PRO I 250 20.92 -13.95 19.69
CA PRO I 250 20.57 -12.54 19.71
C PRO I 250 21.15 -11.85 20.92
N GLN I 251 21.20 -12.56 22.04
CA GLN I 251 21.72 -12.00 23.25
C GLN I 251 23.23 -11.84 23.19
N PHE I 252 23.92 -12.77 22.54
CA PHE I 252 25.36 -12.66 22.51
C PHE I 252 25.72 -11.56 21.55
N LEU I 253 24.92 -11.39 20.50
CA LEU I 253 25.20 -10.38 19.51
C LEU I 253 25.08 -9.00 20.15
N VAL I 254 24.11 -8.84 21.06
CA VAL I 254 23.98 -7.58 21.76
C VAL I 254 25.22 -7.33 22.61
N GLN I 255 25.68 -8.37 23.33
CA GLN I 255 26.83 -8.21 24.18
C GLN I 255 28.07 -7.88 23.38
N LEU I 256 28.24 -8.51 22.22
CA LEU I 256 29.39 -8.25 21.36
C LEU I 256 29.41 -6.83 20.82
N ASN I 257 28.22 -6.28 20.44
CA ASN I 257 28.01 -4.92 19.93
C ASN I 257 28.42 -3.88 20.99
N GLU I 258 27.93 -4.05 22.25
CA GLU I 258 28.19 -3.16 23.37
C GLU I 258 29.65 -3.19 23.78
N THR I 259 30.26 -4.37 23.77
CA THR I 259 31.63 -4.51 24.18
C THR I 259 32.59 -3.87 23.21
N ILE I 260 32.42 -4.14 21.91
CA ILE I 260 33.39 -3.54 21.02
C ILE I 260 33.15 -2.05 20.91
N TYR I 261 31.89 -1.60 21.00
CA TYR I 261 31.59 -0.19 20.96
C TYR I 261 32.37 0.50 22.09
N THR I 262 32.29 -0.09 23.29
CA THR I 262 32.97 0.43 24.48
C THR I 262 34.46 0.51 24.24
N ASN I 263 35.00 -0.47 23.53
CA ASN I 263 36.41 -0.56 23.29
C ASN I 263 36.90 0.21 22.04
N GLY I 264 36.04 1.05 21.43
CA GLY I 264 36.46 1.88 20.30
C GLY I 264 35.90 1.62 18.88
N ARG I 265 35.20 0.49 18.67
CA ARG I 265 34.58 0.10 17.38
C ARG I 265 33.21 -0.49 17.67
N LEU I 273 37.89 -2.66 10.40
CA LEU I 273 36.46 -2.57 10.12
C LEU I 273 35.71 -3.91 10.43
N ILE I 274 36.41 -5.06 10.31
CA ILE I 274 35.96 -6.42 10.65
C ILE I 274 36.64 -6.94 11.88
N TRP I 275 35.88 -7.64 12.68
CA TRP I 275 36.41 -8.26 13.84
C TRP I 275 35.77 -9.64 14.02
N LYS I 276 36.42 -10.49 14.80
CA LYS I 276 35.87 -11.78 15.12
C LYS I 276 35.75 -11.92 16.61
N VAL I 277 34.87 -12.79 17.03
CA VAL I 277 34.66 -12.97 18.46
C VAL I 277 35.89 -13.47 19.17
N ASN I 278 36.60 -14.41 18.55
CA ASN I 278 37.76 -15.04 19.16
C ASN I 278 37.46 -15.54 20.59
N PRO I 279 36.47 -16.49 20.82
CA PRO I 279 36.04 -16.96 22.13
C PRO I 279 36.97 -18.07 22.65
N CYS J 10 10.78 -30.19 23.11
CA CYS J 10 10.02 -29.00 22.77
C CYS J 10 10.04 -28.02 23.93
N ASN J 11 9.46 -26.83 23.71
CA ASN J 11 9.32 -25.85 24.77
C ASN J 11 7.93 -26.03 25.33
N PRO J 12 7.76 -26.58 26.52
CA PRO J 12 6.46 -26.89 27.06
C PRO J 12 5.63 -25.67 27.35
N ASN J 13 6.25 -24.50 27.45
CA ASN J 13 5.50 -23.32 27.83
C ASN J 13 5.05 -22.48 26.67
N LEU J 14 4.02 -21.69 26.93
CA LEU J 14 3.48 -20.79 25.93
C LEU J 14 3.33 -19.35 26.33
N HIS J 15 3.97 -18.49 25.54
CA HIS J 15 3.85 -17.06 25.73
C HIS J 15 3.03 -16.65 24.55
N TYR J 16 1.84 -16.17 24.84
CA TYR J 16 0.86 -15.90 23.83
C TYR J 16 0.26 -14.52 23.89
N TRP J 17 -0.29 -14.14 22.76
CA TRP J 17 -1.04 -12.92 22.64
C TRP J 17 -2.32 -13.19 21.88
N THR J 18 -3.29 -12.37 22.14
CA THR J 18 -4.52 -12.41 21.38
C THR J 18 -5.05 -11.03 21.13
N THR J 19 -6.09 -10.95 20.36
CA THR J 19 -6.66 -9.67 20.01
C THR J 19 -7.63 -9.17 21.07
N GLN J 20 -7.64 -7.85 21.32
CA GLN J 20 -8.62 -7.29 22.25
C GLN J 20 -9.97 -7.18 21.54
N ASP J 21 -10.64 -8.33 21.42
CA ASP J 21 -11.89 -8.47 20.69
C ASP J 21 -13.10 -8.53 21.62
N GLU J 22 -12.97 -7.91 22.79
CA GLU J 22 -14.04 -7.84 23.78
C GLU J 22 -15.11 -6.87 23.30
N GLY J 23 -16.16 -6.71 24.10
CA GLY J 23 -17.28 -5.84 23.74
C GLY J 23 -17.05 -4.44 24.27
N ALA J 24 -17.84 -4.00 25.25
CA ALA J 24 -17.70 -2.62 25.75
C ALA J 24 -16.55 -2.48 26.75
N ALA J 25 -15.34 -2.74 26.27
CA ALA J 25 -14.10 -2.65 27.03
C ALA J 25 -13.45 -1.29 26.83
N ILE J 26 -13.98 -0.55 25.87
CA ILE J 26 -13.46 0.72 25.42
C ILE J 26 -14.48 1.84 25.59
N GLY J 27 -14.01 2.99 26.06
CA GLY J 27 -14.88 4.14 26.25
C GLY J 27 -15.00 4.96 24.96
N LEU J 28 -14.31 6.09 24.87
CA LEU J 28 -14.40 6.95 23.67
C LEU J 28 -13.30 6.66 22.66
N ALA J 29 -12.40 5.77 23.05
CA ALA J 29 -11.23 5.42 22.26
C ALA J 29 -11.60 4.41 21.19
N TRP J 30 -12.88 4.08 21.12
CA TRP J 30 -13.42 3.17 20.14
C TRP J 30 -13.21 3.72 18.77
N ILE J 31 -13.09 5.03 18.66
CA ILE J 31 -12.86 5.63 17.37
C ILE J 31 -11.42 5.28 17.06
N PRO J 32 -11.11 4.61 15.93
CA PRO J 32 -9.79 4.13 15.54
C PRO J 32 -8.73 5.20 15.42
N TYR J 33 -9.15 6.44 15.35
CA TYR J 33 -8.22 7.51 15.18
C TYR J 33 -7.95 8.24 16.49
N PHE J 34 -8.52 7.73 17.59
CA PHE J 34 -8.38 8.26 18.94
C PHE J 34 -7.69 7.28 19.89
N GLY J 35 -6.92 6.36 19.34
CA GLY J 35 -6.22 5.37 20.14
C GLY J 35 -5.20 4.66 19.27
N PRO J 36 -4.42 3.72 19.82
CA PRO J 36 -3.36 2.99 19.14
C PRO J 36 -3.79 2.49 17.78
N ALA J 37 -4.93 1.79 17.79
CA ALA J 37 -5.59 1.20 16.62
C ALA J 37 -4.70 0.27 15.81
N ALA J 38 -3.63 -0.25 16.39
CA ALA J 38 -2.75 -1.14 15.65
C ALA J 38 -1.84 -1.95 16.54
N GLU J 39 -1.01 -1.31 17.37
CA GLU J 39 -0.08 -2.08 18.19
C GLU J 39 -0.56 -2.38 19.61
N GLY J 40 -1.35 -1.49 20.17
CA GLY J 40 -1.79 -1.52 21.56
C GLY J 40 -3.15 -2.16 21.76
N ILE J 41 -3.57 -2.93 20.76
CA ILE J 41 -4.90 -3.49 20.72
C ILE J 41 -4.91 -5.01 20.91
N TYR J 42 -3.88 -5.53 21.58
CA TYR J 42 -3.71 -6.94 21.88
C TYR J 42 -3.53 -7.15 23.37
N THR J 43 -3.81 -8.36 23.82
CA THR J 43 -3.62 -8.76 25.19
C THR J 43 -2.56 -9.84 25.20
N GLU J 44 -2.03 -10.18 26.38
CA GLU J 44 -1.03 -11.23 26.46
C GLU J 44 -1.04 -11.96 27.78
N GLY J 45 -0.41 -13.12 27.77
CA GLY J 45 -0.23 -13.90 28.98
C GLY J 45 0.65 -15.12 28.75
N ILE J 46 0.94 -15.80 29.84
CA ILE J 46 1.78 -16.99 29.83
C ILE J 46 1.10 -18.15 30.51
N MET J 47 1.16 -19.31 29.87
CA MET J 47 0.58 -20.51 30.44
C MET J 47 1.51 -21.71 30.39
N HIS J 48 1.30 -22.63 31.31
CA HIS J 48 2.05 -23.86 31.40
C HIS J 48 1.47 -24.94 30.51
N ASN J 49 2.16 -26.08 30.44
CA ASN J 49 1.74 -27.16 29.55
C ASN J 49 0.70 -28.05 30.17
N GLN J 50 -0.46 -27.48 30.38
CA GLN J 50 -1.50 -28.22 31.03
C GLN J 50 -1.93 -29.31 30.08
N ASN J 51 -1.88 -30.54 30.56
CA ASN J 51 -2.30 -31.74 29.83
C ASN J 51 -1.51 -31.98 28.54
N GLY J 52 -0.36 -31.33 28.38
CA GLY J 52 0.44 -31.55 27.17
C GLY J 52 -0.06 -30.69 25.99
N LEU J 53 -1.01 -29.79 26.27
CA LEU J 53 -1.65 -28.95 25.27
C LEU J 53 -0.73 -28.09 24.45
N ILE J 54 0.30 -27.50 25.04
CA ILE J 54 1.07 -26.55 24.26
C ILE J 54 1.84 -27.16 23.09
N CYS J 55 2.58 -28.28 23.31
CA CYS J 55 3.36 -28.95 22.27
C CYS J 55 2.38 -29.74 21.37
N GLY J 56 1.24 -30.15 21.95
CA GLY J 56 0.23 -30.86 21.18
C GLY J 56 -0.33 -29.95 20.11
N LEU J 57 -0.58 -28.68 20.48
CA LEU J 57 -1.11 -27.72 19.54
C LEU J 57 -0.11 -27.42 18.45
N ARG J 58 1.18 -27.32 18.78
CA ARG J 58 2.15 -27.06 17.73
C ARG J 58 2.11 -28.17 16.68
N GLN J 59 2.00 -29.44 17.12
CA GLN J 59 1.94 -30.50 16.12
C GLN J 59 0.68 -30.39 15.28
N LEU J 60 -0.44 -30.02 15.91
CA LEU J 60 -1.67 -29.88 15.15
C LEU J 60 -1.51 -28.82 14.12
N ALA J 61 -0.93 -27.69 14.52
CA ALA J 61 -0.75 -26.58 13.61
C ALA J 61 0.10 -26.94 12.39
N ASN J 62 1.15 -27.79 12.56
CA ASN J 62 2.03 -28.26 11.49
C ASN J 62 1.27 -29.20 10.52
N GLU J 63 0.37 -30.09 11.06
CA GLU J 63 -0.44 -31.02 10.26
C GLU J 63 -1.49 -30.22 9.49
N THR J 64 -1.98 -29.17 10.16
CA THR J 64 -2.96 -28.25 9.61
C THR J 64 -2.32 -27.48 8.48
N THR J 65 -1.07 -27.06 8.67
CA THR J 65 -0.36 -26.31 7.64
C THR J 65 -0.30 -27.10 6.36
N GLN J 66 0.01 -28.40 6.41
CA GLN J 66 -0.03 -29.09 5.13
C GLN J 66 -1.43 -29.11 4.54
N ALA J 67 -2.44 -29.39 5.36
CA ALA J 67 -3.79 -29.44 4.81
C ALA J 67 -4.23 -28.12 4.22
N LEU J 68 -3.83 -27.05 4.88
CA LEU J 68 -4.18 -25.71 4.55
C LEU J 68 -3.49 -25.24 3.32
N GLN J 69 -2.22 -25.54 3.17
CA GLN J 69 -1.57 -25.09 1.97
C GLN J 69 -2.00 -25.90 0.77
N LEU J 70 -2.41 -27.16 0.95
CA LEU J 70 -2.91 -27.87 -0.21
C LEU J 70 -4.20 -27.20 -0.64
N PHE J 71 -5.01 -26.79 0.33
CA PHE J 71 -6.21 -26.03 0.04
C PHE J 71 -5.87 -24.76 -0.68
N LEU J 72 -4.92 -24.00 -0.16
CA LEU J 72 -4.61 -22.75 -0.78
C LEU J 72 -4.14 -22.95 -2.20
N ARG J 73 -3.34 -23.98 -2.45
CA ARG J 73 -2.89 -24.21 -3.81
C ARG J 73 -4.06 -24.51 -4.71
N ALA J 74 -5.07 -25.15 -4.17
CA ALA J 74 -6.27 -25.53 -4.87
C ALA J 74 -7.28 -24.39 -5.07
N THR J 75 -7.02 -23.17 -4.55
CA THR J 75 -7.99 -22.10 -4.75
C THR J 75 -7.42 -20.89 -5.49
N THR J 76 -8.31 -19.95 -5.74
CA THR J 76 -8.02 -18.71 -6.45
C THR J 76 -8.09 -17.51 -5.56
N GLU J 77 -8.67 -17.66 -4.38
CA GLU J 77 -8.77 -16.52 -3.50
C GLU J 77 -7.47 -16.31 -2.75
N LEU J 78 -6.91 -15.11 -2.90
CA LEU J 78 -5.66 -14.77 -2.24
C LEU J 78 -5.79 -14.67 -0.74
N ARG J 79 -6.87 -14.09 -0.28
CA ARG J 79 -7.07 -13.87 1.14
C ARG J 79 -8.27 -14.62 1.63
N THR J 80 -8.08 -15.90 1.90
CA THR J 80 -9.26 -16.68 2.23
C THR J 80 -9.49 -16.54 3.70
N PHE J 81 -10.16 -15.46 4.07
CA PHE J 81 -10.36 -15.15 5.46
C PHE J 81 -11.68 -15.71 5.93
N SER J 82 -12.45 -16.15 4.96
CA SER J 82 -13.76 -16.74 5.14
C SER J 82 -13.67 -18.23 5.41
N ILE J 83 -12.44 -18.76 5.43
CA ILE J 83 -12.20 -20.19 5.60
C ILE J 83 -12.75 -20.74 6.90
N LEU J 84 -12.75 -19.93 7.95
CA LEU J 84 -13.23 -20.44 9.21
C LEU J 84 -14.74 -20.38 9.28
N ASN J 85 -15.36 -19.48 8.51
CA ASN J 85 -16.81 -19.45 8.48
C ASN J 85 -17.23 -20.64 7.66
N ARG J 86 -16.45 -20.96 6.62
CA ARG J 86 -16.74 -22.14 5.83
C ARG J 86 -16.64 -23.34 6.72
N LYS J 87 -15.68 -23.33 7.64
CA LYS J 87 -15.53 -24.44 8.54
C LYS J 87 -16.78 -24.52 9.43
N ALA J 88 -17.30 -23.38 9.87
CA ALA J 88 -18.53 -23.35 10.66
C ALA J 88 -19.69 -23.94 9.86
N ILE J 89 -19.70 -23.70 8.55
CA ILE J 89 -20.76 -24.25 7.73
C ILE J 89 -20.62 -25.76 7.73
N ASP J 90 -19.39 -26.28 7.56
CA ASP J 90 -19.21 -27.73 7.60
C ASP J 90 -19.58 -28.28 8.96
N PHE J 91 -19.34 -27.54 10.03
CA PHE J 91 -19.76 -28.01 11.34
C PHE J 91 -21.25 -28.28 11.30
N LEU J 92 -22.00 -27.28 10.83
CA LEU J 92 -23.43 -27.39 10.75
C LEU J 92 -23.92 -28.46 9.79
N LEU J 93 -23.27 -28.62 8.62
CA LEU J 93 -23.69 -29.62 7.65
C LEU J 93 -23.37 -31.03 8.11
N GLN J 94 -22.22 -31.19 8.78
CA GLN J 94 -21.79 -32.46 9.31
C GLN J 94 -22.81 -32.93 10.31
N ARG J 95 -23.17 -31.98 11.17
CA ARG J 95 -24.05 -32.18 12.28
C ARG J 95 -25.50 -32.33 11.84
N TRP J 96 -25.84 -31.65 10.76
CA TRP J 96 -27.15 -31.64 10.16
C TRP J 96 -27.07 -31.11 8.74
N GLY J 97 -27.00 -32.03 7.78
CA GLY J 97 -26.85 -31.68 6.36
C GLY J 97 -28.19 -31.40 5.71
N GLY J 98 -29.02 -30.68 6.43
CA GLY J 98 -30.35 -30.33 6.01
C GLY J 98 -31.38 -31.43 6.31
N THR J 99 -30.92 -32.56 6.82
CA THR J 99 -31.81 -33.67 7.14
C THR J 99 -31.50 -34.08 8.57
N CYS J 100 -32.55 -34.32 9.42
CA CYS J 100 -32.35 -34.61 10.85
C CYS J 100 -32.90 -35.98 11.28
N HIS J 101 -31.99 -36.91 11.54
CA HIS J 101 -32.35 -38.25 12.00
C HIS J 101 -32.01 -38.30 13.50
N ILE J 102 -32.83 -38.97 14.30
CA ILE J 102 -32.59 -38.99 15.74
C ILE J 102 -32.30 -40.34 16.34
N LEU J 103 -32.88 -41.42 15.81
CA LEU J 103 -32.57 -42.69 16.44
C LEU J 103 -31.08 -42.96 16.36
N GLY J 104 -30.42 -42.62 15.25
CA GLY J 104 -28.99 -42.77 15.25
C GLY J 104 -28.55 -41.44 15.82
N PRO J 105 -27.32 -41.30 16.35
CA PRO J 105 -26.78 -40.05 16.84
C PRO J 105 -26.28 -39.25 15.66
N ASP J 106 -27.20 -38.97 14.74
CA ASP J 106 -26.93 -38.31 13.48
C ASP J 106 -27.19 -36.79 13.41
N CYS J 107 -28.12 -36.27 14.26
CA CYS J 107 -28.58 -34.86 14.30
C CYS J 107 -28.19 -34.36 15.69
N CYS J 108 -27.65 -35.29 16.47
CA CYS J 108 -27.21 -35.10 17.85
C CYS J 108 -28.32 -34.51 18.73
N ILE J 109 -29.53 -35.03 18.56
CA ILE J 109 -30.65 -34.65 19.39
C ILE J 109 -30.75 -35.64 20.52
N GLU J 110 -30.94 -35.14 21.73
CA GLU J 110 -31.13 -35.96 22.89
C GLU J 110 -32.63 -36.05 23.28
N PRO J 111 -33.32 -37.15 22.94
CA PRO J 111 -34.69 -37.45 23.24
C PRO J 111 -34.78 -38.29 24.49
N HIS J 112 -33.68 -38.49 25.18
CA HIS J 112 -33.71 -39.54 26.17
C HIS J 112 -34.60 -39.21 27.36
N ASP J 113 -34.67 -37.96 27.75
CA ASP J 113 -35.50 -37.61 28.87
C ASP J 113 -36.89 -37.23 28.40
N TRP J 114 -37.15 -37.45 27.11
CA TRP J 114 -38.45 -37.26 26.48
C TRP J 114 -39.36 -38.30 27.09
N THR J 115 -38.74 -39.37 27.64
CA THR J 115 -39.44 -40.47 28.29
C THR J 115 -40.39 -39.89 29.31
N LYS J 116 -39.93 -38.87 30.05
CA LYS J 116 -40.78 -38.27 31.06
C LYS J 116 -42.02 -37.60 30.42
N ASN J 117 -41.88 -36.93 29.24
CA ASN J 117 -42.98 -36.26 28.53
C ASN J 117 -43.93 -37.28 27.88
N ILE J 118 -43.42 -38.51 27.46
CA ILE J 118 -44.27 -39.61 26.95
C ILE J 118 -45.10 -40.10 28.13
N THR J 119 -44.46 -40.25 29.29
CA THR J 119 -45.15 -40.69 30.48
C THR J 119 -46.23 -39.66 30.85
N ASP J 120 -45.90 -38.37 30.84
CA ASP J 120 -46.92 -37.41 31.18
C ASP J 120 -48.09 -37.44 30.22
N LYS J 121 -47.84 -37.63 28.91
CA LYS J 121 -48.94 -37.71 27.95
C LYS J 121 -49.84 -38.91 28.22
N ILE J 122 -49.22 -40.04 28.58
CA ILE J 122 -49.95 -41.27 28.89
C ILE J 122 -50.88 -41.03 30.05
N ASP J 123 -50.38 -40.31 31.03
CA ASP J 123 -51.15 -40.03 32.23
C ASP J 123 -52.12 -38.81 32.19
N GLN J 124 -52.32 -38.12 31.01
CA GLN J 124 -53.26 -36.97 30.90
C GLN J 124 -54.62 -37.56 30.55
#